data_6ZVP
#
_entry.id   6ZVP
#
_cell.length_a   1.00
_cell.length_b   1.00
_cell.length_c   1.00
_cell.angle_alpha   90.00
_cell.angle_beta   90.00
_cell.angle_gamma   90.00
#
_symmetry.space_group_name_H-M   'P 1'
#
loop_
_entity.id
_entity.type
_entity.pdbx_description
1 polymer 'Tyrosine 3-monooxygenase'
2 non-polymer 'FE (III) ION'
3 non-polymer L-DOPAMINE
#
_entity_poly.entity_id   1
_entity_poly.type   'polypeptide(L)'
_entity_poly.pdbx_seq_one_letter_code
;SLIEDARKEREAAVAAAAAAVPSEPGDPLEAVAFEEKEGKAMLNLLFSPRATKPSALSRAVKVFETFEAKIHHLETRPAQ
RPRAGGPHLEYFVRLEVRRGDLAALLSGVRQVSEDVRSPAGPKVPWFPRKVSELDKCHHLVTKFDPDLDLDHPGFSDQVY
RQRRKLIAEIAFQYRHGDPIPRVEYTAEEIATWKEVYTTLKGLYATHACGEHLEAFALLERFSGYREDNIPQLEDVSRFL
KERTGFQLRPVAGLLSARDFLASLAFRVFQCTQYIRHASSPMHSPEPDCCHELLGHVPMLADRTFAQFSQDIGLASLGAS
DEEIEKLSTLYWFTVEFGLCKQNGEVKAYGAGLLSSYGELLHCLSEEPEIRAFDPEAAAVQPYQDQTYQSVYFVSESFSD
AKDKLRSYASRIQRPFSVKFDPYTLAIDVLDSPQAVRRSLEGVQDELDTLAHALSAIG
;
_entity_poly.pdbx_strand_id   D,A,B,C
#
loop_
_chem_comp.id
_chem_comp.type
_chem_comp.name
_chem_comp.formula
FE non-polymer 'FE (III) ION' 'Fe 3'
LDP non-polymer L-DOPAMINE 'C8 H11 N O2'
#
# COMPACT_ATOMS: atom_id res chain seq x y z
N SER A 1 27.33 -27.55 14.98
CA SER A 1 27.57 -27.39 16.42
C SER A 1 26.90 -26.14 16.96
N LEU A 2 26.19 -25.42 16.09
CA LEU A 2 25.49 -24.21 16.49
C LEU A 2 24.26 -24.52 17.36
N ILE A 3 23.59 -25.63 17.10
CA ILE A 3 22.55 -26.10 18.00
C ILE A 3 23.16 -26.41 19.36
N GLU A 4 24.35 -27.01 19.36
CA GLU A 4 25.10 -27.18 20.60
C GLU A 4 25.43 -25.82 21.21
N ASP A 5 25.76 -24.83 20.37
CA ASP A 5 26.03 -23.49 20.88
C ASP A 5 24.79 -22.88 21.53
N ALA A 6 23.63 -23.02 20.88
CA ALA A 6 22.40 -22.48 21.45
C ALA A 6 22.04 -23.18 22.75
N ARG A 7 22.19 -24.52 22.78
CA ARG A 7 21.91 -25.27 24.00
C ARG A 7 22.85 -24.85 25.13
N LYS A 8 24.14 -24.67 24.82
CA LYS A 8 25.09 -24.22 25.83
C LYS A 8 24.73 -22.83 26.33
N GLU A 9 24.34 -21.94 25.43
CA GLU A 9 23.96 -20.59 25.83
C GLU A 9 22.75 -20.61 26.74
N ARG A 10 21.73 -21.40 26.40
CA ARG A 10 20.52 -21.41 27.21
C ARG A 10 20.76 -22.10 28.56
N GLU A 11 21.58 -23.16 28.60
CA GLU A 11 21.86 -23.79 29.87
C GLU A 11 22.73 -22.90 30.75
N ALA A 12 23.64 -22.14 30.16
CA ALA A 12 24.39 -21.15 30.93
C ALA A 12 23.48 -20.07 31.47
N ALA A 13 22.52 -19.61 30.67
CA ALA A 13 21.58 -18.60 31.13
C ALA A 13 20.73 -19.12 32.28
N VAL A 14 20.24 -20.36 32.17
CA VAL A 14 19.40 -20.90 33.24
C VAL A 14 20.23 -21.19 34.49
N ALA A 15 21.51 -21.56 34.32
CA ALA A 15 22.38 -21.74 35.47
C ALA A 15 22.62 -20.41 36.18
N ALA A 16 22.81 -19.34 35.40
CA ALA A 16 22.89 -18.01 35.98
C ALA A 16 21.60 -17.66 36.72
N ALA A 17 20.45 -17.99 36.13
CA ALA A 17 19.19 -17.86 36.85
C ALA A 17 19.15 -18.79 38.06
N ALA A 18 19.64 -20.02 37.90
CA ALA A 18 19.76 -20.93 39.04
C ALA A 18 20.76 -20.44 40.08
N ALA A 19 21.69 -19.56 39.70
CA ALA A 19 22.60 -18.94 40.64
C ALA A 19 22.22 -17.51 40.97
N ALA A 20 21.06 -17.05 40.53
CA ALA A 20 20.58 -15.70 40.82
C ALA A 20 19.80 -15.61 42.12
N VAL A 21 19.98 -16.59 43.00
CA VAL A 21 19.30 -16.60 44.29
C VAL A 21 20.29 -16.08 45.34
N PRO A 22 19.82 -15.39 46.39
CA PRO A 22 20.74 -14.90 47.41
C PRO A 22 21.42 -16.07 48.13
N SER A 23 22.68 -15.83 48.53
CA SER A 23 23.44 -16.85 49.21
C SER A 23 22.81 -17.21 50.55
N GLU A 24 22.11 -16.25 51.17
CA GLU A 24 21.50 -16.47 52.47
C GLU A 24 20.00 -16.69 52.30
N PRO A 25 19.49 -17.89 52.47
CA PRO A 25 18.04 -18.11 52.40
C PRO A 25 17.35 -17.71 53.68
N GLY A 26 16.03 -17.84 53.68
CA GLY A 26 15.22 -17.54 54.85
C GLY A 26 14.52 -16.19 54.81
N ASP A 27 14.75 -15.38 53.78
CA ASP A 27 14.07 -14.09 53.67
C ASP A 27 12.98 -14.17 52.62
N PRO A 28 11.71 -14.13 53.01
CA PRO A 28 10.62 -14.15 52.02
C PRO A 28 10.53 -12.88 51.17
N LEU A 29 11.45 -11.93 51.35
CA LEU A 29 11.46 -10.67 50.61
C LEU A 29 12.59 -10.67 49.57
N GLU A 30 13.21 -11.83 49.36
CA GLU A 30 14.33 -11.95 48.44
C GLU A 30 13.87 -12.13 46.98
N ALA A 31 12.61 -12.46 46.76
CA ALA A 31 12.10 -12.69 45.41
C ALA A 31 11.46 -11.44 44.80
N VAL A 32 11.45 -10.32 45.51
CA VAL A 32 10.83 -9.09 45.02
C VAL A 32 11.86 -8.40 44.13
N ALA A 33 11.78 -8.66 42.83
CA ALA A 33 12.66 -8.01 41.89
C ALA A 33 12.40 -6.52 41.84
N PHE A 34 13.46 -5.72 41.96
CA PHE A 34 13.34 -4.28 41.95
C PHE A 34 14.57 -3.66 41.29
N GLU A 35 14.40 -2.47 40.75
CA GLU A 35 15.49 -1.68 40.20
C GLU A 35 15.40 -0.27 40.78
N GLU A 36 16.55 0.38 40.92
CA GLU A 36 16.64 1.68 41.56
C GLU A 36 16.83 2.76 40.50
N LYS A 37 16.03 3.82 40.59
CA LYS A 37 16.06 4.93 39.63
C LYS A 37 16.08 6.24 40.40
N GLU A 38 17.10 7.05 40.15
CA GLU A 38 17.23 8.40 40.71
C GLU A 38 17.18 8.42 42.24
N GLY A 39 17.80 7.43 42.88
CA GLY A 39 17.79 7.35 44.33
C GLY A 39 16.64 6.58 44.93
N LYS A 40 15.57 6.34 44.17
CA LYS A 40 14.46 5.52 44.60
C LYS A 40 14.41 4.28 43.72
N ALA A 41 13.57 3.33 44.07
CA ALA A 41 13.49 2.04 43.41
C ALA A 41 12.07 1.84 42.88
N MET A 42 11.97 1.50 41.59
CA MET A 42 10.70 1.21 40.94
C MET A 42 10.58 -0.29 40.75
N LEU A 43 9.43 -0.84 41.12
CA LEU A 43 9.23 -2.28 41.16
C LEU A 43 7.73 -2.57 41.14
N ASN A 44 7.38 -3.83 41.38
CA ASN A 44 6.02 -4.31 41.21
C ASN A 44 5.81 -5.55 42.07
N LEU A 45 4.56 -5.74 42.51
CA LEU A 45 4.18 -6.88 43.32
C LEU A 45 2.81 -7.40 42.87
N LEU A 46 2.65 -8.72 42.86
CA LEU A 46 1.38 -9.36 42.53
C LEU A 46 0.91 -10.20 43.71
N PHE A 47 -0.41 -10.30 43.86
CA PHE A 47 -1.02 -11.12 44.89
C PHE A 47 -2.12 -11.97 44.24
N SER A 48 -2.23 -13.21 44.69
CA SER A 48 -3.26 -14.13 44.22
C SER A 48 -4.02 -14.65 45.43
N PRO A 49 -4.86 -13.84 46.08
CA PRO A 49 -5.64 -14.35 47.20
C PRO A 49 -6.92 -15.03 46.74
N ARG A 50 -7.25 -16.17 47.33
CA ARG A 50 -8.40 -16.96 46.90
C ARG A 50 -9.69 -16.36 47.46
N ALA A 51 -10.82 -16.97 47.11
CA ALA A 51 -12.15 -16.57 47.58
C ALA A 51 -12.42 -15.12 47.15
N THR A 52 -13.36 -14.45 47.82
CA THR A 52 -13.67 -13.05 47.53
C THR A 52 -13.68 -12.15 48.77
N LYS A 53 -14.03 -12.66 49.95
CA LYS A 53 -13.99 -11.88 51.18
C LYS A 53 -12.58 -11.46 51.54
N PRO A 54 -11.56 -12.34 51.47
CA PRO A 54 -10.20 -11.84 51.76
C PRO A 54 -9.67 -10.92 50.67
N SER A 55 -10.10 -9.67 50.74
CA SER A 55 -9.71 -8.62 49.82
C SER A 55 -8.94 -7.53 50.56
N ALA A 56 -7.95 -7.96 51.34
CA ALA A 56 -7.17 -7.04 52.18
C ALA A 56 -6.05 -6.36 51.41
N LEU A 57 -6.18 -6.29 50.07
CA LEU A 57 -5.25 -5.54 49.25
C LEU A 57 -5.15 -4.09 49.68
N SER A 58 -6.21 -3.55 50.30
CA SER A 58 -6.14 -2.21 50.88
C SER A 58 -4.93 -2.07 51.79
N ARG A 59 -4.71 -3.06 52.67
CA ARG A 59 -3.53 -3.03 53.51
C ARG A 59 -2.25 -2.92 52.69
N ALA A 60 -2.14 -3.69 51.60
CA ALA A 60 -1.00 -3.56 50.71
C ALA A 60 -0.91 -2.14 50.15
N VAL A 61 -2.04 -1.58 49.71
CA VAL A 61 -2.01 -0.20 49.25
C VAL A 61 -1.96 0.76 50.42
N LYS A 62 -2.31 0.31 51.62
CA LYS A 62 -1.97 1.08 52.80
C LYS A 62 -0.48 1.04 53.07
N VAL A 63 0.19 -0.02 52.60
CA VAL A 63 1.65 -0.09 52.70
C VAL A 63 2.28 0.90 51.72
N PHE A 64 1.77 0.95 50.50
CA PHE A 64 2.43 1.71 49.45
C PHE A 64 2.50 3.19 49.78
N GLU A 65 1.43 3.74 50.35
CA GLU A 65 1.41 5.16 50.70
C GLU A 65 2.07 5.42 52.04
N THR A 66 2.51 4.38 52.76
CA THR A 66 3.03 4.60 54.11
C THR A 66 4.35 5.35 54.09
N PHE A 67 5.01 5.42 52.92
CA PHE A 67 6.26 6.16 52.78
C PHE A 67 6.22 7.19 51.66
N GLU A 68 5.02 7.66 51.29
CA GLU A 68 4.87 8.66 50.23
C GLU A 68 5.56 8.24 48.94
N ALA A 69 5.40 6.98 48.58
CA ALA A 69 6.04 6.45 47.39
C ALA A 69 5.44 7.08 46.13
N LYS A 70 6.15 6.92 45.02
CA LYS A 70 5.71 7.43 43.72
C LYS A 70 5.11 6.26 42.95
N ILE A 71 3.79 6.27 42.79
CA ILE A 71 3.07 5.17 42.16
C ILE A 71 3.00 5.43 40.67
N HIS A 72 3.55 4.50 39.87
CA HIS A 72 3.46 4.62 38.43
C HIS A 72 2.10 4.18 37.93
N HIS A 73 1.67 2.98 38.31
CA HIS A 73 0.36 2.49 37.91
C HIS A 73 -0.15 1.39 38.84
N LEU A 74 -1.22 1.67 39.55
CA LEU A 74 -1.89 0.64 40.34
C LEU A 74 -3.12 0.15 39.61
N GLU A 75 -3.30 -1.16 39.57
CA GLU A 75 -4.47 -1.75 38.92
C GLU A 75 -4.93 -2.94 39.73
N THR A 76 -6.22 -3.25 39.61
CA THR A 76 -6.81 -4.41 40.26
C THR A 76 -7.92 -4.97 39.39
N ARG A 77 -7.86 -6.27 39.13
CA ARG A 77 -8.85 -6.93 38.29
C ARG A 77 -8.94 -8.41 38.65
N PRO A 78 -9.92 -8.80 39.45
CA PRO A 78 -10.08 -10.22 39.79
C PRO A 78 -10.25 -11.07 38.55
N ALA A 79 -9.64 -12.25 38.56
CA ALA A 79 -9.66 -13.12 37.40
C ALA A 79 -10.99 -13.87 37.31
N GLN A 80 -11.07 -14.79 36.36
CA GLN A 80 -12.25 -15.61 36.09
C GLN A 80 -13.39 -14.77 35.53
N ARG A 81 -13.19 -13.45 35.44
CA ARG A 81 -14.17 -12.61 34.75
C ARG A 81 -13.97 -12.62 33.24
N PRO A 82 -12.77 -12.27 32.69
CA PRO A 82 -12.62 -12.34 31.23
C PRO A 82 -12.47 -13.78 30.73
N ARG A 83 -11.67 -14.57 31.42
CA ARG A 83 -11.45 -15.97 31.05
C ARG A 83 -11.49 -16.81 32.32
N ALA A 84 -12.20 -17.94 32.25
CA ALA A 84 -12.43 -18.78 33.41
C ALA A 84 -11.72 -20.12 33.25
N GLY A 85 -11.05 -20.53 34.32
CA GLY A 85 -10.40 -21.82 34.37
C GLY A 85 -8.95 -21.87 33.92
N GLY A 86 -8.43 -20.78 33.35
CA GLY A 86 -7.05 -20.76 32.92
C GLY A 86 -6.17 -19.75 33.63
N PRO A 87 -6.71 -18.56 33.94
CA PRO A 87 -5.94 -17.62 34.76
C PRO A 87 -6.17 -17.83 36.25
N HIS A 88 -5.52 -16.99 37.07
CA HIS A 88 -5.72 -17.03 38.51
C HIS A 88 -5.75 -15.59 39.02
N LEU A 89 -6.09 -15.45 40.31
CA LEU A 89 -6.25 -14.13 40.92
C LEU A 89 -4.99 -13.30 40.78
N GLU A 90 -5.15 -12.04 40.39
CA GLU A 90 -4.01 -11.14 40.21
C GLU A 90 -4.49 -9.71 40.29
N TYR A 91 -3.54 -8.81 40.56
CA TYR A 91 -3.79 -7.37 40.51
C TYR A 91 -2.44 -6.70 40.37
N PHE A 92 -2.33 -5.76 39.44
CA PHE A 92 -1.04 -5.23 39.03
C PHE A 92 -0.71 -3.94 39.77
N VAL A 93 0.51 -3.87 40.30
CA VAL A 93 1.06 -2.65 40.88
C VAL A 93 2.36 -2.36 40.18
N ARG A 94 2.69 -1.07 40.06
CA ARG A 94 4.02 -0.63 39.67
C ARG A 94 4.26 0.70 40.36
N LEU A 95 5.27 0.73 41.24
CA LEU A 95 5.43 1.86 42.14
C LEU A 95 6.92 2.11 42.40
N GLU A 96 7.22 3.34 42.77
CA GLU A 96 8.57 3.78 43.08
C GLU A 96 8.62 4.27 44.52
N VAL A 97 9.49 3.65 45.33
CA VAL A 97 9.60 3.97 46.74
C VAL A 97 11.05 4.30 47.05
N ARG A 98 11.26 5.09 48.10
CA ARG A 98 12.62 5.36 48.58
C ARG A 98 13.32 4.05 48.86
N ARG A 99 14.55 3.93 48.34
CA ARG A 99 15.25 2.64 48.39
C ARG A 99 15.45 2.15 49.82
N GLY A 100 15.57 3.07 50.78
CA GLY A 100 15.60 2.68 52.17
C GLY A 100 14.22 2.38 52.70
N ASP A 101 13.25 3.22 52.32
CA ASP A 101 11.86 2.99 52.70
C ASP A 101 11.23 1.83 51.95
N LEU A 102 11.82 1.43 50.82
CA LEU A 102 11.26 0.36 50.02
C LEU A 102 11.19 -0.95 50.80
N ALA A 103 12.32 -1.37 51.37
CA ALA A 103 12.33 -2.58 52.17
C ALA A 103 11.49 -2.42 53.43
N ALA A 104 11.49 -1.23 54.02
CA ALA A 104 10.73 -0.99 55.24
C ALA A 104 9.25 -1.21 55.02
N LEU A 105 8.70 -0.69 53.91
CA LEU A 105 7.28 -0.92 53.65
C LEU A 105 7.03 -2.28 53.00
N LEU A 106 8.02 -2.87 52.34
CA LEU A 106 7.87 -4.22 51.85
C LEU A 106 7.73 -5.20 53.00
N SER A 107 8.35 -4.88 54.15
CA SER A 107 8.12 -5.67 55.34
C SER A 107 6.65 -5.65 55.74
N GLY A 108 6.02 -4.48 55.69
CA GLY A 108 4.59 -4.41 55.98
C GLY A 108 3.74 -5.08 54.91
N VAL A 109 4.17 -4.99 53.65
CA VAL A 109 3.41 -5.62 52.58
C VAL A 109 3.52 -7.14 52.66
N ARG A 110 4.56 -7.64 53.33
CA ARG A 110 4.64 -9.07 53.60
C ARG A 110 3.49 -9.53 54.49
N GLN A 111 2.92 -8.63 55.28
CA GLN A 111 1.74 -8.93 56.08
C GLN A 111 0.49 -9.11 55.22
N VAL A 112 0.55 -8.76 53.93
CA VAL A 112 -0.58 -8.91 53.05
C VAL A 112 -0.45 -10.12 52.12
N SER A 113 0.72 -10.36 51.54
CA SER A 113 0.91 -11.44 50.59
C SER A 113 2.20 -12.18 50.91
N GLU A 114 2.17 -13.51 50.74
CA GLU A 114 3.33 -14.33 51.03
C GLU A 114 3.68 -15.27 49.88
N ASP A 115 2.67 -15.81 49.21
CA ASP A 115 2.87 -16.92 48.27
C ASP A 115 2.84 -16.49 46.81
N VAL A 116 3.12 -15.23 46.50
CA VAL A 116 3.07 -14.76 45.12
C VAL A 116 4.36 -14.02 44.79
N ARG A 117 4.43 -13.47 43.58
CA ARG A 117 5.63 -12.87 43.03
C ARG A 117 5.31 -11.49 42.48
N SER A 118 6.28 -10.91 41.79
CA SER A 118 6.03 -9.67 41.06
C SER A 118 5.26 -9.98 39.77
N PRO A 119 4.42 -9.06 39.30
CA PRO A 119 3.64 -9.34 38.08
C PRO A 119 4.44 -9.22 36.79
N ALA A 120 5.54 -8.47 36.80
CA ALA A 120 6.34 -8.32 35.59
C ALA A 120 7.29 -9.50 35.43
N GLY A 121 7.04 -10.31 34.40
CA GLY A 121 7.88 -11.44 34.11
C GLY A 121 9.15 -11.03 33.40
N PRO A 122 9.62 -11.87 32.48
CA PRO A 122 10.81 -11.49 31.69
C PRO A 122 10.54 -10.24 30.86
N LYS A 123 11.34 -9.20 31.09
CA LYS A 123 11.11 -7.94 30.41
C LYS A 123 11.49 -8.05 28.95
N VAL A 124 12.78 -8.27 28.68
CA VAL A 124 13.30 -8.53 27.34
C VAL A 124 14.77 -8.88 27.45
N PRO A 125 15.28 -9.78 26.60
CA PRO A 125 16.73 -9.85 26.43
C PRO A 125 17.21 -8.69 25.57
N TRP A 126 18.19 -7.96 26.09
CA TRP A 126 18.62 -6.74 25.42
C TRP A 126 19.16 -7.04 24.03
N PHE A 127 18.88 -6.13 23.09
CA PHE A 127 19.35 -6.25 21.72
C PHE A 127 19.76 -4.89 21.23
N PRO A 128 20.71 -4.81 20.29
CA PRO A 128 21.11 -3.50 19.76
C PRO A 128 20.03 -2.90 18.89
N ARG A 129 20.20 -1.63 18.59
CA ARG A 129 19.27 -0.89 17.74
C ARG A 129 19.92 -0.43 16.44
N LYS A 130 21.23 -0.19 16.44
CA LYS A 130 21.96 0.23 15.26
C LYS A 130 23.23 -0.61 15.15
N VAL A 131 23.91 -0.46 14.01
CA VAL A 131 25.12 -1.23 13.75
C VAL A 131 26.23 -0.87 14.72
N SER A 132 26.32 0.40 15.12
CA SER A 132 27.41 0.89 15.95
C SER A 132 27.48 0.16 17.28
N GLU A 133 26.36 0.14 18.01
CA GLU A 133 26.35 -0.56 19.28
C GLU A 133 26.52 -2.07 19.09
N LEU A 134 25.99 -2.62 18.00
CA LEU A 134 26.20 -4.03 17.70
C LEU A 134 27.67 -4.39 17.72
N ASP A 135 28.53 -3.53 17.18
CA ASP A 135 29.96 -3.76 17.27
C ASP A 135 30.49 -3.44 18.66
N LYS A 136 30.15 -2.26 19.18
CA LYS A 136 30.82 -1.75 20.37
C LYS A 136 30.54 -2.61 21.61
N CYS A 137 29.26 -2.88 21.89
CA CYS A 137 28.92 -3.63 23.10
C CYS A 137 29.33 -5.10 22.97
N HIS A 138 29.13 -5.69 21.81
CA HIS A 138 29.40 -7.11 21.62
C HIS A 138 30.88 -7.41 21.40
N HIS A 139 31.71 -6.39 21.22
CA HIS A 139 33.14 -6.56 21.41
C HIS A 139 33.56 -6.34 22.86
N LEU A 140 32.89 -5.42 23.56
CA LEU A 140 33.16 -5.23 24.97
C LEU A 140 32.65 -6.40 25.81
N VAL A 141 31.52 -7.00 25.42
CA VAL A 141 31.02 -8.15 26.16
C VAL A 141 31.83 -9.40 25.83
N THR A 142 32.55 -9.39 24.72
CA THR A 142 33.36 -10.53 24.28
C THR A 142 34.86 -10.23 24.37
N LYS A 143 35.27 -9.53 25.41
CA LYS A 143 36.67 -9.15 25.58
C LYS A 143 37.42 -10.19 26.41
N PHE A 144 38.71 -10.33 26.12
CA PHE A 144 39.62 -11.20 26.87
C PHE A 144 39.08 -12.64 26.93
N ASP A 145 38.97 -13.24 25.75
CA ASP A 145 38.48 -14.61 25.66
C ASP A 145 39.19 -15.34 24.53
N PRO A 146 40.33 -15.97 24.79
CA PRO A 146 41.05 -16.71 23.75
C PRO A 146 40.48 -18.10 23.54
N ASP A 147 40.69 -18.60 22.33
CA ASP A 147 40.28 -19.95 21.98
C ASP A 147 41.41 -20.93 22.23
N LEU A 148 41.09 -22.05 22.87
CA LEU A 148 42.09 -23.06 23.22
C LEU A 148 42.19 -24.15 22.15
N ASP A 149 41.08 -24.85 21.90
CA ASP A 149 40.95 -25.89 20.88
C ASP A 149 42.15 -26.82 20.79
N LEU A 150 42.80 -27.09 21.93
CA LEU A 150 43.98 -27.95 21.92
C LEU A 150 43.58 -29.41 21.70
N ASP A 151 42.53 -29.86 22.38
CA ASP A 151 42.04 -31.22 22.17
C ASP A 151 41.49 -31.44 20.78
N HIS A 152 41.15 -30.36 20.06
CA HIS A 152 40.66 -30.49 18.70
C HIS A 152 41.78 -31.00 17.80
N PRO A 153 41.43 -31.61 16.66
CA PRO A 153 42.46 -32.17 15.78
C PRO A 153 43.47 -31.10 15.35
N GLY A 154 44.74 -31.47 15.32
CA GLY A 154 45.79 -30.50 15.08
C GLY A 154 45.86 -29.48 16.19
N PHE A 155 46.16 -28.24 15.81
CA PHE A 155 46.16 -27.09 16.70
C PHE A 155 47.21 -27.21 17.81
N SER A 156 48.12 -28.17 17.65
CA SER A 156 49.27 -28.28 18.54
C SER A 156 50.48 -27.49 18.06
N ASP A 157 50.43 -27.00 16.82
CA ASP A 157 51.52 -26.20 16.28
C ASP A 157 51.47 -24.79 16.86
N GLN A 158 52.63 -24.30 17.32
CA GLN A 158 52.68 -22.95 17.87
C GLN A 158 52.36 -21.91 16.82
N VAL A 159 52.72 -22.17 15.56
CA VAL A 159 52.45 -21.22 14.49
C VAL A 159 50.95 -21.03 14.32
N TYR A 160 50.17 -22.10 14.48
CA TYR A 160 48.73 -21.97 14.45
C TYR A 160 48.25 -21.07 15.57
N ARG A 161 48.83 -21.22 16.76
CA ARG A 161 48.45 -20.37 17.88
C ARG A 161 48.78 -18.91 17.59
N GLN A 162 49.94 -18.65 16.99
CA GLN A 162 50.30 -17.28 16.64
C GLN A 162 49.35 -16.70 15.61
N ARG A 163 48.96 -17.50 14.62
CA ARG A 163 47.99 -17.05 13.63
C ARG A 163 46.65 -16.74 14.28
N ARG A 164 46.22 -17.58 15.23
CA ARG A 164 44.99 -17.31 15.96
C ARG A 164 45.10 -16.01 16.74
N LYS A 165 46.26 -15.77 17.36
CA LYS A 165 46.47 -14.52 18.07
C LYS A 165 46.34 -13.33 17.14
N LEU A 166 46.95 -13.43 15.96
CA LEU A 166 46.88 -12.34 14.99
C LEU A 166 45.44 -12.08 14.56
N ILE A 167 44.69 -13.14 14.25
CA ILE A 167 43.32 -12.99 13.80
C ILE A 167 42.47 -12.39 14.91
N ALA A 168 42.67 -12.86 16.14
CA ALA A 168 41.91 -12.34 17.28
C ALA A 168 42.21 -10.86 17.50
N GLU A 169 43.48 -10.47 17.37
CA GLU A 169 43.83 -9.06 17.53
C GLU A 169 43.17 -8.22 16.45
N ILE A 170 43.20 -8.71 15.20
CA ILE A 170 42.62 -7.94 14.10
C ILE A 170 41.13 -7.77 14.30
N ALA A 171 40.43 -8.88 14.58
CA ALA A 171 38.98 -8.83 14.69
C ALA A 171 38.53 -8.05 15.92
N PHE A 172 39.11 -8.36 17.09
CA PHE A 172 38.65 -7.77 18.34
C PHE A 172 38.94 -6.28 18.39
N GLN A 173 40.00 -5.82 17.73
CA GLN A 173 40.34 -4.41 17.70
C GLN A 173 39.73 -3.69 16.50
N TYR A 174 38.87 -4.38 15.73
CA TYR A 174 38.24 -3.78 14.57
C TYR A 174 36.94 -3.10 14.97
N ARG A 175 36.76 -1.87 14.49
CA ARG A 175 35.57 -1.09 14.78
C ARG A 175 34.71 -0.95 13.53
N HIS A 176 33.44 -0.63 13.75
CA HIS A 176 32.51 -0.50 12.64
C HIS A 176 32.86 0.69 11.77
N GLY A 177 32.68 0.53 10.47
CA GLY A 177 32.95 1.59 9.51
C GLY A 177 34.39 1.56 9.02
N ASP A 178 35.27 0.94 9.79
CA ASP A 178 36.66 0.86 9.40
C ASP A 178 36.82 -0.14 8.26
N PRO A 179 37.82 0.03 7.40
CA PRO A 179 38.09 -0.97 6.37
C PRO A 179 38.71 -2.23 6.98
N ILE A 180 38.61 -3.32 6.24
CA ILE A 180 39.15 -4.61 6.69
C ILE A 180 40.67 -4.55 6.65
N PRO A 181 41.35 -4.77 7.78
CA PRO A 181 42.82 -4.84 7.74
C PRO A 181 43.28 -6.08 6.99
N ARG A 182 44.04 -5.85 5.92
CA ARG A 182 44.50 -6.97 5.10
C ARG A 182 45.45 -7.86 5.90
N VAL A 183 45.29 -9.17 5.73
CA VAL A 183 46.07 -10.16 6.45
C VAL A 183 46.85 -11.00 5.44
N GLU A 184 48.15 -11.16 5.69
CA GLU A 184 49.00 -11.93 4.80
C GLU A 184 48.68 -13.41 4.92
N TYR A 185 49.21 -14.19 3.98
CA TYR A 185 48.99 -15.64 3.97
C TYR A 185 50.25 -16.31 3.45
N THR A 186 50.89 -17.11 4.29
CA THR A 186 52.09 -17.83 3.90
C THR A 186 51.75 -18.97 2.94
N ALA A 187 52.78 -19.73 2.57
CA ALA A 187 52.62 -20.75 1.54
C ALA A 187 51.69 -21.88 1.95
N GLU A 188 51.68 -22.24 3.24
CA GLU A 188 50.90 -23.38 3.68
C GLU A 188 49.40 -23.12 3.53
N GLU A 189 48.92 -21.98 4.05
CA GLU A 189 47.49 -21.70 3.99
C GLU A 189 47.03 -21.49 2.55
N ILE A 190 47.85 -20.83 1.73
CA ILE A 190 47.45 -20.63 0.34
C ILE A 190 47.46 -21.96 -0.42
N ALA A 191 48.38 -22.87 -0.07
CA ALA A 191 48.38 -24.18 -0.71
C ALA A 191 47.13 -24.97 -0.33
N THR A 192 46.77 -24.94 0.95
CA THR A 192 45.54 -25.61 1.38
C THR A 192 44.32 -24.99 0.73
N TRP A 193 44.31 -23.66 0.61
CA TRP A 193 43.23 -22.97 -0.08
C TRP A 193 43.15 -23.39 -1.53
N LYS A 194 44.30 -23.52 -2.19
CA LYS A 194 44.31 -23.99 -3.58
C LYS A 194 43.75 -25.39 -3.69
N GLU A 195 44.15 -26.27 -2.77
CA GLU A 195 43.66 -27.64 -2.81
C GLU A 195 42.15 -27.70 -2.64
N VAL A 196 41.64 -27.02 -1.61
CA VAL A 196 40.20 -27.07 -1.35
C VAL A 196 39.43 -26.37 -2.46
N TYR A 197 39.98 -25.28 -3.00
CA TYR A 197 39.34 -24.57 -4.10
C TYR A 197 39.22 -25.47 -5.32
N THR A 198 40.29 -26.16 -5.68
CA THR A 198 40.25 -27.06 -6.83
C THR A 198 39.24 -28.18 -6.60
N THR A 199 39.31 -28.82 -5.42
CA THR A 199 38.44 -29.96 -5.16
C THR A 199 36.98 -29.56 -5.15
N LEU A 200 36.65 -28.39 -4.59
CA LEU A 200 35.27 -27.95 -4.52
C LEU A 200 34.77 -27.39 -5.84
N LYS A 201 35.63 -26.69 -6.59
CA LYS A 201 35.22 -26.15 -7.87
C LYS A 201 35.00 -27.25 -8.90
N GLY A 202 35.83 -28.29 -8.87
CA GLY A 202 35.65 -29.39 -9.79
C GLY A 202 34.33 -30.13 -9.61
N LEU A 203 33.71 -30.00 -8.43
CA LEU A 203 32.44 -30.64 -8.16
C LEU A 203 31.28 -29.66 -8.07
N TYR A 204 31.55 -28.36 -8.01
CA TYR A 204 30.47 -27.38 -7.88
C TYR A 204 29.59 -27.35 -9.12
N ALA A 205 30.12 -27.80 -10.26
CA ALA A 205 29.29 -27.97 -11.44
C ALA A 205 28.19 -28.98 -11.21
N THR A 206 28.34 -29.86 -10.22
CA THR A 206 27.36 -30.87 -9.88
C THR A 206 26.81 -30.63 -8.49
N HIS A 207 25.56 -31.04 -8.27
CA HIS A 207 24.96 -31.13 -6.94
C HIS A 207 24.74 -29.74 -6.32
N ALA A 208 25.20 -28.69 -7.00
CA ALA A 208 25.16 -27.36 -6.42
C ALA A 208 24.06 -26.53 -7.07
N CYS A 209 23.60 -25.53 -6.32
CA CYS A 209 22.56 -24.63 -6.82
C CYS A 209 23.13 -23.71 -7.88
N GLY A 210 22.31 -23.44 -8.90
CA GLY A 210 22.76 -22.58 -9.99
C GLY A 210 23.10 -21.18 -9.52
N GLU A 211 22.36 -20.68 -8.52
CA GLU A 211 22.69 -19.38 -7.94
C GLU A 211 24.09 -19.38 -7.34
N HIS A 212 24.42 -20.47 -6.63
CA HIS A 212 25.77 -20.59 -6.09
C HIS A 212 26.81 -20.58 -7.20
N LEU A 213 26.56 -21.30 -8.28
CA LEU A 213 27.51 -21.39 -9.37
C LEU A 213 27.74 -20.02 -10.01
N GLU A 214 26.65 -19.31 -10.32
CA GLU A 214 26.79 -18.01 -10.96
C GLU A 214 27.43 -17.00 -10.02
N ALA A 215 27.09 -17.04 -8.74
CA ALA A 215 27.71 -16.15 -7.77
C ALA A 215 29.20 -16.40 -7.69
N PHE A 216 29.60 -17.68 -7.65
CA PHE A 216 31.00 -18.03 -7.61
C PHE A 216 31.72 -17.56 -8.86
N ALA A 217 31.09 -17.71 -10.02
CA ALA A 217 31.69 -17.26 -11.26
C ALA A 217 31.91 -15.75 -11.25
N LEU A 218 30.90 -15.00 -10.83
CA LEU A 218 31.03 -13.55 -10.75
C LEU A 218 32.10 -13.14 -9.75
N LEU A 219 32.18 -13.82 -8.60
CA LEU A 219 33.17 -13.48 -7.60
C LEU A 219 34.58 -13.76 -8.10
N GLU A 220 34.81 -14.95 -8.67
CA GLU A 220 36.13 -15.26 -9.19
C GLU A 220 36.50 -14.35 -10.35
N ARG A 221 35.50 -13.84 -11.07
CA ARG A 221 35.79 -12.84 -12.11
C ARG A 221 36.23 -11.52 -11.49
N PHE A 222 35.49 -11.04 -10.49
CA PHE A 222 35.76 -9.73 -9.91
C PHE A 222 36.62 -9.83 -8.65
N SER A 223 36.12 -10.53 -7.62
CA SER A 223 36.85 -10.57 -6.35
C SER A 223 38.16 -11.32 -6.48
N GLY A 224 38.20 -12.32 -7.36
CA GLY A 224 39.43 -13.06 -7.59
C GLY A 224 39.49 -14.37 -6.83
N TYR A 225 38.41 -15.14 -6.87
CA TYR A 225 38.41 -16.46 -6.25
C TYR A 225 39.20 -17.43 -7.12
N ARG A 226 40.48 -17.56 -6.84
CA ARG A 226 41.35 -18.44 -7.61
C ARG A 226 42.23 -19.23 -6.65
N GLU A 227 42.64 -20.41 -7.10
CA GLU A 227 43.48 -21.26 -6.27
C GLU A 227 44.81 -20.60 -5.92
N ASP A 228 45.32 -19.75 -6.81
CA ASP A 228 46.63 -19.13 -6.58
C ASP A 228 46.58 -18.10 -5.47
N ASN A 229 45.53 -17.28 -5.43
CA ASN A 229 45.43 -16.19 -4.47
C ASN A 229 44.16 -16.36 -3.64
N ILE A 230 44.33 -16.46 -2.33
CA ILE A 230 43.19 -16.52 -1.40
C ILE A 230 42.61 -15.12 -1.27
N PRO A 231 41.32 -14.94 -1.53
CA PRO A 231 40.72 -13.59 -1.47
C PRO A 231 40.68 -13.03 -0.06
N GLN A 232 40.76 -11.70 0.00
CA GLN A 232 40.65 -10.98 1.27
C GLN A 232 39.18 -10.71 1.58
N LEU A 233 38.93 -9.89 2.59
CA LEU A 233 37.58 -9.63 3.07
C LEU A 233 37.02 -8.28 2.62
N GLU A 234 37.88 -7.27 2.48
CA GLU A 234 37.39 -5.94 2.11
C GLU A 234 36.77 -5.95 0.73
N ASP A 235 37.42 -6.62 -0.22
CA ASP A 235 36.93 -6.65 -1.60
C ASP A 235 35.57 -7.33 -1.68
N VAL A 236 35.44 -8.51 -1.06
CA VAL A 236 34.18 -9.23 -1.11
C VAL A 236 33.10 -8.48 -0.35
N SER A 237 33.47 -7.82 0.75
CA SER A 237 32.52 -6.99 1.47
C SER A 237 31.99 -5.86 0.60
N ARG A 238 32.89 -5.19 -0.12
CA ARG A 238 32.48 -4.13 -1.03
C ARG A 238 31.56 -4.68 -2.11
N PHE A 239 31.90 -5.83 -2.67
CA PHE A 239 31.09 -6.42 -3.73
C PHE A 239 29.69 -6.75 -3.23
N LEU A 240 29.60 -7.39 -2.07
CA LEU A 240 28.31 -7.77 -1.52
C LEU A 240 27.47 -6.55 -1.18
N LYS A 241 28.09 -5.54 -0.58
CA LYS A 241 27.38 -4.32 -0.25
C LYS A 241 26.86 -3.65 -1.52
N GLU A 242 27.69 -3.63 -2.57
CA GLU A 242 27.31 -3.00 -3.81
C GLU A 242 26.14 -3.73 -4.47
N ARG A 243 26.16 -5.06 -4.48
CA ARG A 243 25.14 -5.82 -5.18
C ARG A 243 24.04 -6.31 -4.24
N THR A 244 24.39 -7.09 -3.22
CA THR A 244 23.39 -7.67 -2.34
C THR A 244 23.12 -6.82 -1.10
N GLY A 245 23.84 -5.71 -0.93
CA GLY A 245 23.65 -4.87 0.24
C GLY A 245 24.00 -5.58 1.53
N PHE A 246 25.11 -6.32 1.51
CA PHE A 246 25.56 -7.09 2.65
C PHE A 246 27.03 -6.81 2.91
N GLN A 247 27.43 -6.94 4.18
CA GLN A 247 28.80 -6.73 4.58
C GLN A 247 29.19 -7.71 5.68
N LEU A 248 30.49 -7.83 5.89
CA LEU A 248 31.03 -8.79 6.83
C LEU A 248 31.64 -8.07 8.04
N ARG A 249 31.96 -8.86 9.05
CA ARG A 249 32.63 -8.34 10.25
C ARG A 249 33.52 -9.41 10.85
N PRO A 250 34.83 -9.16 10.93
CA PRO A 250 35.73 -10.13 11.56
C PRO A 250 35.38 -10.33 13.02
N VAL A 251 35.51 -11.58 13.46
CA VAL A 251 35.18 -11.95 14.84
C VAL A 251 35.90 -13.24 15.17
N ALA A 252 36.16 -13.46 16.46
CA ALA A 252 36.76 -14.68 16.94
C ALA A 252 36.21 -15.04 18.31
N GLY A 253 36.75 -16.09 18.93
CA GLY A 253 36.29 -16.50 20.24
C GLY A 253 34.98 -17.24 20.20
N LEU A 254 34.40 -17.41 21.39
CA LEU A 254 33.15 -18.14 21.56
C LEU A 254 31.99 -17.19 21.31
N LEU A 255 31.50 -17.17 20.08
CA LEU A 255 30.34 -16.35 19.74
C LEU A 255 29.08 -16.97 20.32
N SER A 256 28.24 -16.15 20.92
CA SER A 256 26.96 -16.62 21.42
C SER A 256 26.02 -16.87 20.24
N ALA A 257 24.82 -17.38 20.54
CA ALA A 257 23.79 -17.46 19.51
C ALA A 257 23.15 -16.10 19.27
N ARG A 258 22.96 -15.32 20.33
CA ARG A 258 22.21 -14.07 20.26
C ARG A 258 22.90 -13.03 19.37
N ASP A 259 24.19 -12.80 19.61
CA ASP A 259 24.92 -11.80 18.85
C ASP A 259 24.98 -12.16 17.38
N PHE A 260 25.17 -13.45 17.08
CA PHE A 260 25.19 -13.88 15.69
C PHE A 260 23.86 -13.60 15.01
N LEU A 261 22.76 -13.89 15.69
CA LEU A 261 21.45 -13.63 15.10
C LEU A 261 21.20 -12.14 14.94
N ALA A 262 21.67 -11.34 15.89
CA ALA A 262 21.53 -9.88 15.76
C ALA A 262 22.30 -9.38 14.55
N SER A 263 23.53 -9.87 14.36
CA SER A 263 24.30 -9.54 13.17
C SER A 263 23.54 -9.91 11.92
N LEU A 264 23.00 -11.13 11.89
CA LEU A 264 22.18 -11.57 10.76
C LEU A 264 21.04 -10.60 10.51
N ALA A 265 20.43 -10.10 11.59
CA ALA A 265 19.35 -9.14 11.45
C ALA A 265 19.84 -7.86 10.79
N PHE A 266 21.02 -7.39 11.18
CA PHE A 266 21.55 -6.14 10.65
C PHE A 266 22.17 -6.29 9.27
N ARG A 267 21.89 -7.40 8.57
CA ARG A 267 22.43 -7.64 7.23
C ARG A 267 23.95 -7.63 7.24
N VAL A 268 24.55 -8.04 8.34
CA VAL A 268 26.00 -8.16 8.47
C VAL A 268 26.30 -9.58 8.92
N PHE A 269 27.38 -10.14 8.40
CA PHE A 269 27.73 -11.53 8.70
C PHE A 269 29.07 -11.58 9.43
N GLN A 270 29.09 -12.21 10.59
CA GLN A 270 30.34 -12.39 11.31
C GLN A 270 31.20 -13.44 10.61
N CYS A 271 32.51 -13.26 10.72
CA CYS A 271 33.43 -14.10 9.96
C CYS A 271 34.74 -14.20 10.71
N THR A 272 35.50 -15.23 10.36
CA THR A 272 36.84 -15.46 10.90
C THR A 272 37.85 -15.44 9.76
N GLN A 273 39.00 -14.85 10.03
CA GLN A 273 40.02 -14.68 8.99
C GLN A 273 40.87 -15.91 8.79
N TYR A 274 41.18 -16.65 9.85
CA TYR A 274 42.02 -17.82 9.70
C TYR A 274 41.23 -18.97 9.10
N ILE A 275 41.96 -20.00 8.66
CA ILE A 275 41.37 -21.15 8.01
C ILE A 275 41.60 -22.40 8.84
N ARG A 276 41.15 -23.54 8.32
CA ARG A 276 41.29 -24.80 9.02
C ARG A 276 42.75 -25.22 9.11
N HIS A 277 42.98 -26.34 9.80
CA HIS A 277 44.33 -26.87 9.98
C HIS A 277 44.77 -27.63 8.73
N ALA A 278 46.04 -27.45 8.37
CA ALA A 278 46.56 -28.14 7.18
C ALA A 278 46.55 -29.65 7.35
N SER A 279 46.66 -30.13 8.59
CA SER A 279 46.60 -31.57 8.82
C SER A 279 45.24 -32.13 8.46
N SER A 280 44.20 -31.30 8.55
CA SER A 280 42.82 -31.70 8.22
C SER A 280 42.25 -30.73 7.20
N PRO A 281 42.66 -30.84 5.94
CA PRO A 281 42.06 -29.99 4.90
C PRO A 281 40.71 -30.46 4.43
N MET A 282 40.41 -31.77 4.54
CA MET A 282 39.14 -32.29 4.05
C MET A 282 37.96 -31.75 4.86
N HIS A 283 38.14 -31.62 6.17
CA HIS A 283 37.09 -31.12 7.04
C HIS A 283 37.71 -30.28 8.15
N SER A 284 36.89 -29.40 8.73
CA SER A 284 37.38 -28.59 9.84
C SER A 284 36.58 -28.87 11.10
N PRO A 285 37.24 -29.00 12.25
CA PRO A 285 36.48 -29.11 13.50
C PRO A 285 35.62 -27.89 13.79
N GLU A 286 36.04 -26.71 13.33
CA GLU A 286 35.30 -25.48 13.53
C GLU A 286 35.25 -24.74 12.20
N PRO A 287 34.12 -24.12 11.87
CA PRO A 287 34.03 -23.36 10.62
C PRO A 287 35.07 -22.25 10.56
N ASP A 288 35.65 -22.08 9.38
CA ASP A 288 36.79 -21.18 9.19
C ASP A 288 36.50 -20.23 8.02
N CYS A 289 37.55 -19.52 7.59
CA CYS A 289 37.40 -18.53 6.54
C CYS A 289 36.93 -19.16 5.23
N CYS A 290 37.52 -20.30 4.87
CA CYS A 290 37.11 -20.96 3.64
C CYS A 290 35.67 -21.44 3.71
N HIS A 291 35.23 -21.85 4.90
CA HIS A 291 33.86 -22.31 5.08
C HIS A 291 32.86 -21.23 4.65
N GLU A 292 33.04 -20.02 5.16
CA GLU A 292 32.14 -18.93 4.80
C GLU A 292 32.38 -18.46 3.37
N LEU A 293 33.64 -18.40 2.95
CA LEU A 293 33.95 -17.91 1.60
C LEU A 293 33.34 -18.80 0.53
N LEU A 294 33.20 -20.10 0.81
CA LEU A 294 32.64 -21.03 -0.16
C LEU A 294 31.24 -21.51 0.20
N GLY A 295 30.90 -21.54 1.48
CA GLY A 295 29.59 -22.01 1.88
C GLY A 295 28.59 -20.91 2.11
N HIS A 296 29.01 -19.85 2.82
CA HIS A 296 28.08 -18.76 3.13
C HIS A 296 28.10 -17.69 2.05
N VAL A 297 29.28 -17.15 1.75
CA VAL A 297 29.43 -15.98 0.88
C VAL A 297 28.75 -16.16 -0.47
N PRO A 298 29.00 -17.25 -1.21
CA PRO A 298 28.45 -17.32 -2.58
C PRO A 298 26.93 -17.28 -2.61
N MET A 299 26.26 -18.22 -1.92
CA MET A 299 24.81 -18.20 -1.89
C MET A 299 24.24 -16.96 -1.24
N LEU A 300 25.03 -16.29 -0.39
CA LEU A 300 24.60 -15.04 0.21
C LEU A 300 24.47 -13.92 -0.81
N ALA A 301 25.05 -14.07 -2.00
CA ALA A 301 24.95 -13.06 -3.03
C ALA A 301 23.55 -12.97 -3.63
N ASP A 302 22.67 -13.92 -3.33
CA ASP A 302 21.30 -13.88 -3.84
C ASP A 302 20.50 -12.85 -3.07
N ARG A 303 19.81 -11.97 -3.80
CA ARG A 303 18.98 -10.96 -3.17
C ARG A 303 17.86 -11.60 -2.34
N THR A 304 17.18 -12.58 -2.92
CA THR A 304 16.07 -13.23 -2.22
C THR A 304 16.58 -14.01 -1.01
N PHE A 305 17.67 -14.74 -1.17
CA PHE A 305 18.23 -15.49 -0.05
C PHE A 305 18.71 -14.56 1.06
N ALA A 306 19.36 -13.46 0.68
CA ALA A 306 19.79 -12.49 1.67
C ALA A 306 18.60 -11.89 2.41
N GLN A 307 17.52 -11.60 1.68
CA GLN A 307 16.31 -11.09 2.31
C GLN A 307 15.72 -12.11 3.27
N PHE A 308 15.72 -13.38 2.88
CA PHE A 308 15.20 -14.44 3.73
C PHE A 308 16.01 -14.56 5.03
N SER A 309 17.34 -14.52 4.90
CA SER A 309 18.22 -14.56 6.06
C SER A 309 17.97 -13.35 6.96
N GLN A 310 17.79 -12.19 6.33
CA GLN A 310 17.52 -10.97 7.08
C GLN A 310 16.20 -11.07 7.84
N ASP A 311 15.19 -11.68 7.22
CA ASP A 311 13.92 -11.89 7.91
C ASP A 311 14.12 -12.82 9.10
N ILE A 312 14.93 -13.86 8.93
CA ILE A 312 15.24 -14.75 10.05
C ILE A 312 15.85 -13.95 11.20
N GLY A 313 16.85 -13.14 10.88
CA GLY A 313 17.50 -12.31 11.87
C GLY A 313 16.54 -11.35 12.56
N LEU A 314 15.64 -10.76 11.77
CA LEU A 314 14.63 -9.87 12.32
C LEU A 314 13.75 -10.60 13.31
N ALA A 315 13.28 -11.79 12.94
CA ALA A 315 12.48 -12.58 13.86
C ALA A 315 13.26 -12.94 15.12
N SER A 316 14.59 -13.04 14.99
CA SER A 316 15.41 -13.44 16.13
C SER A 316 15.45 -12.37 17.22
N LEU A 317 15.13 -11.12 16.89
CA LEU A 317 15.28 -10.02 17.83
C LEU A 317 14.44 -10.23 19.08
N GLY A 318 15.07 -10.03 20.24
CA GLY A 318 14.37 -10.03 21.52
C GLY A 318 13.74 -11.35 21.90
N ALA A 319 13.95 -12.38 21.08
CA ALA A 319 13.36 -13.68 21.34
C ALA A 319 14.02 -14.33 22.54
N SER A 320 13.22 -15.10 23.29
CA SER A 320 13.76 -15.79 24.45
C SER A 320 14.70 -16.91 24.02
N ASP A 321 15.47 -17.40 24.98
CA ASP A 321 16.53 -18.35 24.68
C ASP A 321 16.01 -19.58 23.94
N GLU A 322 14.83 -20.06 24.33
CA GLU A 322 14.22 -21.18 23.61
C GLU A 322 14.00 -20.83 22.15
N GLU A 323 13.43 -19.65 21.89
CA GLU A 323 13.23 -19.22 20.52
C GLU A 323 14.56 -19.02 19.82
N ILE A 324 15.59 -18.61 20.56
CA ILE A 324 16.93 -18.49 19.97
C ILE A 324 17.41 -19.85 19.48
N GLU A 325 17.19 -20.88 20.29
CA GLU A 325 17.55 -22.23 19.88
C GLU A 325 16.77 -22.67 18.67
N LYS A 326 15.47 -22.34 18.64
CA LYS A 326 14.65 -22.70 17.49
C LYS A 326 15.16 -22.04 16.22
N LEU A 327 15.49 -20.75 16.31
CA LEU A 327 16.01 -20.03 15.14
C LEU A 327 17.35 -20.59 14.72
N SER A 328 18.20 -20.95 15.68
CA SER A 328 19.48 -21.56 15.35
C SER A 328 19.29 -22.87 14.60
N THR A 329 18.37 -23.70 15.08
CA THR A 329 18.09 -24.96 14.39
C THR A 329 17.57 -24.72 12.98
N LEU A 330 16.68 -23.73 12.83
CA LEU A 330 16.18 -23.41 11.50
C LEU A 330 17.31 -22.95 10.59
N TYR A 331 18.22 -22.14 11.11
CA TYR A 331 19.39 -21.71 10.34
C TYR A 331 20.23 -22.90 9.92
N TRP A 332 20.45 -23.84 10.85
CA TRP A 332 21.25 -25.02 10.53
C TRP A 332 20.61 -25.84 9.43
N PHE A 333 19.30 -26.07 9.52
CA PHE A 333 18.62 -26.91 8.53
C PHE A 333 18.20 -26.15 7.29
N THR A 334 18.45 -24.84 7.23
CA THR A 334 18.16 -24.06 6.04
C THR A 334 19.41 -23.44 5.44
N VAL A 335 20.20 -22.72 6.22
CA VAL A 335 21.37 -22.03 5.68
C VAL A 335 22.56 -22.96 5.61
N GLU A 336 22.91 -23.59 6.74
CA GLU A 336 24.06 -24.48 6.76
C GLU A 336 23.82 -25.72 5.91
N PHE A 337 22.60 -26.25 5.93
CA PHE A 337 22.27 -27.46 5.17
C PHE A 337 20.88 -27.27 4.57
N GLY A 338 20.84 -26.72 3.35
CA GLY A 338 19.58 -26.48 2.67
C GLY A 338 19.56 -27.05 1.27
N LEU A 339 18.42 -27.60 0.89
CA LEU A 339 18.24 -28.21 -0.43
C LEU A 339 17.17 -27.46 -1.21
N CYS A 340 17.37 -27.36 -2.51
CA CYS A 340 16.45 -26.66 -3.39
C CYS A 340 16.01 -27.59 -4.51
N LYS A 341 14.79 -27.38 -4.98
CA LYS A 341 14.22 -28.15 -6.08
C LYS A 341 14.01 -27.19 -7.25
N GLN A 342 14.98 -27.17 -8.17
CA GLN A 342 14.91 -26.30 -9.33
C GLN A 342 15.31 -27.08 -10.57
N ASN A 343 14.76 -26.68 -11.71
CA ASN A 343 15.03 -27.32 -13.00
C ASN A 343 14.68 -28.81 -12.98
N GLY A 344 13.76 -29.19 -12.10
CA GLY A 344 13.37 -30.58 -11.99
C GLY A 344 14.15 -31.37 -10.98
N GLU A 345 15.48 -31.20 -10.96
CA GLU A 345 16.32 -31.96 -10.05
C GLU A 345 16.52 -31.20 -8.75
N VAL A 346 17.14 -31.86 -7.79
CA VAL A 346 17.43 -31.26 -6.49
C VAL A 346 18.90 -30.88 -6.43
N LYS A 347 19.17 -29.67 -5.97
CA LYS A 347 20.53 -29.17 -5.78
C LYS A 347 20.70 -28.73 -4.34
N ALA A 348 21.95 -28.46 -3.97
CA ALA A 348 22.30 -28.10 -2.61
C ALA A 348 22.79 -26.65 -2.56
N TYR A 349 22.29 -25.91 -1.58
CA TYR A 349 22.78 -24.57 -1.30
C TYR A 349 23.23 -24.39 0.15
N GLY A 350 23.16 -25.43 0.97
CA GLY A 350 23.55 -25.30 2.36
C GLY A 350 25.01 -24.94 2.51
N ALA A 351 25.29 -24.06 3.48
CA ALA A 351 26.66 -23.64 3.74
C ALA A 351 27.53 -24.82 4.14
N GLY A 352 27.10 -25.60 5.12
CA GLY A 352 27.82 -26.81 5.47
C GLY A 352 27.89 -27.79 4.32
N LEU A 353 26.82 -27.89 3.53
CA LEU A 353 26.84 -28.70 2.33
C LEU A 353 27.90 -28.20 1.36
N LEU A 354 27.98 -26.88 1.19
CA LEU A 354 28.91 -26.26 0.26
C LEU A 354 30.29 -26.02 0.87
N SER A 355 30.58 -26.63 2.02
CA SER A 355 31.87 -26.45 2.67
C SER A 355 32.63 -27.75 2.92
N SER A 356 31.98 -28.90 2.78
CA SER A 356 32.62 -30.19 3.00
C SER A 356 32.46 -31.05 1.76
N TYR A 357 33.59 -31.50 1.21
CA TYR A 357 33.56 -32.35 0.02
C TYR A 357 32.87 -33.68 0.31
N GLY A 358 33.22 -34.31 1.43
CA GLY A 358 32.55 -35.54 1.81
C GLY A 358 31.07 -35.33 2.05
N GLU A 359 30.71 -34.24 2.73
CA GLU A 359 29.30 -33.95 2.93
C GLU A 359 28.63 -33.57 1.62
N LEU A 360 29.37 -32.95 0.70
CA LEU A 360 28.83 -32.68 -0.62
C LEU A 360 28.47 -33.98 -1.34
N LEU A 361 29.34 -34.98 -1.26
CA LEU A 361 29.03 -36.28 -1.84
C LEU A 361 27.85 -36.94 -1.14
N HIS A 362 27.83 -36.86 0.20
CA HIS A 362 26.82 -37.57 0.97
C HIS A 362 25.43 -36.97 0.82
N CYS A 363 25.35 -35.64 0.67
CA CYS A 363 24.07 -34.96 0.70
C CYS A 363 23.15 -35.40 -0.43
N LEU A 364 23.67 -35.47 -1.66
CA LEU A 364 22.87 -35.86 -2.81
C LEU A 364 22.83 -37.37 -2.99
N SER A 365 23.51 -38.13 -2.15
CA SER A 365 23.44 -39.58 -2.18
C SER A 365 22.09 -40.03 -1.63
N GLU A 366 21.74 -41.29 -1.89
CA GLU A 366 20.45 -41.83 -1.49
C GLU A 366 20.44 -42.37 -0.07
N GLU A 367 21.61 -42.52 0.57
CA GLU A 367 21.63 -43.00 1.95
C GLU A 367 20.93 -42.06 2.92
N PRO A 368 21.21 -40.75 2.93
CA PRO A 368 20.54 -39.89 3.91
C PRO A 368 19.06 -39.70 3.59
N GLU A 369 18.29 -39.46 4.65
CA GLU A 369 16.86 -39.18 4.50
C GLU A 369 16.67 -37.74 4.03
N ILE A 370 15.78 -37.55 3.06
CA ILE A 370 15.47 -36.24 2.52
C ILE A 370 13.96 -36.03 2.59
N ARG A 371 13.55 -34.83 2.98
CA ARG A 371 12.13 -34.52 3.12
C ARG A 371 11.92 -33.06 2.75
N ALA A 372 10.66 -32.71 2.50
CA ALA A 372 10.32 -31.32 2.22
C ALA A 372 10.51 -30.47 3.47
N PHE A 373 10.92 -29.22 3.27
CA PHE A 373 11.18 -28.34 4.39
C PHE A 373 9.88 -27.98 5.11
N ASP A 374 9.95 -28.01 6.45
CA ASP A 374 8.88 -27.55 7.30
C ASP A 374 9.51 -26.71 8.42
N PRO A 375 8.99 -25.51 8.68
CA PRO A 375 9.59 -24.65 9.71
C PRO A 375 9.61 -25.32 11.08
N GLU A 376 8.43 -25.75 11.54
CA GLU A 376 8.34 -26.38 12.86
C GLU A 376 9.17 -27.66 12.91
N ALA A 377 9.08 -28.48 11.86
CA ALA A 377 9.82 -29.75 11.85
C ALA A 377 11.31 -29.52 11.89
N ALA A 378 11.80 -28.54 11.12
CA ALA A 378 13.21 -28.20 11.17
C ALA A 378 13.59 -27.55 12.50
N ALA A 379 12.64 -26.95 13.20
CA ALA A 379 12.90 -26.31 14.48
C ALA A 379 12.88 -27.29 15.65
N VAL A 380 12.47 -28.53 15.43
CA VAL A 380 12.38 -29.51 16.51
C VAL A 380 13.40 -30.63 16.28
N GLN A 381 13.63 -30.98 15.02
CA GLN A 381 14.45 -32.13 14.69
C GLN A 381 15.89 -31.89 15.17
N PRO A 382 16.51 -32.87 15.83
CA PRO A 382 17.87 -32.64 16.38
C PRO A 382 18.96 -32.77 15.33
N TYR A 383 20.22 -32.72 15.79
CA TYR A 383 21.37 -32.73 14.90
C TYR A 383 22.36 -33.83 15.28
N GLN A 384 23.51 -33.84 14.62
CA GLN A 384 24.64 -34.66 15.04
C GLN A 384 25.92 -33.90 14.77
N ASP A 385 26.98 -34.29 15.46
CA ASP A 385 28.26 -33.60 15.40
C ASP A 385 29.35 -34.57 14.95
N GLN A 386 30.30 -34.03 14.19
CA GLN A 386 31.45 -34.76 13.66
C GLN A 386 31.03 -35.91 12.74
N THR A 387 29.77 -35.99 12.36
CA THR A 387 29.26 -37.05 11.51
C THR A 387 28.36 -36.44 10.44
N TYR A 388 28.23 -37.15 9.33
CA TYR A 388 27.40 -36.68 8.24
C TYR A 388 25.94 -36.62 8.66
N GLN A 389 25.25 -35.58 8.21
CA GLN A 389 23.83 -35.42 8.46
C GLN A 389 23.04 -36.43 7.64
N SER A 390 22.07 -37.07 8.28
CA SER A 390 21.23 -38.05 7.60
C SER A 390 19.86 -37.51 7.23
N VAL A 391 19.41 -36.45 7.89
CA VAL A 391 18.10 -35.86 7.63
C VAL A 391 18.29 -34.50 6.98
N TYR A 392 17.59 -34.27 5.88
CA TYR A 392 17.71 -33.00 5.16
C TYR A 392 16.32 -32.50 4.79
N PHE A 393 16.22 -31.17 4.67
CA PHE A 393 15.00 -30.51 4.24
C PHE A 393 15.25 -29.78 2.93
N VAL A 394 14.26 -29.81 2.04
CA VAL A 394 14.38 -29.21 0.73
C VAL A 394 13.31 -28.13 0.57
N SER A 395 13.71 -27.00 -0.03
CA SER A 395 12.79 -25.92 -0.35
C SER A 395 12.93 -25.61 -1.83
N GLU A 396 11.87 -25.87 -2.59
CA GLU A 396 11.94 -25.70 -4.04
C GLU A 396 12.18 -24.24 -4.41
N SER A 397 11.61 -23.30 -3.66
CA SER A 397 11.76 -21.88 -3.94
C SER A 397 12.06 -21.15 -2.64
N PHE A 398 13.05 -20.26 -2.68
CA PHE A 398 13.41 -19.49 -1.49
C PHE A 398 12.27 -18.58 -1.05
N SER A 399 11.39 -18.20 -1.98
CA SER A 399 10.21 -17.42 -1.60
C SER A 399 9.29 -18.22 -0.70
N ASP A 400 9.14 -19.51 -0.97
CA ASP A 400 8.32 -20.36 -0.12
C ASP A 400 8.88 -20.41 1.29
N ALA A 401 10.21 -20.60 1.41
CA ALA A 401 10.84 -20.58 2.71
C ALA A 401 10.66 -19.22 3.39
N LYS A 402 10.73 -18.15 2.60
CA LYS A 402 10.60 -16.81 3.17
C LYS A 402 9.21 -16.61 3.76
N ASP A 403 8.17 -17.01 3.03
CA ASP A 403 6.82 -16.81 3.55
C ASP A 403 6.52 -17.76 4.71
N LYS A 404 7.08 -18.97 4.68
CA LYS A 404 6.94 -19.87 5.83
C LYS A 404 7.59 -19.27 7.06
N LEU A 405 8.76 -18.65 6.89
CA LEU A 405 9.40 -17.96 8.00
C LEU A 405 8.58 -16.77 8.47
N ARG A 406 7.95 -16.06 7.54
CA ARG A 406 7.05 -14.98 7.90
C ARG A 406 5.94 -15.50 8.80
N SER A 407 5.33 -16.61 8.41
CA SER A 407 4.27 -17.20 9.22
C SER A 407 4.78 -17.64 10.58
N TYR A 408 5.97 -18.25 10.61
CA TYR A 408 6.54 -18.72 11.87
C TYR A 408 6.81 -17.57 12.81
N ALA A 409 7.36 -16.47 12.28
CA ALA A 409 7.56 -15.28 13.09
C ALA A 409 6.23 -14.70 13.56
N SER A 410 5.21 -14.74 12.70
CA SER A 410 3.90 -14.23 13.08
C SER A 410 3.35 -15.01 14.27
N ARG A 411 3.43 -16.33 14.23
CA ARG A 411 2.96 -17.13 15.36
C ARG A 411 3.91 -17.08 16.54
N ILE A 412 5.14 -16.61 16.35
CA ILE A 412 6.06 -16.44 17.48
C ILE A 412 5.63 -15.21 18.26
N GLN A 413 5.32 -15.39 19.53
CA GLN A 413 4.88 -14.27 20.36
C GLN A 413 6.07 -13.40 20.74
N ARG A 414 5.87 -12.08 20.65
CA ARG A 414 6.81 -11.10 21.16
C ARG A 414 6.02 -9.93 21.69
N PRO A 415 6.53 -9.22 22.71
CA PRO A 415 5.79 -8.08 23.25
C PRO A 415 5.93 -6.84 22.37
N PHE A 416 6.45 -7.02 21.18
CA PHE A 416 6.76 -5.94 20.26
C PHE A 416 7.02 -6.55 18.89
N SER A 417 7.49 -5.73 17.95
CA SER A 417 7.91 -6.21 16.65
C SER A 417 9.14 -5.41 16.22
N VAL A 418 9.69 -5.74 15.07
CA VAL A 418 10.95 -5.16 14.63
C VAL A 418 10.83 -4.75 13.18
N LYS A 419 11.35 -3.58 12.86
CA LYS A 419 11.45 -3.12 11.48
C LYS A 419 12.88 -2.70 11.20
N PHE A 420 13.32 -2.91 9.97
CA PHE A 420 14.66 -2.55 9.53
C PHE A 420 14.62 -1.33 8.64
N ASP A 421 15.59 -0.44 8.84
CA ASP A 421 15.71 0.78 8.04
C ASP A 421 17.02 0.75 7.27
N PRO A 422 17.00 0.44 5.97
CA PRO A 422 18.25 0.46 5.20
C PRO A 422 18.78 1.85 4.92
N TYR A 423 17.97 2.90 5.10
CA TYR A 423 18.47 4.25 4.91
C TYR A 423 19.56 4.53 5.93
N THR A 424 19.22 4.43 7.22
CA THR A 424 20.20 4.54 8.28
C THR A 424 20.67 3.19 8.80
N LEU A 425 20.20 2.10 8.21
CA LEU A 425 20.59 0.74 8.59
C LEU A 425 20.40 0.52 10.09
N ALA A 426 19.22 0.90 10.56
CA ALA A 426 18.94 0.86 11.98
C ALA A 426 17.71 -0.02 12.23
N ILE A 427 17.37 -0.18 13.51
CA ILE A 427 16.24 -0.99 13.93
C ILE A 427 15.33 -0.13 14.78
N ASP A 428 14.05 -0.06 14.40
CA ASP A 428 13.05 0.67 15.16
C ASP A 428 12.08 -0.32 15.78
N VAL A 429 11.95 -0.27 17.10
CA VAL A 429 11.02 -1.15 17.79
C VAL A 429 9.60 -0.81 17.37
N LEU A 430 8.71 -1.80 17.48
CA LEU A 430 7.31 -1.65 17.08
C LEU A 430 6.47 -2.08 18.28
N ASP A 431 6.22 -1.13 19.17
CA ASP A 431 5.41 -1.37 20.36
C ASP A 431 4.32 -0.32 20.55
N SER A 432 4.31 0.75 19.76
CA SER A 432 3.29 1.77 19.80
C SER A 432 2.83 2.05 18.38
N PRO A 433 1.56 2.38 18.18
CA PRO A 433 1.07 2.66 16.82
C PRO A 433 1.78 3.82 16.15
N GLN A 434 2.34 4.76 16.92
CA GLN A 434 2.94 5.95 16.33
C GLN A 434 4.11 5.59 15.43
N ALA A 435 4.95 4.65 15.85
CA ALA A 435 6.03 4.20 14.99
C ALA A 435 5.48 3.51 13.74
N VAL A 436 4.38 2.78 13.88
CA VAL A 436 3.74 2.16 12.72
C VAL A 436 3.31 3.23 11.72
N ARG A 437 2.70 4.31 12.22
CA ARG A 437 2.30 5.41 11.36
C ARG A 437 3.52 6.06 10.71
N ARG A 438 4.60 6.20 11.47
CA ARG A 438 5.82 6.80 10.93
C ARG A 438 6.36 5.98 9.77
N SER A 439 6.39 4.66 9.93
CA SER A 439 6.81 3.77 8.86
C SER A 439 5.85 3.84 7.67
N LEU A 440 4.55 3.82 7.95
CA LEU A 440 3.54 3.86 6.92
C LEU A 440 3.61 5.15 6.10
N GLU A 441 4.05 6.24 6.71
CA GLU A 441 4.19 7.49 5.96
C GLU A 441 5.24 7.33 4.87
N GLY A 442 6.39 6.76 5.21
CA GLY A 442 7.39 6.48 4.18
C GLY A 442 6.91 5.49 3.15
N VAL A 443 6.13 4.50 3.59
CA VAL A 443 5.54 3.54 2.65
C VAL A 443 4.65 4.27 1.64
N GLN A 444 3.80 5.16 2.15
CA GLN A 444 2.92 5.93 1.28
C GLN A 444 3.69 6.85 0.36
N ASP A 445 4.78 7.44 0.85
CA ASP A 445 5.61 8.27 -0.02
C ASP A 445 6.21 7.45 -1.16
N GLU A 446 6.69 6.25 -0.85
CA GLU A 446 7.21 5.38 -1.89
C GLU A 446 6.11 4.99 -2.87
N LEU A 447 4.91 4.76 -2.36
CA LEU A 447 3.77 4.45 -3.23
C LEU A 447 3.46 5.62 -4.15
N ASP A 448 3.50 6.85 -3.62
CA ASP A 448 3.28 8.02 -4.45
C ASP A 448 4.35 8.16 -5.52
N THR A 449 5.60 7.88 -5.16
CA THR A 449 6.68 7.90 -6.14
C THR A 449 6.44 6.87 -7.23
N LEU A 450 5.99 5.67 -6.84
CA LEU A 450 5.69 4.63 -7.80
C LEU A 450 4.54 5.05 -8.72
N ALA A 451 3.53 5.71 -8.16
CA ALA A 451 2.41 6.19 -8.96
C ALA A 451 2.87 7.24 -9.96
N HIS A 452 3.76 8.13 -9.52
CA HIS A 452 4.32 9.13 -10.43
C HIS A 452 5.10 8.46 -11.55
N ALA A 453 5.88 7.44 -11.20
CA ALA A 453 6.63 6.69 -12.21
C ALA A 453 5.68 6.05 -13.22
N LEU A 454 4.61 5.42 -12.71
CA LEU A 454 3.65 4.76 -13.59
C LEU A 454 2.96 5.76 -14.50
N SER A 455 2.64 6.94 -13.98
CA SER A 455 2.09 7.99 -14.83
C SER A 455 3.09 8.42 -15.89
N ALA A 456 4.37 8.52 -15.53
CA ALA A 456 5.39 8.93 -16.48
C ALA A 456 5.55 7.91 -17.60
N ILE A 457 5.65 6.63 -17.25
CA ILE A 457 5.80 5.60 -18.26
C ILE A 457 4.53 5.51 -19.08
N GLY A 458 4.68 5.18 -20.37
CA GLY A 458 3.55 5.07 -21.26
C GLY A 458 3.18 6.40 -21.90
N SER B 1 26.54 31.25 -7.00
CA SER B 1 27.20 31.16 -8.30
C SER B 1 26.89 29.84 -8.99
N LEU B 2 26.06 29.02 -8.34
CA LEU B 2 25.67 27.74 -8.91
C LEU B 2 24.73 27.89 -10.10
N ILE B 3 23.86 28.90 -10.06
CA ILE B 3 23.07 29.24 -11.24
C ILE B 3 24.00 29.65 -12.38
N GLU B 4 25.05 30.41 -12.04
CA GLU B 4 26.10 30.69 -13.01
C GLU B 4 26.76 29.41 -13.47
N ASP B 5 26.98 28.46 -12.56
CA ASP B 5 27.56 27.18 -12.94
C ASP B 5 26.65 26.43 -13.91
N ALA B 6 25.34 26.39 -13.62
CA ALA B 6 24.42 25.70 -14.51
C ALA B 6 24.35 26.38 -15.87
N ARG B 7 24.33 27.72 -15.88
CA ARG B 7 24.31 28.45 -17.15
C ARG B 7 25.59 28.18 -17.95
N LYS B 8 26.74 28.18 -17.28
CA LYS B 8 27.99 27.87 -17.97
C LYS B 8 27.99 26.46 -18.52
N GLU B 9 27.47 25.51 -17.75
CA GLU B 9 27.41 24.13 -18.22
C GLU B 9 26.52 24.01 -19.44
N ARG B 10 25.35 24.64 -19.42
CA ARG B 10 24.44 24.51 -20.55
C ARG B 10 24.96 25.25 -21.78
N GLU B 11 25.61 26.41 -21.60
CA GLU B 11 26.16 27.10 -22.75
C GLU B 11 27.35 26.34 -23.34
N ALA B 12 28.15 25.70 -22.48
CA ALA B 12 29.22 24.84 -22.98
C ALA B 12 28.65 23.66 -23.75
N ALA B 13 27.57 23.06 -23.24
CA ALA B 13 26.95 21.94 -23.94
C ALA B 13 26.41 22.37 -25.30
N VAL B 14 25.75 23.52 -25.35
CA VAL B 14 25.19 23.97 -26.64
C VAL B 14 26.29 24.39 -27.59
N ALA B 15 27.40 24.93 -27.07
CA ALA B 15 28.54 25.24 -27.92
C ALA B 15 29.15 23.98 -28.51
N ALA B 16 29.24 22.93 -27.69
CA ALA B 16 29.67 21.63 -28.19
C ALA B 16 28.71 21.12 -29.27
N ALA B 17 27.40 21.29 -29.04
CA ALA B 17 26.43 21.00 -30.09
C ALA B 17 26.62 21.94 -31.27
N ALA B 18 26.88 23.22 -31.01
CA ALA B 18 27.20 24.16 -32.08
C ALA B 18 28.51 23.83 -32.78
N ALA B 19 29.40 23.08 -32.13
CA ALA B 19 30.62 22.60 -32.75
C ALA B 19 30.54 21.14 -33.15
N ALA B 20 29.37 20.52 -33.05
CA ALA B 20 29.18 19.13 -33.44
C ALA B 20 28.83 18.96 -34.91
N VAL B 21 29.13 19.97 -35.72
CA VAL B 21 28.86 19.91 -37.16
C VAL B 21 30.16 19.55 -37.86
N PRO B 22 30.12 18.83 -38.99
CA PRO B 22 31.35 18.49 -39.69
C PRO B 22 32.05 19.75 -40.20
N SER B 23 33.39 19.69 -40.22
CA SER B 23 34.17 20.82 -40.67
C SER B 23 33.91 21.11 -42.15
N GLU B 24 33.55 20.08 -42.92
CA GLU B 24 33.32 20.25 -44.35
C GLU B 24 31.82 20.25 -44.62
N PRO B 25 31.22 21.38 -44.96
CA PRO B 25 29.80 21.41 -45.31
C PRO B 25 29.57 20.94 -46.73
N GLY B 26 28.30 20.89 -47.11
CA GLY B 26 27.91 20.50 -48.45
C GLY B 26 27.42 19.08 -48.59
N ASP B 27 27.45 18.28 -47.53
CA ASP B 27 26.94 16.92 -47.59
C ASP B 27 25.59 16.83 -46.90
N PRO B 28 24.51 16.62 -47.64
CA PRO B 28 23.19 16.48 -47.00
C PRO B 28 23.03 15.19 -46.19
N LEU B 29 24.08 14.38 -46.08
CA LEU B 29 24.05 13.12 -45.34
C LEU B 29 24.81 13.25 -44.03
N GLU B 30 25.18 14.48 -43.67
CA GLU B 30 25.96 14.73 -42.47
C GLU B 30 25.09 14.82 -41.21
N ALA B 31 23.78 14.97 -41.36
CA ALA B 31 22.88 15.09 -40.22
C ALA B 31 22.26 13.76 -39.80
N VAL B 32 22.60 12.67 -40.46
CA VAL B 32 22.04 11.35 -40.15
C VAL B 32 22.86 10.79 -38.99
N ALA B 33 22.37 11.01 -37.77
CA ALA B 33 23.02 10.47 -36.60
C ALA B 33 22.96 8.95 -36.60
N PHE B 34 24.10 8.31 -36.39
CA PHE B 34 24.18 6.86 -36.39
C PHE B 34 25.24 6.41 -35.39
N GLU B 35 25.08 5.19 -34.90
CA GLU B 35 26.06 4.54 -34.05
C GLU B 35 26.33 3.15 -34.60
N GLU B 36 27.55 2.66 -34.39
CA GLU B 36 27.99 1.39 -34.94
C GLU B 36 28.02 0.33 -33.85
N LYS B 37 27.43 -0.82 -34.15
CA LYS B 37 27.33 -1.94 -33.21
C LYS B 37 27.74 -3.23 -33.91
N GLU B 38 28.75 -3.90 -33.36
CA GLU B 38 29.21 -5.20 -33.83
C GLU B 38 29.60 -5.19 -35.31
N GLY B 39 30.24 -4.12 -35.76
CA GLY B 39 30.65 -4.01 -37.15
C GLY B 39 29.63 -3.40 -38.08
N LYS B 40 28.36 -3.32 -37.66
CA LYS B 40 27.31 -2.64 -38.41
C LYS B 40 26.86 -1.44 -37.60
N ALA B 41 26.03 -0.61 -38.20
CA ALA B 41 25.59 0.65 -37.62
C ALA B 41 24.07 0.65 -37.52
N MET B 42 23.56 0.94 -36.32
CA MET B 42 22.12 1.05 -36.08
C MET B 42 21.75 2.52 -35.95
N LEU B 43 20.69 2.91 -36.66
CA LEU B 43 20.32 4.32 -36.78
C LEU B 43 18.86 4.40 -37.20
N ASN B 44 18.43 5.61 -37.56
CA ASN B 44 17.03 5.89 -37.79
C ASN B 44 16.91 7.11 -38.71
N LEU B 45 15.83 7.14 -39.48
CA LEU B 45 15.54 8.24 -40.40
C LEU B 45 14.05 8.56 -40.37
N LEU B 46 13.71 9.85 -40.43
CA LEU B 46 12.33 10.31 -40.49
C LEU B 46 12.11 11.10 -41.78
N PHE B 47 10.89 11.02 -42.30
CA PHE B 47 10.50 11.77 -43.49
C PHE B 47 9.16 12.45 -43.20
N SER B 48 9.02 13.68 -43.67
CA SER B 48 7.78 14.44 -43.55
C SER B 48 7.34 14.88 -44.94
N PRO B 49 6.84 13.98 -45.78
CA PRO B 49 6.35 14.40 -47.10
C PRO B 49 4.91 14.89 -47.04
N ARG B 50 4.62 15.99 -47.72
CA ARG B 50 3.30 16.60 -47.65
C ARG B 50 2.32 15.85 -48.55
N ALA B 51 1.07 16.30 -48.56
CA ALA B 51 -0.01 15.74 -49.38
C ALA B 51 -0.19 14.25 -49.02
N THR B 52 -0.80 13.48 -49.92
CA THR B 52 -0.99 12.04 -49.71
C THR B 52 -0.52 11.17 -50.87
N LYS B 53 -0.58 11.65 -52.11
CA LYS B 53 -0.08 10.92 -53.27
C LYS B 53 1.42 10.69 -53.20
N PRO B 54 2.24 11.70 -52.85
CA PRO B 54 3.69 11.40 -52.73
C PRO B 54 4.00 10.53 -51.51
N SER B 55 3.78 9.23 -51.68
CA SER B 55 4.02 8.22 -50.66
C SER B 55 5.11 7.26 -51.13
N ALA B 56 6.22 7.84 -51.60
CA ALA B 56 7.32 7.06 -52.16
C ALA B 56 8.26 6.51 -51.08
N LEU B 57 7.75 6.40 -49.84
CA LEU B 57 8.50 5.76 -48.77
C LEU B 57 8.91 4.35 -49.12
N SER B 58 8.16 3.69 -50.01
CA SER B 58 8.57 2.38 -50.52
C SER B 58 10.00 2.42 -51.04
N ARG B 59 10.33 3.44 -51.83
CA ARG B 59 11.70 3.59 -52.30
C ARG B 59 12.69 3.64 -51.14
N ALA B 60 12.37 4.39 -50.08
CA ALA B 60 13.22 4.40 -48.90
C ALA B 60 13.33 3.00 -48.31
N VAL B 61 12.21 2.28 -48.21
CA VAL B 61 12.29 0.91 -47.72
C VAL B 61 12.80 -0.02 -48.81
N LYS B 62 12.75 0.41 -50.07
CA LYS B 62 13.52 -0.28 -51.09
C LYS B 62 15.01 -0.04 -50.91
N VAL B 63 15.36 1.09 -50.30
CA VAL B 63 16.77 1.36 -49.97
C VAL B 63 17.22 0.44 -48.83
N PHE B 64 16.39 0.30 -47.81
CA PHE B 64 16.81 -0.38 -46.59
C PHE B 64 17.17 -1.83 -46.87
N GLU B 65 16.39 -2.51 -47.70
CA GLU B 65 16.67 -3.90 -48.02
C GLU B 65 17.71 -4.06 -49.11
N THR B 66 18.20 -2.96 -49.69
CA THR B 66 19.11 -3.07 -50.83
C THR B 66 20.46 -3.64 -50.41
N PHE B 67 20.75 -3.65 -49.10
CA PHE B 67 22.00 -4.21 -48.59
C PHE B 67 21.77 -5.26 -47.51
N GLU B 68 20.60 -5.90 -47.49
CA GLU B 68 20.28 -6.93 -46.51
C GLU B 68 20.51 -6.45 -45.08
N ALA B 69 20.08 -5.22 -44.80
CA ALA B 69 20.27 -4.64 -43.49
C ALA B 69 19.43 -5.37 -42.44
N LYS B 70 19.75 -5.14 -41.18
CA LYS B 70 19.03 -5.72 -40.06
C LYS B 70 18.08 -4.66 -39.52
N ILE B 71 16.78 -4.85 -39.74
CA ILE B 71 15.78 -3.87 -39.37
C ILE B 71 15.31 -4.17 -37.95
N HIS B 72 15.48 -3.19 -37.06
CA HIS B 72 14.99 -3.35 -35.69
C HIS B 72 13.50 -3.10 -35.62
N HIS B 73 13.04 -1.96 -36.13
CA HIS B 73 11.62 -1.66 -36.13
C HIS B 73 11.26 -0.63 -37.19
N LEU B 74 10.48 -1.03 -38.18
CA LEU B 74 9.94 -0.09 -39.15
C LEU B 74 8.49 0.22 -38.81
N GLU B 75 8.14 1.49 -38.85
CA GLU B 75 6.76 1.90 -38.58
C GLU B 75 6.40 3.05 -39.51
N THR B 76 5.10 3.18 -39.78
CA THR B 76 4.58 4.26 -40.59
C THR B 76 3.20 4.65 -40.09
N ARG B 77 3.00 5.94 -39.85
CA ARG B 77 1.74 6.44 -39.35
C ARG B 77 1.56 7.90 -39.74
N PRO B 78 0.80 8.17 -40.80
CA PRO B 78 0.56 9.56 -41.20
C PRO B 78 -0.07 10.36 -40.08
N ALA B 79 0.35 11.61 -39.94
CA ALA B 79 -0.12 12.45 -38.85
C ALA B 79 -1.50 13.01 -39.17
N GLN B 80 -1.98 13.89 -38.29
CA GLN B 80 -3.29 14.54 -38.39
C GLN B 80 -4.42 13.55 -38.17
N ARG B 81 -4.08 12.26 -38.00
CA ARG B 81 -5.09 11.29 -37.60
C ARG B 81 -5.34 11.29 -36.10
N PRO B 82 -4.32 11.10 -35.22
CA PRO B 82 -4.61 11.16 -33.78
C PRO B 82 -4.80 12.59 -33.29
N ARG B 83 -3.95 13.51 -33.73
CA ARG B 83 -4.03 14.91 -33.35
C ARG B 83 -3.82 15.75 -34.59
N ALA B 84 -4.66 16.78 -34.75
CA ALA B 84 -4.66 17.60 -35.95
C ALA B 84 -4.21 19.02 -35.61
N GLY B 85 -3.32 19.55 -36.45
CA GLY B 85 -2.86 20.91 -36.34
C GLY B 85 -1.63 21.14 -35.49
N GLY B 86 -1.15 20.12 -34.77
CA GLY B 86 0.04 20.28 -33.96
C GLY B 86 1.21 19.42 -34.36
N PRO B 87 0.95 18.16 -34.79
CA PRO B 87 2.04 17.35 -35.34
C PRO B 87 2.22 17.55 -36.84
N HIS B 88 3.19 16.83 -37.42
CA HIS B 88 3.41 16.87 -38.85
C HIS B 88 3.72 15.45 -39.32
N LEU B 89 3.80 15.29 -40.65
CA LEU B 89 4.00 13.98 -41.25
C LEU B 89 5.26 13.31 -40.74
N GLU B 90 5.17 12.04 -40.39
CA GLU B 90 6.32 11.30 -39.87
C GLU B 90 6.07 9.82 -40.06
N TYR B 91 7.17 9.06 -40.02
CA TYR B 91 7.11 7.60 -40.01
C TYR B 91 8.44 7.11 -39.48
N PHE B 92 8.41 6.17 -38.54
CA PHE B 92 9.58 5.82 -37.76
C PHE B 92 10.28 4.60 -38.35
N VAL B 93 11.59 4.71 -38.51
CA VAL B 93 12.45 3.58 -38.87
C VAL B 93 13.52 3.45 -37.83
N ARG B 94 13.97 2.22 -37.59
CA ARG B 94 15.18 1.96 -36.83
C ARG B 94 15.79 0.68 -37.39
N LEU B 95 17.00 0.80 -37.94
CA LEU B 95 17.56 -0.28 -38.73
C LEU B 95 19.07 -0.32 -38.55
N GLU B 96 19.64 -1.49 -38.79
CA GLU B 96 21.07 -1.74 -38.69
C GLU B 96 21.60 -2.19 -40.04
N VAL B 97 22.56 -1.45 -40.58
CA VAL B 97 23.13 -1.72 -41.89
C VAL B 97 24.64 -1.85 -41.76
N ARG B 98 25.24 -2.58 -42.70
CA ARG B 98 26.70 -2.65 -42.75
C ARG B 98 27.28 -1.25 -42.84
N ARG B 99 28.28 -0.98 -42.00
CA ARG B 99 28.78 0.39 -41.87
C ARG B 99 29.32 0.93 -43.18
N GLY B 100 29.83 0.06 -44.05
CA GLY B 100 30.21 0.47 -45.39
C GLY B 100 29.01 0.60 -46.29
N ASP B 101 28.10 -0.38 -46.20
CA ASP B 101 26.86 -0.32 -46.97
C ASP B 101 25.89 0.73 -46.45
N LEU B 102 26.07 1.18 -45.21
CA LEU B 102 25.16 2.15 -44.62
C LEU B 102 25.15 3.45 -45.42
N ALA B 103 26.33 4.03 -45.64
CA ALA B 103 26.40 5.25 -46.43
C ALA B 103 25.99 5.00 -47.87
N ALA B 104 26.33 3.83 -48.42
CA ALA B 104 25.98 3.52 -49.80
C ALA B 104 24.49 3.53 -50.02
N LEU B 105 23.71 2.93 -49.11
CA LEU B 105 22.27 2.96 -49.27
C LEU B 105 21.66 4.25 -48.75
N LEU B 106 22.33 4.96 -47.84
CA LEU B 106 21.86 6.27 -47.44
C LEU B 106 21.93 7.24 -48.61
N SER B 107 22.89 7.03 -49.52
CA SER B 107 22.91 7.80 -50.75
C SER B 107 21.64 7.60 -51.55
N GLY B 108 21.18 6.36 -51.66
CA GLY B 108 19.92 6.10 -52.35
C GLY B 108 18.72 6.63 -51.58
N VAL B 109 18.77 6.57 -50.25
CA VAL B 109 17.65 7.07 -49.45
C VAL B 109 17.58 8.59 -49.53
N ARG B 110 18.69 9.25 -49.89
CA ARG B 110 18.65 10.67 -50.15
C ARG B 110 17.76 11.00 -51.34
N GLN B 111 17.57 10.04 -52.25
CA GLN B 111 16.64 10.20 -53.35
C GLN B 111 15.18 10.19 -52.90
N VAL B 112 14.92 9.83 -51.64
CA VAL B 112 13.57 9.80 -51.12
C VAL B 112 13.26 11.00 -50.22
N SER B 113 14.18 11.39 -49.34
CA SER B 113 13.93 12.46 -48.39
C SER B 113 15.15 13.37 -48.34
N GLU B 114 14.89 14.68 -48.21
CA GLU B 114 15.97 15.66 -48.17
C GLU B 114 15.84 16.62 -46.99
N ASP B 115 14.62 17.00 -46.64
CA ASP B 115 14.38 18.11 -45.71
C ASP B 115 14.00 17.65 -44.32
N VAL B 116 14.34 16.44 -43.92
CA VAL B 116 13.95 15.94 -42.60
C VAL B 116 15.18 15.36 -41.90
N ARG B 117 14.97 14.81 -40.70
CA ARG B 117 16.04 14.36 -39.82
C ARG B 117 15.75 12.94 -39.36
N SER B 118 16.56 12.48 -38.41
CA SER B 118 16.27 11.20 -37.76
C SER B 118 15.13 11.38 -36.75
N PRO B 119 14.32 10.35 -36.52
CA PRO B 119 13.19 10.50 -35.59
C PRO B 119 13.60 10.46 -34.12
N ALA B 120 14.74 9.86 -33.79
CA ALA B 120 15.17 9.80 -32.40
C ALA B 120 15.86 11.09 -32.00
N GLY B 121 15.22 11.85 -31.11
CA GLY B 121 15.78 13.07 -30.60
C GLY B 121 16.84 12.82 -29.55
N PRO B 122 16.91 13.69 -28.54
CA PRO B 122 17.85 13.46 -27.45
C PRO B 122 17.53 12.17 -26.70
N LYS B 123 18.49 11.26 -26.67
CA LYS B 123 18.24 9.96 -26.06
C LYS B 123 18.17 10.10 -24.55
N VAL B 124 19.29 10.48 -23.93
CA VAL B 124 19.35 10.78 -22.50
C VAL B 124 20.74 11.33 -22.18
N PRO B 125 20.86 12.26 -21.24
CA PRO B 125 22.17 12.53 -20.66
C PRO B 125 22.53 11.43 -19.68
N TRP B 126 23.71 10.84 -19.88
CA TRP B 126 24.09 9.68 -19.09
C TRP B 126 24.15 10.03 -17.61
N PHE B 127 23.74 9.06 -16.77
CA PHE B 127 23.78 9.22 -15.33
C PHE B 127 24.21 7.91 -14.72
N PRO B 128 24.85 7.94 -13.54
CA PRO B 128 25.25 6.69 -12.89
C PRO B 128 24.05 5.93 -12.36
N ARG B 129 24.29 4.69 -12.00
CA ARG B 129 23.27 3.82 -11.43
C ARG B 129 23.58 3.42 -9.99
N LYS B 130 24.84 3.36 -9.62
CA LYS B 130 25.25 3.02 -8.26
C LYS B 130 26.31 4.02 -7.81
N VAL B 131 26.65 3.94 -6.52
CA VAL B 131 27.62 4.86 -5.93
C VAL B 131 29.00 4.67 -6.54
N SER B 132 29.37 3.43 -6.86
CA SER B 132 30.70 3.11 -7.33
C SER B 132 31.06 3.87 -8.60
N GLU B 133 30.21 3.75 -9.63
CA GLU B 133 30.47 4.47 -10.86
C GLU B 133 30.37 5.98 -10.66
N LEU B 134 29.48 6.44 -9.78
CA LEU B 134 29.40 7.86 -9.46
C LEU B 134 30.76 8.41 -9.07
N ASP B 135 31.53 7.67 -8.28
CA ASP B 135 32.88 8.08 -7.95
C ASP B 135 33.83 7.87 -9.13
N LYS B 136 33.82 6.66 -9.70
CA LYS B 136 34.87 6.28 -10.64
C LYS B 136 34.84 7.11 -11.92
N CYS B 137 33.67 7.22 -12.56
CA CYS B 137 33.59 7.93 -13.83
C CYS B 137 33.75 9.44 -13.62
N HIS B 138 33.15 9.98 -12.58
CA HIS B 138 33.15 11.41 -12.35
C HIS B 138 34.46 11.91 -11.72
N HIS B 139 35.32 11.01 -11.28
CA HIS B 139 36.71 11.37 -11.06
C HIS B 139 37.56 11.24 -12.32
N LEU B 140 37.26 10.25 -13.16
CA LEU B 140 37.94 10.12 -14.44
C LEU B 140 37.54 11.23 -15.41
N VAL B 141 36.28 11.67 -15.37
CA VAL B 141 35.87 12.75 -16.25
C VAL B 141 36.37 14.09 -15.73
N THR B 142 36.73 14.16 -14.45
CA THR B 142 37.22 15.39 -13.82
C THR B 142 38.71 15.29 -13.47
N LYS B 143 39.50 14.68 -14.33
CA LYS B 143 40.92 14.49 -14.08
C LYS B 143 41.73 15.64 -14.68
N PHE B 144 42.85 15.95 -14.03
CA PHE B 144 43.81 16.94 -14.50
C PHE B 144 43.13 18.30 -14.74
N ASP B 145 42.60 18.86 -13.67
CA ASP B 145 41.93 20.15 -13.74
C ASP B 145 42.17 20.94 -12.47
N PRO B 146 43.25 21.72 -12.41
CA PRO B 146 43.53 22.53 -11.22
C PRO B 146 42.74 23.83 -11.21
N ASP B 147 42.53 24.33 -10.00
CA ASP B 147 41.85 25.60 -9.81
C ASP B 147 42.87 26.73 -9.74
N LEU B 148 42.60 27.81 -10.47
CA LEU B 148 43.51 28.96 -10.53
C LEU B 148 43.15 30.02 -9.50
N ASP B 149 41.94 30.57 -9.60
CA ASP B 149 41.38 31.56 -8.68
C ASP B 149 42.37 32.64 -8.26
N LEU B 150 43.27 33.02 -9.17
CA LEU B 150 44.27 34.03 -8.85
C LEU B 150 43.64 35.41 -8.77
N ASP B 151 42.78 35.74 -9.74
CA ASP B 151 42.07 37.01 -9.71
C ASP B 151 41.11 37.13 -8.53
N HIS B 152 40.73 36.00 -7.93
CA HIS B 152 39.85 36.03 -6.77
C HIS B 152 40.59 36.67 -5.59
N PRO B 153 39.85 37.21 -4.62
CA PRO B 153 40.50 37.87 -3.49
C PRO B 153 41.47 36.95 -2.76
N GLY B 154 42.62 37.49 -2.38
CA GLY B 154 43.67 36.66 -1.82
C GLY B 154 44.19 35.68 -2.85
N PHE B 155 44.54 34.48 -2.37
CA PHE B 155 44.95 33.36 -3.20
C PHE B 155 46.25 33.64 -3.96
N SER B 156 46.94 34.72 -3.57
CA SER B 156 48.27 34.99 -4.09
C SER B 156 49.38 34.36 -3.26
N ASP B 157 49.05 33.85 -2.07
CA ASP B 157 50.03 33.19 -1.23
C ASP B 157 50.34 31.80 -1.78
N GLN B 158 51.63 31.48 -1.87
CA GLN B 158 52.02 30.16 -2.36
C GLN B 158 51.56 29.06 -1.42
N VAL B 159 51.50 29.35 -0.11
CA VAL B 159 51.06 28.35 0.85
C VAL B 159 49.61 27.95 0.59
N TYR B 160 48.78 28.91 0.18
CA TYR B 160 47.42 28.59 -0.20
C TYR B 160 47.41 27.66 -1.40
N ARG B 161 48.28 27.91 -2.37
CA ARG B 161 48.37 27.04 -3.53
C ARG B 161 48.79 25.62 -3.13
N GLN B 162 49.74 25.51 -2.21
CA GLN B 162 50.17 24.19 -1.75
C GLN B 162 49.05 23.47 -1.03
N ARG B 163 48.29 24.20 -0.21
CA ARG B 163 47.14 23.60 0.47
C ARG B 163 46.10 23.12 -0.54
N ARG B 164 45.86 23.92 -1.58
CA ARG B 164 44.94 23.50 -2.63
C ARG B 164 45.44 22.25 -3.33
N LYS B 165 46.75 22.17 -3.58
CA LYS B 165 47.32 20.98 -4.17
C LYS B 165 47.09 19.76 -3.29
N LEU B 166 47.32 19.92 -1.99
CA LEU B 166 47.11 18.81 -1.06
C LEU B 166 45.66 18.35 -1.06
N ILE B 167 44.73 19.30 -1.00
CA ILE B 167 43.31 18.95 -0.96
C ILE B 167 42.90 18.26 -2.26
N ALA B 168 43.39 18.78 -3.39
CA ALA B 168 43.06 18.19 -4.68
C ALA B 168 43.61 16.77 -4.78
N GLU B 169 44.83 16.55 -4.29
CA GLU B 169 45.39 15.20 -4.31
C GLU B 169 44.57 14.26 -3.44
N ILE B 170 44.18 14.72 -2.25
CA ILE B 170 43.41 13.86 -1.35
C ILE B 170 42.07 13.50 -1.98
N ALA B 171 41.36 14.50 -2.46
CA ALA B 171 40.01 14.26 -2.99
C ALA B 171 40.05 13.46 -4.28
N PHE B 172 40.89 13.87 -5.23
CA PHE B 172 40.89 13.25 -6.55
C PHE B 172 41.38 11.81 -6.49
N GLN B 173 42.25 11.48 -5.55
CA GLN B 173 42.76 10.13 -5.38
C GLN B 173 41.93 9.31 -4.40
N TYR B 174 40.81 9.86 -3.92
CA TYR B 174 39.95 9.17 -2.98
C TYR B 174 38.92 8.32 -3.72
N ARG B 175 38.78 7.07 -3.29
CA ARG B 175 37.84 6.14 -3.90
C ARG B 175 36.68 5.87 -2.95
N HIS B 176 35.59 5.38 -3.52
CA HIS B 176 34.40 5.10 -2.73
C HIS B 176 34.64 3.95 -1.76
N GLY B 177 34.07 4.06 -0.57
CA GLY B 177 34.20 3.04 0.44
C GLY B 177 35.41 3.24 1.33
N ASP B 178 36.38 3.99 0.83
CA ASP B 178 37.58 4.26 1.60
C ASP B 178 37.27 5.24 2.72
N PRO B 179 37.99 5.19 3.84
CA PRO B 179 37.82 6.20 4.88
C PRO B 179 38.41 7.54 4.45
N ILE B 180 37.96 8.59 5.11
CA ILE B 180 38.42 9.95 4.81
C ILE B 180 39.86 10.10 5.29
N PRO B 181 40.80 10.43 4.40
CA PRO B 181 42.18 10.69 4.85
C PRO B 181 42.23 11.96 5.68
N ARG B 182 42.67 11.82 6.93
CA ARG B 182 42.72 12.97 7.82
C ARG B 182 43.73 14.00 7.32
N VAL B 183 43.36 15.27 7.41
CA VAL B 183 44.17 16.37 6.93
C VAL B 183 44.50 17.29 8.10
N GLU B 184 45.79 17.63 8.23
CA GLU B 184 46.24 18.48 9.31
C GLU B 184 45.77 19.91 9.08
N TYR B 185 45.89 20.74 10.11
CA TYR B 185 45.49 22.15 10.03
C TYR B 185 46.45 22.97 10.88
N THR B 186 47.19 23.87 10.24
CA THR B 186 48.12 24.73 10.95
C THR B 186 47.36 25.79 11.75
N ALA B 187 48.13 26.68 12.38
CA ALA B 187 47.55 27.65 13.31
C ALA B 187 46.63 28.65 12.61
N GLU B 188 46.95 29.03 11.38
CA GLU B 188 46.18 30.07 10.71
C GLU B 188 44.75 29.61 10.43
N GLU B 189 44.60 28.42 9.81
CA GLU B 189 43.27 27.95 9.46
C GLU B 189 42.44 27.65 10.71
N ILE B 190 43.07 27.09 11.75
CA ILE B 190 42.32 26.81 12.97
C ILE B 190 41.93 28.11 13.66
N ALA B 191 42.77 29.14 13.58
CA ALA B 191 42.42 30.43 14.17
C ALA B 191 41.24 31.05 13.43
N THR B 192 41.26 31.00 12.10
CA THR B 192 40.14 31.50 11.32
C THR B 192 38.88 30.71 11.60
N TRP B 193 39.01 29.40 11.74
CA TRP B 193 37.88 28.55 12.09
C TRP B 193 37.32 28.93 13.46
N LYS B 194 38.21 29.20 14.42
CA LYS B 194 37.76 29.64 15.74
C LYS B 194 37.00 30.95 15.65
N GLU B 195 37.53 31.89 14.88
CA GLU B 195 36.87 33.19 14.74
C GLU B 195 35.48 33.04 14.14
N VAL B 196 35.38 32.33 13.02
CA VAL B 196 34.09 32.18 12.36
C VAL B 196 33.13 31.36 13.21
N TYR B 197 33.65 30.35 13.91
CA TYR B 197 32.82 29.54 14.80
C TYR B 197 32.23 30.39 15.91
N THR B 198 33.05 31.21 16.55
CA THR B 198 32.56 32.07 17.62
C THR B 198 31.52 33.05 17.07
N THR B 199 31.84 33.72 15.96
CA THR B 199 30.94 34.74 15.44
C THR B 199 29.60 34.14 15.01
N LEU B 200 29.61 32.96 14.41
CA LEU B 200 28.38 32.34 13.95
C LEU B 200 27.61 31.68 15.09
N LYS B 201 28.30 31.09 16.06
CA LYS B 201 27.61 30.47 17.18
C LYS B 201 26.96 31.51 18.08
N GLY B 202 27.61 32.65 18.27
CA GLY B 202 27.02 33.70 19.08
C GLY B 202 25.73 34.26 18.51
N LEU B 203 25.50 34.08 17.21
CA LEU B 203 24.29 34.54 16.57
C LEU B 203 23.34 33.42 16.17
N TYR B 204 23.79 32.17 16.21
CA TYR B 204 22.94 31.06 15.80
C TYR B 204 21.76 30.88 16.73
N ALA B 205 21.87 31.38 17.96
CA ALA B 205 20.72 31.41 18.85
C ALA B 205 19.60 32.27 18.29
N THR B 206 19.92 33.17 17.37
CA THR B 206 18.94 34.06 16.74
C THR B 206 18.86 33.77 15.25
N HIS B 207 17.68 34.02 14.68
CA HIS B 207 17.48 34.05 13.23
C HIS B 207 17.64 32.66 12.60
N ALA B 208 18.02 31.67 13.40
CA ALA B 208 18.34 30.36 12.87
C ALA B 208 17.21 29.37 13.18
N CYS B 209 17.12 28.34 12.36
CA CYS B 209 16.12 27.30 12.55
C CYS B 209 16.47 26.44 13.75
N GLY B 210 15.44 26.04 14.50
CA GLY B 210 15.67 25.22 15.68
C GLY B 210 16.31 23.89 15.36
N GLU B 211 15.97 23.32 14.20
CA GLU B 211 16.61 22.09 13.77
C GLU B 211 18.11 22.29 13.60
N HIS B 212 18.49 23.42 12.99
CA HIS B 212 19.91 23.74 12.86
C HIS B 212 20.58 23.84 14.22
N LEU B 213 19.93 24.50 15.17
CA LEU B 213 20.51 24.69 16.49
C LEU B 213 20.72 23.35 17.19
N GLU B 214 19.70 22.50 17.19
CA GLU B 214 19.81 21.22 17.87
C GLU B 214 20.83 20.32 17.18
N ALA B 215 20.87 20.34 15.85
CA ALA B 215 21.86 19.56 15.11
C ALA B 215 23.26 20.01 15.46
N PHE B 216 23.48 21.33 15.52
CA PHE B 216 24.78 21.87 15.87
C PHE B 216 25.16 21.48 17.29
N ALA B 217 24.20 21.52 18.21
CA ALA B 217 24.48 21.12 19.59
C ALA B 217 24.89 19.66 19.66
N LEU B 218 24.15 18.79 18.99
CA LEU B 218 24.49 17.37 18.98
C LEU B 218 25.85 17.13 18.34
N LEU B 219 26.17 17.84 17.25
CA LEU B 219 27.44 17.66 16.59
C LEU B 219 28.60 18.11 17.47
N GLU B 220 28.49 19.30 18.05
CA GLU B 220 29.55 19.78 18.93
C GLU B 220 29.69 18.90 20.16
N ARG B 221 28.61 18.25 20.57
CA ARG B 221 28.71 17.28 21.67
C ARG B 221 29.48 16.04 21.23
N PHE B 222 29.13 15.49 20.06
CA PHE B 222 29.73 14.24 19.61
C PHE B 222 30.90 14.48 18.65
N SER B 223 30.64 15.12 17.52
CA SER B 223 31.68 15.29 16.51
C SER B 223 32.78 16.21 16.99
N GLY B 224 32.44 17.18 17.83
CA GLY B 224 33.44 18.08 18.39
C GLY B 224 33.54 19.40 17.66
N TYR B 225 32.40 20.01 17.36
CA TYR B 225 32.40 21.33 16.75
C TYR B 225 32.77 22.39 17.79
N ARG B 226 34.05 22.69 17.89
CA ARG B 226 34.53 23.67 18.85
C ARG B 226 35.54 24.58 18.17
N GLU B 227 35.65 25.81 18.70
CA GLU B 227 36.56 26.78 18.13
C GLU B 227 38.01 26.30 18.19
N ASP B 228 38.36 25.51 19.21
CA ASP B 228 39.74 25.08 19.38
C ASP B 228 40.15 24.07 18.32
N ASN B 229 39.28 23.12 17.99
CA ASN B 229 39.60 22.03 17.07
C ASN B 229 38.62 22.06 15.91
N ILE B 230 39.14 22.21 14.70
CA ILE B 230 38.33 22.13 13.48
C ILE B 230 38.00 20.67 13.22
N PRO B 231 36.73 20.31 13.10
CA PRO B 231 36.36 18.90 12.90
C PRO B 231 36.80 18.36 11.54
N GLN B 232 37.07 17.05 11.53
CA GLN B 232 37.43 16.36 10.30
C GLN B 232 36.16 15.90 9.58
N LEU B 233 36.33 15.07 8.55
CA LEU B 233 35.22 14.64 7.72
C LEU B 233 34.74 13.23 8.02
N GLU B 234 35.65 12.33 8.41
CA GLU B 234 35.26 10.94 8.65
C GLU B 234 34.27 10.84 9.80
N ASP B 235 34.52 11.58 10.88
CA ASP B 235 33.65 11.51 12.06
C ASP B 235 32.25 12.00 11.73
N VAL B 236 32.15 13.16 11.08
CA VAL B 236 30.84 13.71 10.75
C VAL B 236 30.14 12.83 9.72
N SER B 237 30.90 12.25 8.79
CA SER B 237 30.31 11.32 7.84
C SER B 237 29.71 10.11 8.55
N ARG B 238 30.45 9.55 9.50
CA ARG B 238 29.94 8.42 10.28
C ARG B 238 28.68 8.82 11.04
N PHE B 239 28.69 10.00 11.65
CA PHE B 239 27.53 10.46 12.42
C PHE B 239 26.31 10.60 11.53
N LEU B 240 26.47 11.25 10.38
CA LEU B 240 25.36 11.47 9.47
C LEU B 240 24.82 10.15 8.92
N LYS B 241 25.72 9.24 8.56
CA LYS B 241 25.30 7.94 8.06
C LYS B 241 24.54 7.19 9.13
N GLU B 242 25.03 7.26 10.38
CA GLU B 242 24.38 6.56 11.48
C GLU B 242 22.99 7.11 11.75
N ARG B 243 22.83 8.43 11.74
CA ARG B 243 21.56 9.04 12.10
C ARG B 243 20.72 9.40 10.87
N THR B 244 21.24 10.23 9.98
CA THR B 244 20.47 10.69 8.84
C THR B 244 20.68 9.83 7.59
N GLY B 245 21.56 8.84 7.66
CA GLY B 245 21.83 8.00 6.50
C GLY B 245 22.44 8.78 5.35
N PHE B 246 23.39 9.66 5.68
CA PHE B 246 24.04 10.50 4.70
C PHE B 246 25.55 10.43 4.88
N GLN B 247 26.28 10.64 3.77
CA GLN B 247 27.73 10.62 3.80
C GLN B 247 28.27 11.67 2.84
N LEU B 248 29.55 11.97 3.00
CA LEU B 248 30.21 13.01 2.24
C LEU B 248 31.23 12.40 1.28
N ARG B 249 31.72 13.24 0.38
CA ARG B 249 32.77 12.85 -0.55
C ARG B 249 33.65 14.04 -0.90
N PRO B 250 34.95 13.97 -0.59
CA PRO B 250 35.85 15.06 -0.95
C PRO B 250 35.91 15.24 -2.46
N VAL B 251 36.00 16.51 -2.86
CA VAL B 251 36.03 16.85 -4.28
C VAL B 251 36.64 18.24 -4.42
N ALA B 252 37.23 18.51 -5.59
CA ALA B 252 37.77 19.82 -5.90
C ALA B 252 37.59 20.13 -7.38
N GLY B 253 38.14 21.24 -7.83
CA GLY B 253 38.04 21.62 -9.23
C GLY B 253 36.67 22.17 -9.58
N LEU B 254 36.46 22.29 -10.89
CA LEU B 254 35.22 22.84 -11.43
C LEU B 254 34.17 21.74 -11.51
N LEU B 255 33.36 21.62 -10.46
CA LEU B 255 32.27 20.66 -10.46
C LEU B 255 31.16 21.12 -11.39
N SER B 256 30.64 20.20 -12.20
CA SER B 256 29.51 20.51 -13.05
C SER B 256 28.24 20.60 -12.19
N ALA B 257 27.13 20.95 -12.84
CA ALA B 257 25.85 20.88 -12.15
C ALA B 257 25.35 19.44 -12.08
N ARG B 258 25.58 18.66 -13.14
CA ARG B 258 25.02 17.32 -13.26
C ARG B 258 25.56 16.37 -12.19
N ASP B 259 26.87 16.32 -12.04
CA ASP B 259 27.48 15.41 -11.08
C ASP B 259 27.07 15.75 -9.67
N PHE B 260 26.98 17.04 -9.35
CA PHE B 260 26.54 17.45 -8.02
C PHE B 260 25.13 16.97 -7.75
N LEU B 261 24.24 17.13 -8.73
CA LEU B 261 22.86 16.68 -8.54
C LEU B 261 22.78 15.16 -8.42
N ALA B 262 23.61 14.45 -9.18
CA ALA B 262 23.63 12.99 -9.06
C ALA B 262 24.08 12.57 -7.67
N SER B 263 25.13 13.22 -7.15
CA SER B 263 25.57 12.97 -5.78
C SER B 263 24.43 13.21 -4.81
N LEU B 264 23.74 14.35 -4.97
CA LEU B 264 22.58 14.66 -4.13
C LEU B 264 21.56 13.53 -4.20
N ALA B 265 21.36 12.98 -5.40
CA ALA B 265 20.42 11.87 -5.56
C ALA B 265 20.87 10.66 -4.76
N PHE B 266 22.17 10.36 -4.78
CA PHE B 266 22.68 9.18 -4.09
C PHE B 266 22.85 9.39 -2.60
N ARG B 267 22.23 10.44 -2.03
CA ARG B 267 22.33 10.72 -0.60
C ARG B 267 23.77 10.91 -0.16
N VAL B 268 24.60 11.43 -1.06
CA VAL B 268 25.99 11.74 -0.76
C VAL B 268 26.22 13.20 -1.14
N PHE B 269 27.02 13.89 -0.34
CA PHE B 269 27.26 15.32 -0.55
C PHE B 269 28.72 15.56 -0.86
N GLN B 270 29.00 16.21 -1.98
CA GLN B 270 30.36 16.57 -2.31
C GLN B 270 30.84 17.71 -1.42
N CYS B 271 32.13 17.71 -1.14
CA CYS B 271 32.67 18.66 -0.16
C CYS B 271 34.12 18.94 -0.50
N THR B 272 34.61 20.06 0.03
CA THR B 272 36.00 20.47 -0.11
C THR B 272 36.63 20.57 1.28
N GLN B 273 37.88 20.14 1.36
CA GLN B 273 38.56 20.09 2.65
C GLN B 273 39.15 21.42 3.07
N TYR B 274 39.66 22.21 2.13
CA TYR B 274 40.25 23.49 2.49
C TYR B 274 39.17 24.51 2.82
N ILE B 275 39.60 25.61 3.42
CA ILE B 275 38.69 26.66 3.86
C ILE B 275 38.99 27.95 3.11
N ARG B 276 38.26 29.01 3.45
CA ARG B 276 38.42 30.29 2.79
C ARG B 276 39.77 30.91 3.12
N HIS B 277 40.04 32.05 2.50
CA HIS B 277 41.30 32.76 2.71
C HIS B 277 41.25 33.55 4.02
N ALA B 278 42.38 33.54 4.73
CA ALA B 278 42.44 34.26 6.01
C ALA B 278 42.28 35.76 5.82
N SER B 279 42.68 36.29 4.66
CA SER B 279 42.49 37.70 4.38
C SER B 279 41.02 38.06 4.32
N SER B 280 40.17 37.11 3.95
CA SER B 280 38.72 37.31 3.86
C SER B 280 38.01 36.26 4.69
N PRO B 281 38.01 36.40 6.02
CA PRO B 281 37.27 35.45 6.85
C PRO B 281 35.78 35.73 6.91
N MET B 282 35.36 36.98 6.68
CA MET B 282 33.95 37.32 6.78
C MET B 282 33.13 36.65 5.68
N HIS B 283 33.69 36.57 4.48
CA HIS B 283 33.02 35.95 3.35
C HIS B 283 34.04 35.22 2.48
N SER B 284 33.56 34.25 1.71
CA SER B 284 34.44 33.54 0.81
C SER B 284 34.01 33.73 -0.64
N PRO B 285 34.95 33.97 -1.55
CA PRO B 285 34.58 34.00 -2.97
C PRO B 285 34.01 32.69 -3.47
N GLU B 286 34.43 31.57 -2.89
CA GLU B 286 33.96 30.25 -3.27
C GLU B 286 33.62 29.48 -2.00
N PRO B 287 32.54 28.71 -1.99
CA PRO B 287 32.19 27.92 -0.81
C PRO B 287 33.31 26.96 -0.42
N ASP B 288 33.55 26.84 0.87
CA ASP B 288 34.69 26.10 1.40
C ASP B 288 34.21 25.10 2.45
N CYS B 289 35.17 24.53 3.19
CA CYS B 289 34.86 23.50 4.17
C CYS B 289 33.95 24.04 5.27
N CYS B 290 34.25 25.25 5.76
CA CYS B 290 33.42 25.82 6.82
C CYS B 290 32.01 26.10 6.32
N HIS B 291 31.88 26.47 5.04
CA HIS B 291 30.57 26.74 4.47
C HIS B 291 29.65 25.54 4.61
N GLU B 292 30.13 24.36 4.20
CA GLU B 292 29.32 23.16 4.31
C GLU B 292 29.19 22.70 5.75
N LEU B 293 30.28 22.80 6.52
CA LEU B 293 30.24 22.33 7.91
C LEU B 293 29.23 23.11 8.74
N LEU B 294 29.01 24.39 8.41
CA LEU B 294 28.08 25.21 9.16
C LEU B 294 26.79 25.51 8.40
N GLY B 295 26.83 25.51 7.07
CA GLY B 295 25.64 25.82 6.30
C GLY B 295 24.91 24.58 5.81
N HIS B 296 25.65 23.62 5.28
CA HIS B 296 25.01 22.42 4.74
C HIS B 296 24.86 21.34 5.80
N VAL B 297 25.97 20.95 6.43
CA VAL B 297 26.01 19.80 7.34
C VAL B 297 24.95 19.86 8.43
N PRO B 298 24.83 20.96 9.19
CA PRO B 298 23.90 20.92 10.33
C PRO B 298 22.46 20.68 9.93
N MET B 299 21.90 21.52 9.06
CA MET B 299 20.53 21.33 8.61
C MET B 299 20.36 20.03 7.84
N LEU B 300 21.43 19.49 7.27
CA LEU B 300 21.37 18.20 6.60
C LEU B 300 21.10 17.06 7.56
N ALA B 301 21.29 17.26 8.86
CA ALA B 301 21.02 16.23 9.84
C ALA B 301 19.54 15.93 10.01
N ASP B 302 18.66 16.76 9.45
CA ASP B 302 17.22 16.54 9.55
C ASP B 302 16.82 15.42 8.60
N ARG B 303 16.08 14.44 9.12
CA ARG B 303 15.61 13.34 8.29
C ARG B 303 14.70 13.84 7.17
N THR B 304 13.75 14.71 7.51
CA THR B 304 12.82 15.22 6.50
C THR B 304 13.54 16.08 5.48
N PHE B 305 14.44 16.96 5.93
CA PHE B 305 15.19 17.79 5.00
C PHE B 305 16.09 16.96 4.10
N ALA B 306 16.74 15.94 4.67
CA ALA B 306 17.57 15.06 3.87
C ALA B 306 16.73 14.32 2.83
N GLN B 307 15.54 13.88 3.22
CA GLN B 307 14.64 13.22 2.27
C GLN B 307 14.22 14.17 1.16
N PHE B 308 13.94 15.42 1.51
CA PHE B 308 13.55 16.42 0.53
C PHE B 308 14.68 16.67 -0.48
N SER B 309 15.90 16.81 0.03
CA SER B 309 17.07 16.99 -0.83
C SER B 309 17.26 15.77 -1.74
N GLN B 310 17.05 14.59 -1.17
CA GLN B 310 17.18 13.36 -1.94
C GLN B 310 16.13 13.29 -3.04
N ASP B 311 14.91 13.75 -2.76
CA ASP B 311 13.89 13.81 -3.79
C ASP B 311 14.29 14.78 -4.89
N ILE B 312 14.87 15.92 -4.52
CA ILE B 312 15.37 16.85 -5.51
C ILE B 312 16.39 16.17 -6.42
N GLY B 313 17.35 15.49 -5.81
CA GLY B 313 18.36 14.78 -6.55
C GLY B 313 17.78 13.72 -7.47
N LEU B 314 16.79 12.99 -6.96
CA LEU B 314 16.10 11.99 -7.76
C LEU B 314 15.46 12.61 -8.98
N ALA B 315 14.75 13.72 -8.79
CA ALA B 315 14.15 14.42 -9.92
C ALA B 315 15.21 14.90 -10.90
N SER B 316 16.41 15.18 -10.40
CA SER B 316 17.46 15.71 -11.26
C SER B 316 17.96 14.67 -12.27
N LEU B 317 17.73 13.38 -12.02
CA LEU B 317 18.29 12.33 -12.86
C LEU B 317 17.83 12.45 -14.30
N GLY B 318 18.78 12.36 -15.22
CA GLY B 318 18.49 12.29 -16.65
C GLY B 318 17.82 13.53 -17.22
N ALA B 319 17.65 14.55 -16.39
CA ALA B 319 16.99 15.77 -16.84
C ALA B 319 17.88 16.52 -17.82
N SER B 320 17.23 17.20 -18.78
CA SER B 320 17.98 17.97 -19.75
C SER B 320 18.60 19.20 -19.09
N ASP B 321 19.54 19.81 -19.79
CA ASP B 321 20.34 20.89 -19.22
C ASP B 321 19.46 22.02 -18.69
N GLU B 322 18.39 22.34 -19.41
CA GLU B 322 17.46 23.36 -18.92
C GLU B 322 16.87 22.95 -17.58
N GLU B 323 16.41 21.71 -17.47
CA GLU B 323 15.89 21.22 -16.20
C GLU B 323 16.98 21.19 -15.14
N ILE B 324 18.22 20.94 -15.55
CA ILE B 324 19.33 20.98 -14.59
C ILE B 324 19.46 22.39 -14.01
N GLU B 325 19.35 23.40 -14.88
CA GLU B 325 19.40 24.78 -14.41
C GLU B 325 18.25 25.08 -13.48
N LYS B 326 17.05 24.58 -13.82
CA LYS B 326 15.89 24.80 -12.97
C LYS B 326 16.10 24.19 -11.58
N LEU B 327 16.61 22.96 -11.55
CA LEU B 327 16.86 22.30 -10.27
C LEU B 327 17.94 23.02 -9.49
N SER B 328 18.97 23.51 -10.17
CA SER B 328 20.01 24.28 -9.50
C SER B 328 19.44 25.54 -8.86
N THR B 329 18.58 26.25 -9.60
CA THR B 329 17.95 27.44 -9.05
C THR B 329 17.09 27.11 -7.85
N LEU B 330 16.34 26.01 -7.93
CA LEU B 330 15.52 25.60 -6.80
C LEU B 330 16.39 25.27 -5.59
N TYR B 331 17.51 24.60 -5.81
CA TYR B 331 18.45 24.32 -4.73
C TYR B 331 18.97 25.60 -4.11
N TRP B 332 19.32 26.58 -4.95
CA TRP B 332 19.83 27.85 -4.45
C TRP B 332 18.79 28.56 -3.59
N PHE B 333 17.55 28.61 -4.05
CA PHE B 333 16.51 29.32 -3.33
C PHE B 333 15.85 28.50 -2.24
N THR B 334 16.25 27.23 -2.09
CA THR B 334 15.73 26.39 -1.02
C THR B 334 16.83 25.94 -0.07
N VAL B 335 17.90 25.35 -0.58
CA VAL B 335 18.94 24.80 0.29
C VAL B 335 19.93 25.88 0.69
N GLU B 336 20.50 26.58 -0.31
CA GLU B 336 21.48 27.62 -0.01
C GLU B 336 20.83 28.79 0.71
N PHE B 337 19.62 29.16 0.33
CA PHE B 337 18.92 30.30 0.94
C PHE B 337 17.45 29.91 1.11
N GLY B 338 17.15 29.33 2.28
CA GLY B 338 15.79 28.91 2.57
C GLY B 338 15.28 29.45 3.89
N LEU B 339 14.01 29.83 3.92
CA LEU B 339 13.38 30.39 5.11
C LEU B 339 12.24 29.48 5.57
N CYS B 340 12.08 29.39 6.88
CA CYS B 340 11.04 28.55 7.47
C CYS B 340 10.18 29.39 8.39
N LYS B 341 8.91 29.02 8.49
CA LYS B 341 7.96 29.68 9.37
C LYS B 341 7.54 28.67 10.45
N GLN B 342 8.20 28.77 11.61
CA GLN B 342 7.91 27.87 12.71
C GLN B 342 7.83 28.68 14.00
N ASN B 343 7.03 28.18 14.94
CA ASN B 343 6.84 28.82 16.24
C ASN B 343 6.30 30.25 16.09
N GLY B 344 5.64 30.53 14.97
CA GLY B 344 5.11 31.85 14.73
C GLY B 344 6.04 32.77 13.97
N GLU B 345 7.32 32.77 14.34
CA GLU B 345 8.28 33.66 13.70
C GLU B 345 8.95 32.95 12.52
N VAL B 346 9.73 33.71 11.77
CA VAL B 346 10.46 33.18 10.62
C VAL B 346 11.91 33.00 11.00
N LYS B 347 12.47 31.85 10.66
CA LYS B 347 13.88 31.54 10.88
C LYS B 347 14.52 31.16 9.56
N ALA B 348 15.85 31.07 9.57
CA ALA B 348 16.62 30.78 8.38
C ALA B 348 17.30 29.41 8.50
N TYR B 349 17.20 28.63 7.43
CA TYR B 349 17.92 27.37 7.33
C TYR B 349 18.79 27.29 6.08
N GLY B 350 18.82 28.32 5.25
CA GLY B 350 19.62 28.27 4.03
C GLY B 350 21.09 28.11 4.32
N ALA B 351 21.75 27.30 3.49
CA ALA B 351 23.18 27.07 3.65
C ALA B 351 23.97 28.36 3.50
N GLY B 352 23.73 29.10 2.41
CA GLY B 352 24.35 30.40 2.27
C GLY B 352 23.96 31.36 3.36
N LEU B 353 22.70 31.29 3.80
CA LEU B 353 22.27 32.08 4.95
C LEU B 353 23.06 31.71 6.19
N LEU B 354 23.26 30.41 6.40
CA LEU B 354 23.96 29.90 7.57
C LEU B 354 25.47 29.86 7.39
N SER B 355 26.01 30.52 6.36
CA SER B 355 27.44 30.53 6.12
C SER B 355 28.05 31.92 6.07
N SER B 356 27.24 32.98 6.00
CA SER B 356 27.74 34.35 5.95
C SER B 356 27.11 35.15 7.07
N TYR B 357 27.97 35.74 7.92
CA TYR B 357 27.49 36.55 9.03
C TYR B 357 26.74 37.78 8.53
N GLY B 358 27.30 38.48 7.54
CA GLY B 358 26.61 39.61 6.96
C GLY B 358 25.31 39.22 6.30
N GLU B 359 25.31 38.10 5.57
CA GLU B 359 24.07 37.62 4.98
C GLU B 359 23.11 37.13 6.05
N LEU B 360 23.63 36.60 7.15
CA LEU B 360 22.77 36.23 8.27
C LEU B 360 22.04 37.46 8.82
N LEU B 361 22.75 38.57 8.98
CA LEU B 361 22.13 39.80 9.42
C LEU B 361 21.12 40.31 8.39
N HIS B 362 21.50 40.26 7.11
CA HIS B 362 20.67 40.84 6.06
C HIS B 362 19.39 40.05 5.82
N CYS B 363 19.44 38.73 5.97
CA CYS B 363 18.33 37.88 5.59
C CYS B 363 17.08 38.17 6.39
N LEU B 364 17.21 38.28 7.72
CA LEU B 364 16.06 38.54 8.58
C LEU B 364 15.76 40.03 8.71
N SER B 365 16.56 40.89 8.08
CA SER B 365 16.28 42.31 8.07
C SER B 365 15.10 42.59 7.14
N GLU B 366 14.52 43.78 7.26
CA GLU B 366 13.34 44.16 6.50
C GLU B 366 13.67 44.72 5.12
N GLU B 367 14.95 45.04 4.85
CA GLU B 367 15.30 45.54 3.52
C GLU B 367 15.04 44.54 2.41
N PRO B 368 15.49 43.28 2.51
CA PRO B 368 15.25 42.35 1.40
C PRO B 368 13.78 41.96 1.28
N GLU B 369 13.39 41.64 0.05
CA GLU B 369 12.03 41.17 -0.22
C GLU B 369 11.91 39.71 0.21
N ILE B 370 10.81 39.38 0.88
CA ILE B 370 10.53 38.03 1.33
C ILE B 370 9.15 37.62 0.83
N ARG B 371 9.03 36.39 0.36
CA ARG B 371 7.77 35.89 -0.17
C ARG B 371 7.66 34.41 0.15
N ALA B 372 6.44 33.88 0.03
CA ALA B 372 6.22 32.46 0.23
C ALA B 372 6.88 31.66 -0.89
N PHE B 373 7.38 30.48 -0.56
CA PHE B 373 8.07 29.67 -1.54
C PHE B 373 7.10 29.15 -2.60
N ASP B 374 7.54 29.21 -3.86
CA ASP B 374 6.83 28.63 -4.97
C ASP B 374 7.86 27.91 -5.83
N PRO B 375 7.61 26.66 -6.22
CA PRO B 375 8.59 25.91 -7.02
C PRO B 375 8.91 26.59 -8.33
N GLU B 376 7.87 26.88 -9.12
CA GLU B 376 8.08 27.51 -10.42
C GLU B 376 8.71 28.89 -10.26
N ALA B 377 8.21 29.67 -9.29
CA ALA B 377 8.74 31.02 -9.10
C ALA B 377 10.20 31.00 -8.70
N ALA B 378 10.57 30.07 -7.80
CA ALA B 378 11.97 29.93 -7.44
C ALA B 378 12.80 29.37 -8.59
N ALA B 379 12.17 28.66 -9.52
CA ALA B 379 12.88 28.09 -10.66
C ALA B 379 13.07 29.08 -11.80
N VAL B 380 12.45 30.25 -11.74
CA VAL B 380 12.55 31.23 -12.81
C VAL B 380 13.29 32.47 -12.32
N GLN B 381 13.10 32.82 -11.06
CA GLN B 381 13.63 34.06 -10.53
C GLN B 381 15.16 34.03 -10.56
N PRO B 382 15.82 35.09 -11.04
CA PRO B 382 17.29 35.06 -11.17
C PRO B 382 18.01 35.32 -9.86
N TYR B 383 19.34 35.45 -9.93
CA TYR B 383 20.17 35.59 -8.75
C TYR B 383 21.07 36.82 -8.84
N GLN B 384 21.97 36.97 -7.88
CA GLN B 384 23.05 37.95 -7.97
C GLN B 384 24.29 37.35 -7.33
N ASP B 385 25.44 37.90 -7.70
CA ASP B 385 26.73 37.39 -7.25
C ASP B 385 27.50 38.48 -6.53
N GLN B 386 28.26 38.07 -5.51
CA GLN B 386 29.09 38.93 -4.69
C GLN B 386 28.29 39.99 -3.95
N THR B 387 26.96 39.89 -3.96
CA THR B 387 26.09 40.86 -3.30
C THR B 387 25.01 40.11 -2.53
N TYR B 388 24.47 40.78 -1.52
CA TYR B 388 23.43 40.18 -0.71
C TYR B 388 22.18 39.94 -1.53
N GLN B 389 21.53 38.80 -1.28
CA GLN B 389 20.28 38.46 -1.93
C GLN B 389 19.16 39.34 -1.38
N SER B 390 18.34 39.85 -2.29
CA SER B 390 17.22 40.70 -1.90
C SER B 390 15.88 39.98 -1.93
N VAL B 391 15.79 38.87 -2.67
CA VAL B 391 14.55 38.11 -2.80
C VAL B 391 14.73 36.77 -2.09
N TYR B 392 13.77 36.43 -1.23
CA TYR B 392 13.85 35.18 -0.48
C TYR B 392 12.50 34.48 -0.51
N PHE B 393 12.54 33.15 -0.41
CA PHE B 393 11.35 32.32 -0.34
C PHE B 393 11.31 31.61 1.01
N VAL B 394 10.11 31.49 1.57
CA VAL B 394 9.92 30.88 2.87
C VAL B 394 9.01 29.67 2.74
N SER B 395 9.37 28.59 3.45
CA SER B 395 8.55 27.39 3.52
C SER B 395 8.29 27.07 4.97
N GLU B 396 7.04 27.17 5.39
CA GLU B 396 6.71 26.98 6.80
C GLU B 396 7.02 25.56 7.26
N SER B 397 6.82 24.57 6.39
CA SER B 397 7.07 23.18 6.73
C SER B 397 7.84 22.52 5.59
N PHE B 398 8.88 21.77 5.93
CA PHE B 398 9.67 21.08 4.91
C PHE B 398 8.83 20.03 4.18
N SER B 399 7.79 19.52 4.82
CA SER B 399 6.89 18.60 4.14
C SER B 399 6.16 19.28 2.99
N ASP B 400 5.76 20.54 3.18
CA ASP B 400 5.12 21.29 2.11
C ASP B 400 6.06 21.44 0.92
N ALA B 401 7.32 21.80 1.19
CA ALA B 401 8.30 21.89 0.12
C ALA B 401 8.51 20.54 -0.55
N LYS B 402 8.49 19.47 0.24
CA LYS B 402 8.71 18.14 -0.30
C LYS B 402 7.59 17.77 -1.27
N ASP B 403 6.34 18.01 -0.88
CA ASP B 403 5.24 17.64 -1.76
C ASP B 403 5.16 18.56 -2.98
N LYS B 404 5.52 19.84 -2.81
CA LYS B 404 5.60 20.73 -3.97
C LYS B 404 6.66 20.25 -4.95
N LEU B 405 7.80 19.79 -4.44
CA LEU B 405 8.81 19.22 -5.30
C LEU B 405 8.33 17.94 -5.96
N ARG B 406 7.56 17.13 -5.24
CA ARG B 406 6.96 15.94 -5.83
C ARG B 406 6.10 16.33 -7.02
N SER B 407 5.25 17.34 -6.84
CA SER B 407 4.40 17.80 -7.94
C SER B 407 5.22 18.33 -9.10
N TYR B 408 6.27 19.09 -8.80
CA TYR B 408 7.12 19.66 -9.84
C TYR B 408 7.80 18.57 -10.65
N ALA B 409 8.31 17.55 -9.96
CA ALA B 409 8.90 16.41 -10.65
C ALA B 409 7.85 15.67 -11.47
N SER B 410 6.63 15.55 -10.94
CA SER B 410 5.56 14.89 -11.68
C SER B 410 5.28 15.60 -12.99
N ARG B 411 5.17 16.93 -12.95
CA ARG B 411 4.94 17.67 -14.19
C ARG B 411 6.19 17.77 -15.04
N ILE B 412 7.37 17.48 -14.50
CA ILE B 412 8.59 17.45 -15.31
C ILE B 412 8.57 16.18 -16.15
N GLN B 413 8.62 16.35 -17.47
CA GLN B 413 8.59 15.20 -18.37
C GLN B 413 9.94 14.50 -18.37
N ARG B 414 9.90 13.16 -18.31
CA ARG B 414 11.07 12.33 -18.51
C ARG B 414 10.64 11.07 -19.22
N PRO B 415 11.51 10.46 -20.03
CA PRO B 415 11.12 9.24 -20.74
C PRO B 415 11.16 8.02 -19.84
N PHE B 416 11.29 8.24 -18.55
CA PHE B 416 11.46 7.19 -17.56
C PHE B 416 11.23 7.80 -16.18
N SER B 417 11.52 7.04 -15.13
CA SER B 417 11.47 7.55 -13.77
C SER B 417 12.63 6.91 -13.00
N VAL B 418 12.77 7.29 -11.74
CA VAL B 418 13.92 6.87 -10.95
C VAL B 418 13.43 6.42 -9.58
N LYS B 419 13.99 5.32 -9.10
CA LYS B 419 13.75 4.85 -7.74
C LYS B 419 15.08 4.63 -7.05
N PHE B 420 15.12 4.87 -5.75
CA PHE B 420 16.31 4.68 -4.94
C PHE B 420 16.17 3.45 -4.07
N ASP B 421 17.27 2.70 -3.97
CA ASP B 421 17.31 1.50 -3.14
C ASP B 421 18.33 1.68 -2.03
N PRO B 422 17.90 1.96 -0.80
CA PRO B 422 18.86 2.09 0.30
C PRO B 422 19.47 0.79 0.75
N TYR B 423 18.90 -0.36 0.37
CA TYR B 423 19.50 -1.64 0.72
C TYR B 423 20.86 -1.75 0.06
N THR B 424 20.89 -1.67 -1.27
CA THR B 424 22.15 -1.63 -2.00
C THR B 424 22.56 -0.22 -2.39
N LEU B 425 21.80 0.80 -1.99
CA LEU B 425 22.10 2.20 -2.26
C LEU B 425 22.32 2.42 -3.76
N ALA B 426 21.40 1.89 -4.54
CA ALA B 426 21.53 1.92 -5.99
C ALA B 426 20.32 2.64 -6.60
N ILE B 427 20.35 2.77 -7.92
CA ILE B 427 19.29 3.44 -8.67
C ILE B 427 18.78 2.47 -9.73
N ASP B 428 17.47 2.23 -9.73
CA ASP B 428 16.84 1.38 -10.73
C ASP B 428 15.97 2.25 -11.62
N VAL B 429 16.23 2.21 -12.93
CA VAL B 429 15.43 2.97 -13.87
C VAL B 429 14.01 2.43 -13.87
N LEU B 430 13.06 3.30 -14.25
CA LEU B 430 11.64 2.95 -14.27
C LEU B 430 11.13 3.29 -15.67
N ASP B 431 11.28 2.33 -16.58
CA ASP B 431 10.82 2.48 -17.95
C ASP B 431 9.99 1.30 -18.43
N SER B 432 9.89 0.23 -17.65
CA SER B 432 9.07 -0.92 -17.97
C SER B 432 8.26 -1.28 -16.74
N PRO B 433 7.05 -1.79 -16.91
CA PRO B 433 6.23 -2.15 -15.74
C PRO B 433 6.86 -3.23 -14.87
N GLN B 434 7.74 -4.06 -15.43
CA GLN B 434 8.29 -5.17 -14.66
C GLN B 434 9.10 -4.68 -13.47
N ALA B 435 9.89 -3.63 -13.65
CA ALA B 435 10.61 -3.05 -12.52
C ALA B 435 9.64 -2.47 -11.50
N VAL B 436 8.53 -1.89 -11.97
CA VAL B 436 7.51 -1.39 -11.05
C VAL B 436 6.95 -2.52 -10.20
N ARG B 437 6.67 -3.67 -10.83
CA ARG B 437 6.19 -4.83 -10.10
C ARG B 437 7.24 -5.32 -9.11
N ARG B 438 8.50 -5.30 -9.53
CA ARG B 438 9.59 -5.74 -8.65
C ARG B 438 9.65 -4.88 -7.39
N SER B 439 9.54 -3.56 -7.57
CA SER B 439 9.52 -2.64 -6.44
C SER B 439 8.28 -2.87 -5.58
N LEU B 440 7.12 -3.02 -6.23
CA LEU B 440 5.87 -3.22 -5.52
C LEU B 440 5.87 -4.49 -4.70
N GLU B 441 6.61 -5.51 -5.13
CA GLU B 441 6.70 -6.74 -4.35
C GLU B 441 7.35 -6.47 -3.00
N GLY B 442 8.47 -5.74 -3.00
CA GLY B 442 9.09 -5.35 -1.74
C GLY B 442 8.19 -4.45 -0.92
N VAL B 443 7.45 -3.56 -1.58
CA VAL B 443 6.50 -2.71 -0.87
C VAL B 443 5.46 -3.57 -0.15
N GLN B 444 4.92 -4.56 -0.86
CA GLN B 444 3.93 -5.46 -0.27
C GLN B 444 4.52 -6.28 0.86
N ASP B 445 5.78 -6.71 0.72
CA ASP B 445 6.43 -7.44 1.80
C ASP B 445 6.56 -6.57 3.05
N GLU B 446 6.93 -5.31 2.87
CA GLU B 446 7.02 -4.40 4.00
C GLU B 446 5.63 -4.18 4.61
N LEU B 447 4.61 -4.10 3.77
CA LEU B 447 3.24 -3.97 4.27
C LEU B 447 2.84 -5.19 5.08
N ASP B 448 3.19 -6.39 4.61
CA ASP B 448 2.90 -7.60 5.37
C ASP B 448 3.62 -7.61 6.71
N THR B 449 4.88 -7.16 6.71
CA THR B 449 5.62 -7.05 7.96
C THR B 449 4.93 -6.08 8.92
N LEU B 450 4.47 -4.95 8.39
CA LEU B 450 3.76 -3.97 9.21
C LEU B 450 2.47 -4.57 9.76
N ALA B 451 1.76 -5.35 8.94
CA ALA B 451 0.53 -5.99 9.40
C ALA B 451 0.82 -6.98 10.51
N HIS B 452 1.91 -7.74 10.36
CA HIS B 452 2.31 -8.67 11.41
C HIS B 452 2.64 -7.93 12.69
N ALA B 453 3.34 -6.81 12.57
CA ALA B 453 3.66 -5.98 13.73
C ALA B 453 2.38 -5.50 14.41
N LEU B 454 1.43 -5.01 13.61
CA LEU B 454 0.18 -4.50 14.15
C LEU B 454 -0.61 -5.60 14.85
N SER B 455 -0.60 -6.80 14.28
CA SER B 455 -1.22 -7.93 14.95
C SER B 455 -0.53 -8.24 16.27
N ALA B 456 0.80 -8.16 16.29
CA ALA B 456 1.55 -8.45 17.51
C ALA B 456 1.24 -7.44 18.61
N ILE B 457 1.26 -6.15 18.27
CA ILE B 457 0.97 -5.13 19.26
C ILE B 457 -0.48 -5.23 19.68
N GLY B 458 -0.75 -4.91 20.95
CA GLY B 458 -2.09 -4.96 21.48
C GLY B 458 -2.45 -6.35 22.01
N SER C 1 -23.34 -31.18 -14.60
CA SER C 1 -23.60 -31.07 -16.04
C SER C 1 -23.10 -29.75 -16.60
N LEU C 2 -22.50 -28.93 -15.73
CA LEU C 2 -21.97 -27.65 -16.16
C LEU C 2 -20.71 -27.80 -17.02
N ILE C 3 -19.89 -28.80 -16.74
CA ILE C 3 -18.80 -29.13 -17.64
C ILE C 3 -19.36 -29.54 -19.00
N GLU C 4 -20.46 -30.30 -18.99
CA GLU C 4 -21.18 -30.59 -20.23
C GLU C 4 -21.68 -29.29 -20.85
N ASP C 5 -22.15 -28.35 -20.03
CA ASP C 5 -22.60 -27.06 -20.55
C ASP C 5 -21.45 -26.30 -21.21
N ALA C 6 -20.28 -26.27 -20.56
CA ALA C 6 -19.14 -25.57 -21.14
C ALA C 6 -18.68 -26.24 -22.43
N ARG C 7 -18.66 -27.58 -22.44
CA ARG C 7 -18.28 -28.31 -23.65
C ARG C 7 -19.26 -28.03 -24.79
N LYS C 8 -20.56 -28.03 -24.48
CA LYS C 8 -21.56 -27.72 -25.50
C LYS C 8 -21.40 -26.30 -26.02
N GLU C 9 -21.13 -25.35 -25.12
CA GLU C 9 -20.94 -23.97 -25.54
C GLU C 9 -19.73 -23.84 -26.46
N ARG C 10 -18.61 -24.48 -26.10
CA ARG C 10 -17.42 -24.34 -26.92
C ARG C 10 -17.55 -25.07 -28.25
N GLU C 11 -18.23 -26.23 -28.28
CA GLU C 11 -18.42 -26.91 -29.54
C GLU C 11 -19.40 -26.15 -30.43
N ALA C 12 -20.41 -25.51 -29.85
CA ALA C 12 -21.28 -24.65 -30.63
C ALA C 12 -20.52 -23.47 -31.19
N ALA C 13 -19.64 -22.87 -30.39
CA ALA C 13 -18.84 -21.75 -30.87
C ALA C 13 -17.93 -22.16 -32.02
N VAL C 14 -17.28 -23.32 -31.88
CA VAL C 14 -16.37 -23.76 -32.95
C VAL C 14 -17.15 -24.17 -34.19
N ALA C 15 -18.37 -24.71 -34.02
CA ALA C 15 -19.21 -25.02 -35.17
C ALA C 15 -19.62 -23.75 -35.89
N ALA C 16 -19.95 -22.70 -35.13
CA ALA C 16 -20.21 -21.40 -35.73
C ALA C 16 -18.98 -20.89 -36.48
N ALA C 17 -17.80 -21.06 -35.88
CA ALA C 17 -16.56 -20.77 -36.60
C ALA C 17 -16.40 -21.70 -37.79
N ALA C 18 -16.72 -22.98 -37.62
CA ALA C 18 -16.72 -23.91 -38.75
C ALA C 18 -17.77 -23.58 -39.79
N ALA C 19 -18.81 -22.82 -39.43
CA ALA C 19 -19.80 -22.34 -40.37
C ALA C 19 -19.61 -20.88 -40.72
N ALA C 20 -18.52 -20.26 -40.29
CA ALA C 20 -18.23 -18.86 -40.59
C ALA C 20 -17.47 -18.69 -41.89
N VAL C 21 -17.52 -19.69 -42.76
CA VAL C 21 -16.84 -19.62 -44.06
C VAL C 21 -17.89 -19.26 -45.11
N PRO C 22 -17.52 -18.53 -46.17
CA PRO C 22 -18.49 -18.18 -47.20
C PRO C 22 -19.01 -19.43 -47.90
N SER C 23 -20.30 -19.37 -48.30
CA SER C 23 -20.91 -20.50 -48.97
C SER C 23 -20.23 -20.78 -50.31
N GLU C 24 -19.67 -19.75 -50.94
CA GLU C 24 -19.03 -19.90 -52.24
C GLU C 24 -17.51 -19.91 -52.06
N PRO C 25 -16.84 -21.04 -52.22
CA PRO C 25 -15.38 -21.06 -52.15
C PRO C 25 -14.75 -20.58 -53.44
N GLY C 26 -13.43 -20.53 -53.43
CA GLY C 26 -12.66 -20.14 -54.60
C GLY C 26 -12.15 -18.71 -54.58
N ASP C 27 -12.49 -17.92 -53.57
CA ASP C 27 -11.99 -16.56 -53.47
C ASP C 27 -10.90 -16.47 -52.42
N PRO C 28 -9.65 -16.26 -52.81
CA PRO C 28 -8.57 -16.12 -51.82
C PRO C 28 -8.65 -14.84 -50.99
N LEU C 29 -9.69 -14.03 -51.18
CA LEU C 29 -9.87 -12.77 -50.45
C LEU C 29 -10.99 -12.91 -49.42
N GLU C 30 -11.44 -14.15 -49.19
CA GLU C 30 -12.54 -14.40 -48.27
C GLU C 30 -12.07 -14.50 -46.81
N ALA C 31 -10.77 -14.65 -46.58
CA ALA C 31 -10.23 -14.79 -45.23
C ALA C 31 -9.76 -13.46 -44.64
N VAL C 32 -9.91 -12.36 -45.36
CA VAL C 32 -9.46 -11.05 -44.89
C VAL C 32 -10.58 -10.49 -44.01
N ALA C 33 -10.46 -10.72 -42.71
CA ALA C 33 -11.43 -10.19 -41.77
C ALA C 33 -11.36 -8.67 -41.74
N PHE C 34 -12.52 -8.03 -41.87
CA PHE C 34 -12.60 -6.58 -41.88
C PHE C 34 -13.90 -6.13 -41.23
N GLU C 35 -13.90 -4.92 -40.70
CA GLU C 35 -15.08 -4.27 -40.17
C GLU C 35 -15.18 -2.88 -40.76
N GLU C 36 -16.41 -2.39 -40.91
CA GLU C 36 -16.67 -1.12 -41.56
C GLU C 36 -17.01 -0.06 -40.52
N LYS C 37 -16.37 1.09 -40.62
CA LYS C 37 -16.54 2.20 -39.68
C LYS C 37 -16.74 3.49 -40.46
N GLU C 38 -17.86 4.16 -40.22
CA GLU C 38 -18.17 5.47 -40.80
C GLU C 38 -18.12 5.47 -42.33
N GLY C 39 -18.60 4.40 -42.96
CA GLY C 39 -18.58 4.30 -44.40
C GLY C 39 -17.34 3.69 -45.00
N LYS C 40 -16.25 3.61 -44.23
CA LYS C 40 -15.04 2.94 -44.65
C LYS C 40 -14.82 1.73 -43.75
N ALA C 41 -13.85 0.90 -44.10
CA ALA C 41 -13.60 -0.36 -43.42
C ALA C 41 -12.17 -0.36 -42.88
N MET C 42 -12.03 -0.66 -41.59
CA MET C 42 -10.73 -0.77 -40.94
C MET C 42 -10.41 -2.24 -40.73
N LEU C 43 -9.19 -2.63 -41.10
CA LEU C 43 -8.80 -4.04 -41.11
C LEU C 43 -7.28 -4.12 -41.09
N ASN C 44 -6.76 -5.33 -41.32
CA ASN C 44 -5.35 -5.61 -41.15
C ASN C 44 -4.97 -6.82 -41.99
N LEU C 45 -3.71 -6.85 -42.42
CA LEU C 45 -3.17 -7.94 -43.23
C LEU C 45 -1.75 -8.26 -42.77
N LEU C 46 -1.41 -9.55 -42.74
CA LEU C 46 -0.07 -10.01 -42.40
C LEU C 46 0.51 -10.79 -43.57
N PHE C 47 1.84 -10.71 -43.72
CA PHE C 47 2.56 -11.45 -44.75
C PHE C 47 3.75 -12.14 -44.09
N SER C 48 4.03 -13.37 -44.52
CA SER C 48 5.18 -14.13 -44.04
C SER C 48 6.00 -14.56 -45.24
N PRO C 49 6.73 -13.65 -45.90
CA PRO C 49 7.57 -14.06 -47.02
C PRO C 49 8.93 -14.56 -46.55
N ARG C 50 9.41 -15.65 -47.13
CA ARG C 50 10.65 -16.27 -46.68
C ARG C 50 11.85 -15.51 -47.25
N ALA C 51 13.05 -15.96 -46.90
CA ALA C 51 14.32 -15.39 -47.37
C ALA C 51 14.39 -13.91 -46.96
N THR C 52 15.23 -13.13 -47.64
CA THR C 52 15.35 -11.69 -47.37
C THR C 52 15.24 -10.82 -48.62
N LYS C 53 15.65 -11.29 -49.80
CA LYS C 53 15.51 -10.54 -51.04
C LYS C 53 14.05 -10.31 -51.40
N PRO C 54 13.17 -11.33 -51.32
CA PRO C 54 11.75 -11.02 -51.62
C PRO C 54 11.10 -10.17 -50.54
N SER C 55 11.36 -8.87 -50.62
CA SER C 55 10.83 -7.87 -49.71
C SER C 55 9.92 -6.90 -50.47
N ALA C 56 9.00 -7.47 -51.24
CA ALA C 56 8.10 -6.68 -52.09
C ALA C 56 6.89 -6.15 -51.33
N LEU C 57 7.01 -6.04 -49.99
CA LEU C 57 5.99 -5.41 -49.18
C LEU C 57 5.69 -3.99 -49.63
N SER C 58 6.67 -3.33 -50.26
CA SER C 58 6.43 -2.02 -50.85
C SER C 58 5.21 -2.06 -51.76
N ARG C 59 5.12 -3.07 -52.63
CA ARG C 59 3.95 -3.22 -53.47
C ARG C 59 2.67 -3.27 -52.65
N ALA C 60 2.67 -4.03 -51.55
CA ALA C 60 1.51 -4.04 -50.66
C ALA C 60 1.24 -2.65 -50.12
N VAL C 61 2.28 -1.93 -49.69
CA VAL C 61 2.06 -0.56 -49.24
C VAL C 61 1.88 0.37 -50.43
N LYS C 62 2.29 -0.05 -51.62
CA LYS C 62 1.85 0.66 -52.82
C LYS C 62 0.38 0.41 -53.07
N VAL C 63 -0.14 -0.72 -52.60
CA VAL C 63 -1.58 -0.99 -52.69
C VAL C 63 -2.34 -0.08 -51.73
N PHE C 64 -1.84 0.05 -50.50
CA PHE C 64 -2.60 0.73 -49.46
C PHE C 64 -2.87 2.18 -49.82
N GLU C 65 -1.88 2.86 -50.39
CA GLU C 65 -2.05 4.26 -50.76
C GLU C 65 -2.74 4.42 -52.11
N THR C 66 -3.03 3.32 -52.81
CA THR C 66 -3.58 3.45 -54.17
C THR C 66 -4.99 4.01 -54.15
N PHE C 67 -5.65 4.01 -52.98
CA PHE C 67 -6.99 4.58 -52.85
C PHE C 67 -7.09 5.62 -51.74
N GLU C 68 -5.97 6.25 -51.38
CA GLU C 68 -5.95 7.28 -50.34
C GLU C 68 -6.58 6.78 -49.04
N ALA C 69 -6.25 5.56 -48.66
CA ALA C 69 -6.81 4.96 -47.46
C ALA C 69 -6.31 5.69 -46.21
N LYS C 70 -6.99 5.45 -45.10
CA LYS C 70 -6.62 6.02 -43.81
C LYS C 70 -5.87 4.96 -43.03
N ILE C 71 -4.56 5.15 -42.86
CA ILE C 71 -3.71 4.17 -42.22
C ILE C 71 -3.67 4.45 -40.73
N HIS C 72 -4.09 3.46 -39.93
CA HIS C 72 -4.02 3.62 -38.48
C HIS C 72 -2.61 3.37 -37.98
N HIS C 73 -2.02 2.23 -38.34
CA HIS C 73 -0.66 1.92 -37.94
C HIS C 73 -0.01 0.90 -38.86
N LEU C 74 1.02 1.31 -39.57
CA LEU C 74 1.82 0.37 -40.35
C LEU C 74 3.11 0.07 -39.61
N GLU C 75 3.46 -1.21 -39.55
CA GLU C 75 4.70 -1.63 -38.90
C GLU C 75 5.32 -2.76 -39.69
N THR C 76 6.64 -2.89 -39.57
CA THR C 76 7.38 -3.97 -40.21
C THR C 76 8.55 -4.36 -39.33
N ARG C 77 8.67 -5.66 -39.05
CA ARG C 77 9.73 -6.16 -38.21
C ARG C 77 10.03 -7.62 -38.54
N PRO C 78 11.05 -7.88 -39.34
CA PRO C 78 11.40 -9.28 -39.66
C PRO C 78 11.69 -10.08 -38.41
N ALA C 79 11.24 -11.33 -38.41
CA ALA C 79 11.37 -12.18 -37.24
C ALA C 79 12.80 -12.73 -37.14
N GLN C 80 13.00 -13.62 -36.18
CA GLN C 80 14.28 -14.28 -35.90
C GLN C 80 15.29 -13.28 -35.35
N ARG C 81 14.92 -12.00 -35.28
CA ARG C 81 15.78 -11.03 -34.59
C ARG C 81 15.57 -11.04 -33.09
N PRO C 82 14.34 -10.85 -32.54
CA PRO C 82 14.20 -10.92 -31.07
C PRO C 82 14.25 -12.36 -30.56
N ARG C 83 13.56 -13.26 -31.24
CA ARG C 83 13.53 -14.68 -30.85
C ARG C 83 13.69 -15.52 -32.11
N ALA C 84 14.54 -16.54 -32.03
CA ALA C 84 14.89 -17.36 -33.18
C ALA C 84 14.36 -18.77 -33.00
N GLY C 85 13.75 -19.29 -34.06
CA GLY C 85 13.28 -20.66 -34.10
C GLY C 85 11.86 -20.89 -33.64
N GLY C 86 11.19 -19.88 -33.09
CA GLY C 86 9.82 -20.04 -32.66
C GLY C 86 8.81 -19.16 -33.38
N PRO C 87 9.19 -17.92 -33.70
CA PRO C 87 8.30 -17.10 -34.54
C PRO C 87 8.56 -17.29 -36.03
N HIS C 88 7.80 -16.57 -36.85
CA HIS C 88 8.00 -16.59 -38.29
C HIS C 88 7.84 -15.17 -38.82
N LEU C 89 8.15 -15.00 -40.11
CA LEU C 89 8.13 -13.68 -40.74
C LEU C 89 6.77 -13.02 -40.61
N GLU C 90 6.76 -11.75 -40.24
CA GLU C 90 5.51 -11.01 -40.06
C GLU C 90 5.80 -9.53 -40.17
N TYR C 91 4.73 -8.77 -40.44
CA TYR C 91 4.79 -7.31 -40.41
C TYR C 91 3.36 -6.83 -40.29
N PHE C 92 3.12 -5.90 -39.37
CA PHE C 92 1.77 -5.54 -38.96
C PHE C 92 1.27 -4.32 -39.72
N VAL C 93 0.06 -4.43 -40.25
CA VAL C 93 -0.65 -3.30 -40.84
C VAL C 93 -1.99 -3.17 -40.14
N ARG C 94 -2.48 -1.94 -40.04
CA ARG C 94 -3.87 -1.68 -39.66
C ARG C 94 -4.29 -0.40 -40.36
N LEU C 95 -5.28 -0.52 -41.24
CA LEU C 95 -5.60 0.57 -42.15
C LEU C 95 -7.10 0.61 -42.41
N GLU C 96 -7.57 1.79 -42.80
CA GLU C 96 -8.97 2.03 -43.12
C GLU C 96 -9.08 2.49 -44.56
N VAL C 97 -9.85 1.75 -45.36
CA VAL C 97 -10.01 2.03 -46.78
C VAL C 97 -11.49 2.16 -47.09
N ARG C 98 -11.80 2.91 -48.16
CA ARG C 98 -13.18 2.98 -48.63
C ARG C 98 -13.71 1.58 -48.90
N ARG C 99 -14.91 1.30 -48.38
CA ARG C 99 -15.43 -0.07 -48.41
C ARG C 99 -15.56 -0.60 -49.83
N GLY C 100 -15.80 0.28 -50.80
CA GLY C 100 -15.77 -0.13 -52.19
C GLY C 100 -14.36 -0.24 -52.71
N ASP C 101 -13.52 0.73 -52.35
CA ASP C 101 -12.11 0.68 -52.73
C ASP C 101 -11.33 -0.37 -51.96
N LEU C 102 -11.86 -0.83 -50.83
CA LEU C 102 -11.16 -1.81 -50.01
C LEU C 102 -10.92 -3.10 -50.78
N ALA C 103 -11.98 -3.68 -51.34
CA ALA C 103 -11.82 -4.90 -52.12
C ALA C 103 -11.01 -4.64 -53.38
N ALA C 104 -11.17 -3.46 -53.99
CA ALA C 104 -10.45 -3.14 -55.22
C ALA C 104 -8.95 -3.16 -54.99
N LEU C 105 -8.48 -2.56 -53.89
CA LEU C 105 -7.04 -2.59 -53.63
C LEU C 105 -6.62 -3.89 -52.96
N LEU C 106 -7.52 -4.60 -52.29
CA LEU C 106 -7.18 -5.91 -51.78
C LEU C 106 -6.91 -6.88 -52.93
N SER C 107 -7.57 -6.66 -54.07
CA SER C 107 -7.23 -7.42 -55.26
C SER C 107 -5.77 -7.22 -55.66
N GLY C 108 -5.31 -5.97 -55.63
CA GLY C 108 -3.91 -5.71 -55.91
C GLY C 108 -2.97 -6.25 -54.84
N VAL C 109 -3.41 -6.20 -53.58
CA VAL C 109 -2.57 -6.71 -52.50
C VAL C 109 -2.48 -8.23 -52.56
N ARG C 110 -3.44 -8.88 -53.23
CA ARG C 110 -3.32 -10.30 -53.48
C ARG C 110 -2.13 -10.62 -54.36
N GLN C 111 -1.68 -9.65 -55.16
CA GLN C 111 -0.47 -9.81 -55.96
C GLN C 111 0.80 -9.80 -55.10
N VAL C 112 0.68 -9.45 -53.81
CA VAL C 112 1.83 -9.43 -52.93
C VAL C 112 1.86 -10.63 -51.99
N SER C 113 0.73 -11.03 -51.41
CA SER C 113 0.69 -12.11 -50.44
C SER C 113 -0.49 -13.02 -50.74
N GLU C 114 -0.28 -14.33 -50.56
CA GLU C 114 -1.32 -15.30 -50.84
C GLU C 114 -1.54 -16.27 -49.68
N ASP C 115 -0.47 -16.66 -49.00
CA ASP C 115 -0.51 -17.78 -48.05
C ASP C 115 -0.55 -17.33 -46.59
N VAL C 116 -1.00 -16.11 -46.30
CA VAL C 116 -1.01 -15.62 -44.93
C VAL C 116 -2.38 -15.05 -44.60
N ARG C 117 -2.53 -14.51 -43.40
CA ARG C 117 -3.81 -14.07 -42.86
C ARG C 117 -3.67 -12.65 -42.33
N SER C 118 -4.71 -12.20 -41.64
CA SER C 118 -4.63 -10.92 -40.93
C SER C 118 -3.83 -11.11 -39.64
N PRO C 119 -3.12 -10.08 -39.17
CA PRO C 119 -2.31 -10.24 -37.95
C PRO C 119 -3.12 -10.21 -36.67
N ALA C 120 -4.31 -9.61 -36.68
CA ALA C 120 -5.13 -9.56 -35.48
C ALA C 120 -5.91 -10.85 -35.30
N GLY C 121 -5.55 -11.61 -34.26
CA GLY C 121 -6.23 -12.84 -33.95
C GLY C 121 -7.55 -12.60 -33.25
N PRO C 122 -7.90 -13.48 -32.31
CA PRO C 122 -9.13 -13.25 -31.53
C PRO C 122 -9.03 -11.97 -30.72
N LYS C 123 -9.96 -11.05 -30.96
CA LYS C 123 -9.91 -9.76 -30.29
C LYS C 123 -10.27 -9.91 -28.83
N VAL C 124 -11.52 -10.29 -28.56
CA VAL C 124 -12.00 -10.60 -27.22
C VAL C 124 -13.41 -11.15 -27.32
N PRO C 125 -13.80 -12.09 -26.46
CA PRO C 125 -15.23 -12.36 -26.29
C PRO C 125 -15.85 -11.26 -25.44
N TRP C 126 -16.93 -10.68 -25.97
CA TRP C 126 -17.52 -9.52 -25.31
C TRP C 126 -18.01 -9.88 -23.92
N PHE C 127 -17.85 -8.92 -22.99
CA PHE C 127 -18.31 -9.09 -21.62
C PHE C 127 -18.90 -7.79 -21.15
N PRO C 128 -19.85 -7.82 -20.21
CA PRO C 128 -20.43 -6.58 -19.70
C PRO C 128 -19.43 -5.82 -18.84
N ARG C 129 -19.77 -4.58 -18.55
CA ARG C 129 -18.96 -3.72 -17.71
C ARG C 129 -19.67 -3.33 -16.42
N LYS C 130 -20.99 -3.27 -16.42
CA LYS C 130 -21.78 -2.94 -15.24
C LYS C 130 -22.92 -3.94 -15.12
N VAL C 131 -23.61 -3.87 -13.98
CA VAL C 131 -24.71 -4.79 -13.71
C VAL C 131 -25.86 -4.60 -14.69
N SER C 132 -26.12 -3.35 -15.10
CA SER C 132 -27.26 -3.03 -15.93
C SER C 132 -27.24 -3.77 -17.26
N GLU C 133 -26.12 -3.65 -17.99
CA GLU C 133 -26.02 -4.37 -19.25
C GLU C 133 -25.98 -5.88 -19.04
N LEU C 134 -25.38 -6.34 -17.94
CA LEU C 134 -25.40 -7.76 -17.62
C LEU C 134 -26.81 -8.32 -17.64
N ASP C 135 -27.78 -7.58 -17.11
CA ASP C 135 -29.16 -7.99 -17.19
C ASP C 135 -29.73 -7.77 -18.59
N LYS C 136 -29.55 -6.56 -19.12
CA LYS C 136 -30.28 -6.17 -20.32
C LYS C 136 -29.88 -6.99 -21.55
N CYS C 137 -28.58 -7.09 -21.82
CA CYS C 137 -28.14 -7.80 -23.02
C CYS C 137 -28.35 -9.31 -22.88
N HIS C 138 -28.07 -9.85 -21.71
CA HIS C 138 -28.15 -11.29 -21.50
C HIS C 138 -29.57 -11.79 -21.28
N HIS C 139 -30.53 -10.89 -21.10
CA HIS C 139 -31.93 -11.26 -21.29
C HIS C 139 -32.37 -11.12 -22.74
N LEU C 140 -31.84 -10.12 -23.46
CA LEU C 140 -32.12 -9.98 -24.87
C LEU C 140 -31.46 -11.08 -25.70
N VAL C 141 -30.26 -11.52 -25.30
CA VAL C 141 -29.61 -12.60 -26.03
C VAL C 141 -30.24 -13.95 -25.68
N THR C 142 -30.96 -14.02 -24.57
CA THR C 142 -31.61 -15.25 -24.11
C THR C 142 -33.13 -15.16 -24.20
N LYS C 143 -33.64 -14.54 -25.26
CA LYS C 143 -35.07 -14.35 -25.43
C LYS C 143 -35.68 -15.49 -26.24
N PHE C 144 -36.93 -15.81 -25.95
CA PHE C 144 -37.72 -16.80 -26.69
C PHE C 144 -36.99 -18.15 -26.73
N ASP C 145 -36.80 -18.72 -25.55
CA ASP C 145 -36.13 -20.01 -25.43
C ASP C 145 -36.73 -20.81 -24.29
N PRO C 146 -37.78 -21.59 -24.55
CA PRO C 146 -38.39 -22.40 -23.50
C PRO C 146 -37.64 -23.70 -23.27
N ASP C 147 -37.78 -24.22 -22.05
CA ASP C 147 -37.19 -25.49 -21.69
C ASP C 147 -38.19 -26.62 -21.92
N LEU C 148 -37.71 -27.69 -22.55
CA LEU C 148 -38.57 -28.84 -22.88
C LEU C 148 -38.52 -29.91 -21.80
N ASP C 149 -37.33 -30.46 -21.54
CA ASP C 149 -37.06 -31.46 -20.51
C ASP C 149 -38.12 -32.54 -20.40
N LEU C 150 -38.73 -32.91 -21.54
CA LEU C 150 -39.78 -33.92 -21.52
C LEU C 150 -39.19 -35.30 -21.28
N ASP C 151 -38.09 -35.62 -21.96
CA ASP C 151 -37.41 -36.90 -21.73
C ASP C 151 -36.84 -37.02 -20.33
N HIS C 152 -36.65 -35.90 -19.63
CA HIS C 152 -36.15 -35.94 -18.27
C HIS C 152 -37.19 -36.59 -17.36
N PRO C 153 -36.77 -37.13 -16.22
CA PRO C 153 -37.71 -37.81 -15.33
C PRO C 153 -38.85 -36.88 -14.91
N GLY C 154 -40.07 -37.43 -14.88
CA GLY C 154 -41.23 -36.60 -14.64
C GLY C 154 -41.44 -35.61 -15.77
N PHE C 155 -41.91 -34.42 -15.40
CA PHE C 155 -42.06 -33.29 -16.31
C PHE C 155 -43.09 -33.57 -17.41
N SER C 156 -43.86 -34.64 -17.25
CA SER C 156 -44.98 -34.91 -18.13
C SER C 156 -46.28 -34.29 -17.66
N ASP C 157 -46.31 -33.78 -16.42
CA ASP C 157 -47.50 -33.13 -15.90
C ASP C 157 -47.64 -31.74 -16.49
N GLN C 158 -48.84 -31.41 -16.96
CA GLN C 158 -49.07 -30.09 -17.53
C GLN C 158 -48.91 -29.00 -16.49
N VAL C 159 -49.23 -29.29 -15.22
CA VAL C 159 -49.09 -28.30 -14.17
C VAL C 159 -47.63 -27.90 -14.00
N TYR C 160 -46.71 -28.86 -14.15
CA TYR C 160 -45.30 -28.54 -14.12
C TYR C 160 -44.94 -27.60 -15.26
N ARG C 161 -45.50 -27.84 -16.44
CA ARG C 161 -45.24 -26.96 -17.58
C ARG C 161 -45.76 -25.55 -17.30
N GLN C 162 -46.94 -25.45 -16.70
CA GLN C 162 -47.49 -24.13 -16.37
C GLN C 162 -46.62 -23.41 -15.35
N ARG C 163 -46.13 -24.14 -14.35
CA ARG C 163 -45.24 -23.55 -13.37
C ARG C 163 -43.95 -23.07 -14.02
N ARG C 164 -43.41 -23.86 -14.96
CA ARG C 164 -42.23 -23.44 -15.69
C ARG C 164 -42.51 -22.18 -16.50
N LYS C 165 -43.69 -22.10 -17.12
CA LYS C 165 -44.07 -20.90 -17.85
C LYS C 165 -44.09 -19.69 -16.93
N LEU C 166 -44.69 -19.85 -15.74
CA LEU C 166 -44.77 -18.75 -14.79
C LEU C 166 -43.37 -18.29 -14.37
N ILE C 167 -42.50 -19.24 -14.04
CA ILE C 167 -41.16 -18.90 -13.60
C ILE C 167 -40.39 -18.20 -14.71
N ALA C 168 -40.53 -18.71 -15.94
CA ALA C 168 -39.84 -18.11 -17.08
C ALA C 168 -40.34 -16.69 -17.32
N GLU C 169 -41.65 -16.47 -17.20
CA GLU C 169 -42.18 -15.12 -17.37
C GLU C 169 -41.65 -14.19 -16.30
N ILE C 170 -41.62 -14.66 -15.05
CA ILE C 170 -41.15 -13.81 -13.96
C ILE C 170 -39.69 -13.44 -14.16
N ALA C 171 -38.85 -14.45 -14.43
CA ALA C 171 -37.42 -14.20 -14.54
C ALA C 171 -37.08 -13.38 -15.78
N PHE C 172 -37.61 -13.79 -16.95
CA PHE C 172 -37.23 -13.16 -18.20
C PHE C 172 -37.71 -11.72 -18.28
N GLN C 173 -38.83 -11.40 -17.62
CA GLN C 173 -39.36 -10.05 -17.61
C GLN C 173 -38.85 -9.24 -16.42
N TYR C 174 -37.91 -9.79 -15.64
CA TYR C 174 -37.36 -9.11 -14.49
C TYR C 174 -36.16 -8.25 -14.89
N ARG C 175 -36.16 -7.01 -14.43
CA ARG C 175 -35.08 -6.08 -14.73
C ARG C 175 -34.25 -5.81 -13.49
N HIS C 176 -33.04 -5.32 -13.71
CA HIS C 176 -32.13 -5.05 -12.61
C HIS C 176 -32.64 -3.91 -11.75
N GLY C 177 -32.44 -4.02 -10.45
CA GLY C 177 -32.86 -3.00 -9.50
C GLY C 177 -34.27 -3.22 -9.00
N ASP C 178 -35.06 -3.96 -9.77
CA ASP C 178 -36.43 -4.23 -9.38
C ASP C 178 -36.46 -5.22 -8.22
N PRO C 179 -37.47 -5.18 -7.36
CA PRO C 179 -37.61 -6.19 -6.32
C PRO C 179 -38.04 -7.53 -6.92
N ILE C 180 -37.80 -8.59 -6.16
CA ILE C 180 -38.16 -9.94 -6.59
C ILE C 180 -39.68 -10.09 -6.55
N PRO C 181 -40.32 -10.41 -7.68
CA PRO C 181 -41.76 -10.68 -7.64
C PRO C 181 -42.05 -11.96 -6.87
N ARG C 182 -42.84 -11.83 -5.80
CA ARG C 182 -43.15 -12.98 -4.97
C ARG C 182 -43.96 -14.01 -5.76
N VAL C 183 -43.63 -15.28 -5.57
CA VAL C 183 -44.27 -16.38 -6.27
C VAL C 183 -44.92 -17.30 -5.25
N GLU C 184 -46.19 -17.64 -5.50
CA GLU C 184 -46.93 -18.50 -4.60
C GLU C 184 -46.42 -19.93 -4.70
N TYR C 185 -46.83 -20.76 -3.76
CA TYR C 185 -46.43 -22.17 -3.72
C TYR C 185 -47.58 -23.00 -3.20
N THR C 186 -48.11 -23.89 -4.03
CA THR C 186 -49.20 -24.75 -3.63
C THR C 186 -48.71 -25.83 -2.65
N ALA C 187 -49.62 -26.72 -2.27
CA ALA C 187 -49.34 -27.69 -1.22
C ALA C 187 -48.26 -28.69 -1.62
N GLU C 188 -48.20 -29.06 -2.91
CA GLU C 188 -47.27 -30.09 -3.33
C GLU C 188 -45.82 -29.63 -3.19
N GLU C 189 -45.50 -28.44 -3.72
CA GLU C 189 -44.12 -27.97 -3.67
C GLU C 189 -43.70 -27.68 -2.23
N ILE C 190 -44.59 -27.12 -1.42
CA ILE C 190 -44.23 -26.86 -0.03
C ILE C 190 -44.06 -28.16 0.74
N ALA C 191 -44.84 -29.19 0.41
CA ALA C 191 -44.67 -30.49 1.07
C ALA C 191 -43.33 -31.10 0.70
N THR C 192 -42.97 -31.05 -0.58
CA THR C 192 -41.66 -31.54 -1.01
C THR C 192 -40.54 -30.76 -0.37
N TRP C 193 -40.70 -29.44 -0.26
CA TRP C 193 -39.73 -28.59 0.41
C TRP C 193 -39.59 -28.99 1.87
N LYS C 194 -40.72 -29.26 2.53
CA LYS C 194 -40.67 -29.71 3.93
C LYS C 194 -39.92 -31.02 4.05
N GLU C 195 -40.20 -31.96 3.15
CA GLU C 195 -39.53 -33.25 3.20
C GLU C 195 -38.02 -33.10 3.03
N VAL C 196 -37.60 -32.38 1.99
CA VAL C 196 -36.18 -32.23 1.73
C VAL C 196 -35.50 -31.42 2.83
N TYR C 197 -36.20 -30.41 3.36
CA TYR C 197 -35.67 -29.61 4.45
C TYR C 197 -35.42 -30.46 5.68
N THR C 198 -36.40 -31.29 6.05
CA THR C 198 -36.23 -32.16 7.21
C THR C 198 -35.08 -33.14 6.99
N THR C 199 -35.06 -33.80 5.82
CA THR C 199 -34.05 -34.81 5.57
C THR C 199 -32.65 -34.21 5.56
N LEU C 200 -32.48 -33.02 4.98
CA LEU C 200 -31.17 -32.40 4.91
C LEU C 200 -30.76 -31.76 6.22
N LYS C 201 -31.71 -31.17 6.96
CA LYS C 201 -31.37 -30.56 8.24
C LYS C 201 -31.01 -31.61 9.28
N GLY C 202 -31.68 -32.75 9.27
CA GLY C 202 -31.36 -33.81 10.20
C GLY C 202 -29.95 -34.36 10.02
N LEU C 203 -29.36 -34.17 8.85
CA LEU C 203 -28.01 -34.63 8.58
C LEU C 203 -26.99 -33.51 8.48
N TYR C 204 -27.44 -32.26 8.40
CA TYR C 204 -26.50 -31.14 8.26
C TYR C 204 -25.63 -30.98 9.50
N ALA C 205 -26.10 -31.48 10.64
CA ALA C 205 -25.25 -31.52 11.82
C ALA C 205 -24.02 -32.38 11.60
N THR C 206 -24.06 -33.28 10.63
CA THR C 206 -22.95 -34.16 10.30
C THR C 206 -22.44 -33.86 8.90
N HIS C 207 -21.14 -34.10 8.69
CA HIS C 207 -20.53 -34.12 7.36
C HIS C 207 -20.50 -32.73 6.73
N ALA C 208 -21.10 -31.74 7.39
CA ALA C 208 -21.23 -30.42 6.80
C ALA C 208 -20.26 -29.44 7.43
N CYS C 209 -19.94 -28.40 6.67
CA CYS C 209 -19.03 -27.37 7.16
C CYS C 209 -19.72 -26.51 8.21
N GLY C 210 -18.94 -26.12 9.22
CA GLY C 210 -19.51 -25.31 10.30
C GLY C 210 -20.04 -23.98 9.81
N GLU C 211 -19.37 -23.40 8.81
CA GLU C 211 -19.87 -22.16 8.21
C GLU C 211 -21.25 -22.36 7.61
N HIS C 212 -21.44 -23.49 6.91
CA HIS C 212 -22.75 -23.81 6.37
C HIS C 212 -23.79 -23.92 7.48
N LEU C 213 -23.44 -24.59 8.57
CA LEU C 213 -24.38 -24.79 9.67
C LEU C 213 -24.79 -23.46 10.29
N GLU C 214 -23.81 -22.60 10.59
CA GLU C 214 -24.12 -21.32 11.22
C GLU C 214 -24.89 -20.42 10.27
N ALA C 215 -24.55 -20.43 8.98
CA ALA C 215 -25.28 -19.65 8.00
C ALA C 215 -26.72 -20.10 7.92
N PHE C 216 -26.94 -21.41 7.91
CA PHE C 216 -28.29 -21.96 7.87
C PHE C 216 -29.07 -21.57 9.12
N ALA C 217 -28.42 -21.62 10.28
CA ALA C 217 -29.08 -21.23 11.51
C ALA C 217 -29.50 -19.77 11.48
N LEU C 218 -28.60 -18.90 11.05
CA LEU C 218 -28.92 -17.48 10.95
C LEU C 218 -30.04 -17.23 9.95
N LEU C 219 -30.02 -17.93 8.81
CA LEU C 219 -31.05 -17.74 7.81
C LEU C 219 -32.41 -18.20 8.31
N GLU C 220 -32.48 -19.41 8.89
CA GLU C 220 -33.75 -19.88 9.42
C GLU C 220 -34.23 -19.01 10.57
N ARG C 221 -33.32 -18.37 11.28
CA ARG C 221 -33.74 -17.41 12.30
C ARG C 221 -34.35 -16.16 11.67
N PHE C 222 -33.68 -15.60 10.66
CA PHE C 222 -34.12 -14.35 10.06
C PHE C 222 -34.97 -14.58 8.81
N SER C 223 -34.38 -15.21 7.79
CA SER C 223 -35.09 -15.37 6.52
C SER C 223 -36.28 -16.29 6.65
N GLY C 224 -36.19 -17.27 7.55
CA GLY C 224 -37.31 -18.17 7.79
C GLY C 224 -37.19 -19.49 7.05
N TYR C 225 -36.01 -20.10 7.09
CA TYR C 225 -35.83 -21.41 6.50
C TYR C 225 -36.49 -22.48 7.38
N ARG C 226 -37.74 -22.78 7.10
CA ARG C 226 -38.48 -23.76 7.88
C ARG C 226 -39.25 -24.67 6.93
N GLU C 227 -39.50 -25.90 7.40
CA GLU C 227 -40.21 -26.86 6.58
C GLU C 227 -41.62 -26.39 6.22
N ASP C 228 -42.24 -25.60 7.10
CA ASP C 228 -43.63 -25.17 6.87
C ASP C 228 -43.71 -24.16 5.74
N ASN C 229 -42.79 -23.20 5.69
CA ASN C 229 -42.83 -22.12 4.71
C ASN C 229 -41.55 -22.13 3.89
N ILE C 230 -41.70 -22.27 2.58
CA ILE C 230 -40.57 -22.19 1.65
C ILE C 230 -40.18 -20.72 1.50
N PRO C 231 -38.92 -20.36 1.76
CA PRO C 231 -38.51 -18.95 1.68
C PRO C 231 -38.54 -18.40 0.27
N GLN C 232 -38.80 -17.10 0.18
CA GLN C 232 -38.79 -16.39 -1.10
C GLN C 232 -37.37 -15.93 -1.41
N LEU C 233 -37.24 -15.09 -2.43
CA LEU C 233 -35.93 -14.66 -2.91
C LEU C 233 -35.56 -13.25 -2.48
N GLU C 234 -36.54 -12.35 -2.36
CA GLU C 234 -36.25 -10.96 -2.01
C GLU C 234 -35.63 -10.87 -0.62
N ASP C 235 -36.18 -11.62 0.34
CA ASP C 235 -35.69 -11.56 1.71
C ASP C 235 -34.25 -12.05 1.80
N VAL C 236 -33.96 -13.20 1.21
CA VAL C 236 -32.62 -13.75 1.26
C VAL C 236 -31.65 -12.87 0.49
N SER C 237 -32.11 -12.28 -0.62
CA SER C 237 -31.27 -11.34 -1.35
C SER C 237 -30.90 -10.14 -0.49
N ARG C 238 -31.89 -9.58 0.21
CA ARG C 238 -31.62 -8.46 1.11
C ARG C 238 -30.64 -8.87 2.20
N PHE C 239 -30.83 -10.05 2.77
CA PHE C 239 -29.94 -10.52 3.84
C PHE C 239 -28.51 -10.65 3.35
N LEU C 240 -28.33 -11.29 2.19
CA LEU C 240 -27.00 -11.50 1.65
C LEU C 240 -26.33 -10.19 1.28
N LYS C 241 -27.08 -9.28 0.68
CA LYS C 241 -26.54 -7.97 0.33
C LYS C 241 -26.12 -7.23 1.59
N GLU C 242 -26.95 -7.31 2.64
CA GLU C 242 -26.66 -6.62 3.88
C GLU C 242 -25.40 -7.17 4.54
N ARG C 243 -25.24 -8.49 4.56
CA ARG C 243 -24.13 -9.10 5.27
C ARG C 243 -22.97 -9.45 4.34
N THR C 244 -23.21 -10.27 3.33
CA THR C 244 -22.14 -10.73 2.46
C THR C 244 -21.98 -9.86 1.21
N GLY C 245 -22.85 -8.87 1.03
CA GLY C 245 -22.77 -8.02 -0.15
C GLY C 245 -23.02 -8.79 -1.44
N PHE C 246 -24.02 -9.68 -1.41
CA PHE C 246 -24.36 -10.51 -2.54
C PHE C 246 -25.86 -10.43 -2.80
N GLN C 247 -26.24 -10.64 -4.07
CA GLN C 247 -27.63 -10.61 -4.47
C GLN C 247 -27.87 -11.66 -5.55
N LEU C 248 -29.15 -11.96 -5.76
CA LEU C 248 -29.55 -13.00 -6.69
C LEU C 248 -30.25 -12.38 -7.91
N ARG C 249 -30.46 -13.21 -8.91
CA ARG C 249 -31.19 -12.81 -10.11
C ARG C 249 -31.93 -13.99 -10.70
N PRO C 250 -33.26 -13.92 -10.78
CA PRO C 250 -34.02 -15.01 -11.39
C PRO C 250 -33.65 -15.19 -12.86
N VAL C 251 -33.61 -16.45 -13.28
CA VAL C 251 -33.23 -16.78 -14.65
C VAL C 251 -33.77 -18.17 -14.97
N ALA C 252 -34.00 -18.43 -16.26
CA ALA C 252 -34.42 -19.74 -16.72
C ALA C 252 -33.83 -20.03 -18.09
N GLY C 253 -34.22 -21.15 -18.68
CA GLY C 253 -33.71 -21.51 -19.99
C GLY C 253 -32.31 -22.07 -19.94
N LEU C 254 -31.72 -22.18 -21.14
CA LEU C 254 -30.38 -22.73 -21.30
C LEU C 254 -29.35 -21.62 -21.06
N LEU C 255 -28.88 -21.52 -19.83
CA LEU C 255 -27.84 -20.55 -19.50
C LEU C 255 -26.50 -21.00 -20.07
N SER C 256 -25.78 -20.09 -20.69
CA SER C 256 -24.45 -20.39 -21.18
C SER C 256 -23.48 -20.49 -19.99
N ALA C 257 -22.23 -20.83 -20.30
CA ALA C 257 -21.20 -20.77 -19.26
C ALA C 257 -20.74 -19.33 -19.04
N ARG C 258 -20.66 -18.54 -20.12
CA ARG C 258 -20.09 -17.20 -20.06
C ARG C 258 -20.91 -16.26 -19.18
N ASP C 259 -22.22 -16.21 -19.42
CA ASP C 259 -23.08 -15.30 -18.67
C ASP C 259 -23.09 -15.65 -17.20
N PHE C 260 -23.10 -16.94 -16.88
CA PHE C 260 -23.07 -17.36 -15.48
C PHE C 260 -21.79 -16.89 -14.81
N LEU C 261 -20.66 -17.04 -15.49
CA LEU C 261 -19.40 -16.60 -14.91
C LEU C 261 -19.35 -15.08 -14.76
N ALA C 262 -19.92 -14.36 -15.73
CA ALA C 262 -19.98 -12.90 -15.61
C ALA C 262 -20.82 -12.49 -14.41
N SER C 263 -21.97 -13.14 -14.21
CA SER C 263 -22.78 -12.91 -13.03
C SER C 263 -21.97 -13.15 -11.77
N LEU C 264 -21.27 -14.29 -11.73
CA LEU C 264 -20.41 -14.60 -10.59
C LEU C 264 -19.40 -13.48 -10.36
N ALA C 265 -18.87 -12.92 -11.44
CA ALA C 265 -17.93 -11.81 -11.32
C ALA C 265 -18.58 -10.60 -10.67
N PHE C 266 -19.82 -10.31 -11.07
CA PHE C 266 -20.52 -9.13 -10.55
C PHE C 266 -21.11 -9.35 -9.17
N ARG C 267 -20.68 -10.40 -8.45
CA ARG C 267 -21.19 -10.70 -7.12
C ARG C 267 -22.70 -10.89 -7.12
N VAL C 268 -23.23 -11.39 -8.22
CA VAL C 268 -24.65 -11.71 -8.34
C VAL C 268 -24.76 -13.16 -8.77
N PHE C 269 -25.75 -13.86 -8.25
CA PHE C 269 -25.91 -15.29 -8.53
C PHE C 269 -27.23 -15.52 -9.25
N GLN C 270 -27.17 -16.16 -10.41
CA GLN C 270 -28.37 -16.52 -11.12
C GLN C 270 -29.09 -17.67 -10.41
N CYS C 271 -30.41 -17.67 -10.52
CA CYS C 271 -31.21 -18.62 -9.75
C CYS C 271 -32.50 -18.90 -10.50
N THR C 272 -33.11 -20.02 -10.14
CA THR C 272 -34.40 -20.44 -10.67
C THR C 272 -35.40 -20.54 -9.53
N GLN C 273 -36.63 -20.11 -9.81
CA GLN C 273 -37.66 -20.06 -8.77
C GLN C 273 -38.34 -21.40 -8.55
N TYR C 274 -38.54 -22.18 -9.60
CA TYR C 274 -39.22 -23.46 -9.43
C TYR C 274 -38.28 -24.49 -8.81
N ILE C 275 -38.87 -25.60 -8.37
CA ILE C 275 -38.12 -26.64 -7.70
C ILE C 275 -38.19 -27.93 -8.51
N ARG C 276 -37.58 -28.99 -7.98
CA ARG C 276 -37.55 -30.27 -8.67
C ARG C 276 -38.94 -30.89 -8.74
N HIS C 277 -39.02 -32.03 -9.43
CA HIS C 277 -40.28 -32.74 -9.59
C HIS C 277 -40.61 -33.53 -8.33
N ALA C 278 -41.90 -33.53 -7.98
CA ALA C 278 -42.32 -34.26 -6.78
C ALA C 278 -42.11 -35.76 -6.92
N SER C 279 -42.15 -36.27 -8.16
CA SER C 279 -41.90 -37.69 -8.38
C SER C 279 -40.47 -38.05 -8.00
N SER C 280 -39.55 -37.10 -8.11
CA SER C 280 -38.14 -37.30 -7.78
C SER C 280 -37.70 -36.25 -6.77
N PRO C 281 -38.09 -36.40 -5.50
CA PRO C 281 -37.62 -35.46 -4.48
C PRO C 281 -36.21 -35.74 -4.00
N MET C 282 -35.75 -36.99 -4.10
CA MET C 282 -34.42 -37.33 -3.60
C MET C 282 -33.32 -36.65 -4.41
N HIS C 283 -33.51 -36.56 -5.72
CA HIS C 283 -32.54 -35.94 -6.61
C HIS C 283 -33.26 -35.20 -7.73
N SER C 284 -32.58 -34.23 -8.32
CA SER C 284 -33.17 -33.51 -9.43
C SER C 284 -32.33 -33.69 -10.70
N PRO C 285 -32.96 -33.92 -11.84
CA PRO C 285 -32.20 -33.94 -13.09
C PRO C 285 -31.52 -32.63 -13.40
N GLU C 286 -32.08 -31.51 -12.96
CA GLU C 286 -31.52 -30.19 -13.17
C GLU C 286 -31.57 -29.43 -11.85
N PRO C 287 -30.54 -28.66 -11.52
CA PRO C 287 -30.55 -27.88 -10.29
C PRO C 287 -31.73 -26.92 -10.24
N ASP C 288 -32.34 -26.81 -9.06
CA ASP C 288 -33.58 -26.07 -8.88
C ASP C 288 -33.42 -25.08 -7.72
N CYS C 289 -34.56 -24.51 -7.30
CA CYS C 289 -34.55 -23.49 -6.27
C CYS C 289 -34.00 -24.04 -4.95
N CYS C 290 -34.43 -25.25 -4.58
CA CYS C 290 -33.93 -25.83 -3.33
C CYS C 290 -32.44 -26.11 -3.41
N HIS C 291 -31.95 -26.47 -4.59
CA HIS C 291 -30.53 -26.74 -4.76
C HIS C 291 -29.69 -25.54 -4.35
N GLU C 292 -30.03 -24.36 -4.87
CA GLU C 292 -29.29 -23.16 -4.53
C GLU C 292 -29.58 -22.71 -3.10
N LEU C 293 -30.84 -22.81 -2.68
CA LEU C 293 -31.21 -22.35 -1.34
C LEU C 293 -30.49 -23.14 -0.26
N LEU C 294 -30.18 -24.41 -0.52
CA LEU C 294 -29.50 -25.24 0.46
C LEU C 294 -28.05 -25.54 0.11
N GLY C 295 -27.71 -25.53 -1.18
CA GLY C 295 -26.34 -25.83 -1.57
C GLY C 295 -25.50 -24.61 -1.82
N HIS C 296 -26.06 -23.63 -2.53
CA HIS C 296 -25.29 -22.42 -2.86
C HIS C 296 -25.45 -21.35 -1.80
N VAL C 297 -26.69 -20.97 -1.51
CA VAL C 297 -27.00 -19.82 -0.65
C VAL C 297 -26.31 -19.89 0.71
N PRO C 298 -26.40 -21.00 1.46
CA PRO C 298 -25.85 -20.97 2.82
C PRO C 298 -24.35 -20.73 2.85
N MET C 299 -23.56 -21.57 2.18
CA MET C 299 -22.12 -21.36 2.15
C MET C 299 -21.73 -20.06 1.48
N LEU C 300 -22.60 -19.52 0.62
CA LEU C 300 -22.34 -18.23 0.01
C LEU C 300 -22.37 -17.09 1.01
N ALA C 301 -22.92 -17.30 2.20
CA ALA C 301 -22.96 -16.27 3.22
C ALA C 301 -21.58 -15.98 3.82
N ASP C 302 -20.58 -16.81 3.53
CA ASP C 302 -19.24 -16.59 4.04
C ASP C 302 -18.58 -15.46 3.25
N ARG C 303 -18.01 -14.49 3.98
CA ARG C 303 -17.32 -13.38 3.32
C ARG C 303 -16.13 -13.88 2.51
N THR C 304 -15.32 -14.75 3.10
CA THR C 304 -14.14 -15.25 2.40
C THR C 304 -14.53 -16.10 1.21
N PHE C 305 -15.52 -16.98 1.37
CA PHE C 305 -15.97 -17.81 0.26
C PHE C 305 -16.57 -16.97 -0.85
N ALA C 306 -17.36 -15.96 -0.49
CA ALA C 306 -17.92 -15.07 -1.49
C ALA C 306 -16.82 -14.33 -2.24
N GLN C 307 -15.79 -13.88 -1.52
CA GLN C 307 -14.66 -13.22 -2.16
C GLN C 307 -13.94 -14.17 -3.10
N PHE C 308 -13.77 -15.42 -2.70
CA PHE C 308 -13.11 -16.41 -3.53
C PHE C 308 -13.89 -16.65 -4.82
N SER C 309 -15.21 -16.79 -4.70
CA SER C 309 -16.08 -16.97 -5.86
C SER C 309 -16.00 -15.74 -6.77
N GLN C 310 -15.97 -14.57 -6.15
CA GLN C 310 -15.87 -13.33 -6.92
C GLN C 310 -14.55 -13.26 -7.68
N ASP C 311 -13.46 -13.72 -7.05
CA ASP C 311 -12.18 -13.77 -7.74
C ASP C 311 -12.24 -14.73 -8.92
N ILE C 312 -12.91 -15.87 -8.74
CA ILE C 312 -13.10 -16.80 -9.84
C ILE C 312 -13.81 -16.10 -11.01
N GLY C 313 -14.91 -15.43 -10.69
CA GLY C 313 -15.67 -14.71 -11.69
C GLY C 313 -14.84 -13.65 -12.39
N LEU C 314 -14.04 -12.93 -11.62
CA LEU C 314 -13.15 -11.92 -12.18
C LEU C 314 -12.18 -12.53 -13.16
N ALA C 315 -11.56 -13.65 -12.78
CA ALA C 315 -10.65 -14.33 -13.69
C ALA C 315 -11.38 -14.81 -14.94
N SER C 316 -12.68 -15.09 -14.81
CA SER C 316 -13.43 -15.61 -15.94
C SER C 316 -13.62 -14.57 -17.05
N LEU C 317 -13.48 -13.28 -16.73
CA LEU C 317 -13.77 -12.23 -17.69
C LEU C 317 -12.91 -12.34 -18.94
N GLY C 318 -13.56 -12.24 -20.09
CA GLY C 318 -12.87 -12.16 -21.38
C GLY C 318 -12.06 -13.39 -21.74
N ALA C 319 -12.13 -14.42 -20.90
CA ALA C 319 -11.37 -15.63 -21.15
C ALA C 319 -11.94 -16.38 -22.35
N SER C 320 -11.04 -17.05 -23.08
CA SER C 320 -11.48 -17.81 -24.23
C SER C 320 -12.26 -19.05 -23.79
N ASP C 321 -12.96 -19.65 -24.74
CA ASP C 321 -13.88 -20.74 -24.43
C ASP C 321 -13.19 -21.87 -23.67
N GLU C 322 -11.96 -22.19 -24.06
CA GLU C 322 -11.21 -23.21 -23.32
C GLU C 322 -11.04 -22.81 -21.87
N GLU C 323 -10.63 -21.57 -21.63
CA GLU C 323 -10.49 -21.09 -20.26
C GLU C 323 -11.84 -21.07 -19.56
N ILE C 324 -12.92 -20.81 -20.30
CA ILE C 324 -14.26 -20.86 -19.71
C ILE C 324 -14.55 -22.27 -19.20
N GLU C 325 -14.19 -23.27 -20.00
CA GLU C 325 -14.37 -24.66 -19.58
C GLU C 325 -13.54 -24.96 -18.36
N LYS C 326 -12.30 -24.47 -18.33
CA LYS C 326 -11.43 -24.69 -17.19
C LYS C 326 -12.03 -24.09 -15.92
N LEU C 327 -12.53 -22.86 -16.03
CA LEU C 327 -13.14 -22.21 -14.87
C LEU C 327 -14.40 -22.93 -14.43
N SER C 328 -15.19 -23.42 -15.39
CA SER C 328 -16.38 -24.19 -15.05
C SER C 328 -16.01 -25.46 -14.29
N THR C 329 -14.98 -26.16 -14.75
CA THR C 329 -14.54 -27.36 -14.06
C THR C 329 -14.06 -27.04 -12.65
N LEU C 330 -13.31 -25.93 -12.50
CA LEU C 330 -12.86 -25.53 -11.18
C LEU C 330 -14.04 -25.22 -10.27
N TYR C 331 -15.05 -24.54 -10.81
CA TYR C 331 -16.27 -24.26 -10.04
C TYR C 331 -16.94 -25.55 -9.60
N TRP C 332 -17.03 -26.52 -10.52
CA TRP C 332 -17.66 -27.80 -10.19
C TRP C 332 -16.92 -28.51 -9.07
N PHE C 333 -15.59 -28.56 -9.16
CA PHE C 333 -14.81 -29.28 -8.17
C PHE C 333 -14.49 -28.46 -6.94
N THR C 334 -14.92 -27.20 -6.89
CA THR C 334 -14.74 -26.37 -5.71
C THR C 334 -16.06 -25.92 -5.12
N VAL C 335 -16.94 -25.32 -5.91
CA VAL C 335 -18.19 -24.78 -5.38
C VAL C 335 -19.25 -25.87 -5.30
N GLU C 336 -19.50 -26.55 -6.42
CA GLU C 336 -20.52 -27.60 -6.42
C GLU C 336 -20.12 -28.77 -5.56
N PHE C 337 -18.84 -29.14 -5.57
CA PHE C 337 -18.35 -30.28 -4.79
C PHE C 337 -17.00 -29.90 -4.20
N GLY C 338 -17.03 -29.33 -2.99
CA GLY C 338 -15.82 -28.91 -2.31
C GLY C 338 -15.72 -29.46 -0.90
N LEU C 339 -14.52 -29.85 -0.52
CA LEU C 339 -14.26 -30.41 0.80
C LEU C 339 -13.30 -29.51 1.58
N CYS C 340 -13.52 -29.43 2.88
CA CYS C 340 -12.70 -28.59 3.75
C CYS C 340 -12.14 -29.44 4.88
N LYS C 341 -10.96 -29.07 5.34
CA LYS C 341 -10.29 -29.73 6.46
C LYS C 341 -10.21 -28.74 7.62
N GLN C 342 -11.18 -28.84 8.53
CA GLN C 342 -11.22 -27.95 9.68
C GLN C 342 -11.51 -28.77 10.93
N ASN C 343 -11.03 -28.27 12.07
CA ASN C 343 -11.22 -28.93 13.36
C ASN C 343 -10.66 -30.36 13.37
N GLY C 344 -9.70 -30.63 12.49
CA GLY C 344 -9.12 -31.95 12.40
C GLY C 344 -9.79 -32.86 11.39
N GLU C 345 -11.13 -32.87 11.38
CA GLU C 345 -11.85 -33.74 10.48
C GLU C 345 -12.15 -33.03 9.16
N VAL C 346 -12.68 -33.78 8.21
CA VAL C 346 -13.05 -33.25 6.91
C VAL C 346 -14.56 -33.07 6.85
N LYS C 347 -14.99 -31.91 6.37
CA LYS C 347 -16.40 -31.60 6.17
C LYS C 347 -16.63 -31.21 4.73
N ALA C 348 -17.91 -31.12 4.36
CA ALA C 348 -18.30 -30.82 2.99
C ALA C 348 -18.98 -29.46 2.92
N TYR C 349 -18.59 -28.66 1.93
CA TYR C 349 -19.25 -27.41 1.63
C TYR C 349 -19.72 -27.31 0.19
N GLY C 350 -19.51 -28.34 -0.62
CA GLY C 350 -19.91 -28.28 -2.02
C GLY C 350 -21.41 -28.12 -2.17
N ALA C 351 -21.80 -27.30 -3.15
CA ALA C 351 -23.22 -27.07 -3.41
C ALA C 351 -23.92 -28.36 -3.79
N GLY C 352 -23.38 -29.09 -4.77
CA GLY C 352 -23.93 -30.39 -5.10
C GLY C 352 -23.88 -31.36 -3.94
N LEU C 353 -22.80 -31.30 -3.15
CA LEU C 353 -22.71 -32.10 -1.94
C LEU C 353 -23.83 -31.72 -0.97
N LEU C 354 -24.09 -30.43 -0.82
CA LEU C 354 -25.10 -29.93 0.10
C LEU C 354 -26.49 -29.89 -0.51
N SER C 355 -26.70 -30.54 -1.65
CA SER C 355 -28.00 -30.54 -2.30
C SER C 355 -28.57 -31.94 -2.53
N SER C 356 -27.77 -32.99 -2.38
CA SER C 356 -28.24 -34.36 -2.58
C SER C 356 -27.96 -35.17 -1.33
N TYR C 357 -29.03 -35.76 -0.77
CA TYR C 357 -28.88 -36.59 0.43
C TYR C 357 -28.02 -37.81 0.16
N GLY C 358 -28.27 -38.50 -0.95
CA GLY C 358 -27.44 -39.63 -1.32
C GLY C 358 -26.00 -39.23 -1.57
N GLU C 359 -25.80 -38.11 -2.26
CA GLU C 359 -24.44 -37.63 -2.47
C GLU C 359 -23.83 -37.15 -1.16
N LEU C 360 -24.65 -36.63 -0.25
CA LEU C 360 -24.15 -36.26 1.07
C LEU C 360 -23.61 -37.49 1.80
N LEU C 361 -24.34 -38.61 1.74
CA LEU C 361 -23.87 -39.84 2.33
C LEU C 361 -22.60 -40.34 1.64
N HIS C 362 -22.59 -40.28 0.30
CA HIS C 362 -21.50 -40.86 -0.47
C HIS C 362 -20.20 -40.07 -0.32
N CYS C 363 -20.30 -38.75 -0.19
CA CYS C 363 -19.12 -37.89 -0.23
C CYS C 363 -18.16 -38.19 0.91
N LEU C 364 -18.66 -38.32 2.14
CA LEU C 364 -17.81 -38.58 3.29
C LEU C 364 -17.57 -40.07 3.49
N SER C 365 -18.15 -40.93 2.66
CA SER C 365 -17.87 -42.35 2.71
C SER C 365 -16.48 -42.62 2.16
N GLU C 366 -15.96 -43.82 2.44
CA GLU C 366 -14.61 -44.19 2.05
C GLU C 366 -14.52 -44.74 0.63
N GLU C 367 -15.66 -45.06 0.00
CA GLU C 367 -15.62 -45.55 -1.38
C GLU C 367 -15.05 -44.54 -2.35
N PRO C 368 -15.50 -43.28 -2.39
CA PRO C 368 -14.96 -42.34 -3.37
C PRO C 368 -13.52 -41.95 -3.06
N GLU C 369 -12.79 -41.63 -4.12
CA GLU C 369 -11.41 -41.15 -3.98
C GLU C 369 -11.42 -39.70 -3.53
N ILE C 370 -10.56 -39.37 -2.56
CA ILE C 370 -10.42 -38.03 -2.04
C ILE C 370 -8.96 -37.62 -2.12
N ARG C 371 -8.71 -36.38 -2.52
CA ARG C 371 -7.35 -35.88 -2.66
C ARG C 371 -7.34 -34.40 -2.31
N ALA C 372 -6.14 -33.88 -2.07
CA ALA C 372 -5.99 -32.45 -1.81
C ALA C 372 -6.29 -31.65 -3.07
N PHE C 373 -6.87 -30.46 -2.88
CA PHE C 373 -7.24 -29.65 -4.02
C PHE C 373 -6.01 -29.12 -4.74
N ASP C 374 -6.07 -29.18 -6.08
CA ASP C 374 -5.07 -28.58 -6.94
C ASP C 374 -5.80 -27.86 -8.06
N PRO C 375 -5.45 -26.60 -8.34
CA PRO C 375 -6.16 -25.85 -9.38
C PRO C 375 -6.09 -26.52 -10.74
N GLU C 376 -4.86 -26.80 -11.20
CA GLU C 376 -4.69 -27.43 -12.51
C GLU C 376 -5.34 -28.81 -12.55
N ALA C 377 -5.14 -29.60 -11.48
CA ALA C 377 -5.70 -30.95 -11.46
C ALA C 377 -7.21 -30.92 -11.50
N ALA C 378 -7.82 -30.01 -10.74
CA ALA C 378 -9.27 -29.87 -10.80
C ALA C 378 -9.73 -29.30 -12.13
N ALA C 379 -8.87 -28.58 -12.84
CA ALA C 379 -9.21 -28.00 -14.13
C ALA C 379 -9.06 -28.98 -15.28
N VAL C 380 -8.49 -30.15 -15.05
CA VAL C 380 -8.27 -31.13 -16.11
C VAL C 380 -9.12 -32.37 -15.87
N GLN C 381 -9.30 -32.73 -14.60
CA GLN C 381 -9.97 -33.98 -14.26
C GLN C 381 -11.42 -33.94 -14.74
N PRO C 382 -11.91 -35.00 -15.39
CA PRO C 382 -13.28 -34.96 -15.94
C PRO C 382 -14.35 -35.23 -14.89
N TYR C 383 -15.60 -35.36 -15.35
CA TYR C 383 -16.74 -35.51 -14.46
C TYR C 383 -17.57 -36.73 -14.82
N GLN C 384 -18.71 -36.89 -14.16
CA GLN C 384 -19.71 -37.87 -14.57
C GLN C 384 -21.09 -37.28 -14.31
N ASP C 385 -22.09 -37.82 -15.00
CA ASP C 385 -23.45 -37.31 -14.94
C ASP C 385 -24.39 -38.40 -14.48
N GLN C 386 -25.41 -38.00 -13.72
CA GLN C 386 -26.45 -38.87 -13.18
C GLN C 386 -25.88 -39.93 -12.25
N THR C 387 -24.62 -39.84 -11.87
CA THR C 387 -23.97 -40.81 -11.00
C THR C 387 -23.17 -40.07 -9.95
N TYR C 388 -22.94 -40.75 -8.83
CA TYR C 388 -22.18 -40.15 -7.74
C TYR C 388 -20.75 -39.90 -8.17
N GLN C 389 -20.20 -38.77 -7.73
CA GLN C 389 -18.82 -38.43 -7.99
C GLN C 389 -17.90 -39.31 -7.15
N SER C 390 -16.85 -39.81 -7.78
CA SER C 390 -15.89 -40.67 -7.10
C SER C 390 -14.60 -39.95 -6.73
N VAL C 391 -14.30 -38.84 -7.40
CA VAL C 391 -13.08 -38.07 -7.16
C VAL C 391 -13.46 -36.74 -6.52
N TYR C 392 -12.79 -36.41 -5.42
CA TYR C 392 -13.08 -35.16 -4.72
C TYR C 392 -11.78 -34.47 -4.35
N PHE C 393 -11.85 -33.14 -4.26
CA PHE C 393 -10.73 -32.31 -3.84
C PHE C 393 -11.09 -31.60 -2.53
N VAL C 394 -10.10 -31.49 -1.65
CA VAL C 394 -10.30 -30.89 -0.34
C VAL C 394 -9.39 -29.68 -0.19
N SER C 395 -9.93 -28.61 0.39
CA SER C 395 -9.17 -27.40 0.70
C SER C 395 -9.35 -27.09 2.17
N GLU C 396 -8.27 -27.20 2.94
CA GLU C 396 -8.36 -27.02 4.38
C GLU C 396 -8.80 -25.60 4.73
N SER C 397 -8.36 -24.61 3.97
CA SER C 397 -8.70 -23.22 4.23
C SER C 397 -9.09 -22.55 2.92
N PHE C 398 -10.19 -21.80 2.95
CA PHE C 398 -10.65 -21.10 1.76
C PHE C 398 -9.64 -20.05 1.30
N SER C 399 -8.82 -19.55 2.22
CA SER C 399 -7.77 -18.62 1.84
C SER C 399 -6.75 -19.30 0.94
N ASP C 400 -6.42 -20.55 1.23
CA ASP C 400 -5.49 -21.30 0.39
C ASP C 400 -6.04 -21.44 -1.02
N ALA C 401 -7.33 -21.80 -1.13
CA ALA C 401 -7.96 -21.89 -2.44
C ALA C 401 -7.96 -20.53 -3.13
N LYS C 402 -8.18 -19.46 -2.36
CA LYS C 402 -8.23 -18.13 -2.94
C LYS C 402 -6.88 -17.75 -3.54
N ASP C 403 -5.79 -17.99 -2.80
CA ASP C 403 -4.48 -17.63 -3.32
C ASP C 403 -4.06 -18.54 -4.48
N LYS C 404 -4.44 -19.82 -4.43
CA LYS C 404 -4.18 -20.70 -5.57
C LYS C 404 -4.91 -20.20 -6.80
N LEU C 405 -6.16 -19.75 -6.64
CA LEU C 405 -6.88 -19.17 -7.76
C LEU C 405 -6.23 -17.89 -8.24
N ARG C 406 -5.70 -17.08 -7.32
CA ARG C 406 -4.96 -15.89 -7.70
C ARG C 406 -3.79 -16.27 -8.59
N SER C 407 -3.03 -17.29 -8.19
CA SER C 407 -1.89 -17.74 -9.00
C SER C 407 -2.35 -18.26 -10.35
N TYR C 408 -3.44 -19.02 -10.37
CA TYR C 408 -3.94 -19.59 -11.62
C TYR C 408 -4.36 -18.49 -12.58
N ALA C 409 -5.05 -17.47 -12.06
CA ALA C 409 -5.42 -16.33 -12.89
C ALA C 409 -4.17 -15.58 -13.36
N SER C 410 -3.16 -15.47 -12.50
CA SER C 410 -1.92 -14.80 -12.89
C SER C 410 -1.28 -15.50 -14.07
N ARG C 411 -1.18 -16.83 -14.01
CA ARG C 411 -0.60 -17.57 -15.13
C ARG C 411 -1.55 -17.66 -16.32
N ILE C 412 -2.84 -17.37 -16.13
CA ILE C 412 -3.77 -17.34 -17.26
C ILE C 412 -3.50 -16.06 -18.05
N GLN C 413 -3.17 -16.22 -19.33
CA GLN C 413 -2.88 -15.06 -20.17
C GLN C 413 -4.18 -14.36 -20.56
N ARG C 414 -4.16 -13.02 -20.49
CA ARG C 414 -5.23 -12.19 -21.00
C ARG C 414 -4.61 -10.93 -21.55
N PRO C 415 -5.20 -10.31 -22.58
CA PRO C 415 -4.63 -9.08 -23.14
C PRO C 415 -4.93 -7.87 -22.28
N PHE C 416 -5.43 -8.10 -21.08
CA PHE C 416 -5.88 -7.05 -20.17
C PHE C 416 -6.06 -7.68 -18.80
N SER C 417 -6.63 -6.92 -17.87
CA SER C 417 -6.98 -7.44 -16.56
C SER C 417 -8.32 -6.80 -16.14
N VAL C 418 -8.81 -7.19 -14.99
CA VAL C 418 -10.14 -6.78 -14.56
C VAL C 418 -10.07 -6.34 -13.11
N LYS C 419 -10.75 -5.24 -12.80
CA LYS C 419 -10.92 -4.78 -11.43
C LYS C 419 -12.39 -4.56 -11.15
N PHE C 420 -12.80 -4.81 -9.92
CA PHE C 420 -14.17 -4.63 -9.48
C PHE C 420 -14.30 -3.40 -8.61
N ASP C 421 -15.38 -2.65 -8.82
CA ASP C 421 -15.66 -1.46 -8.03
C ASP C 421 -16.96 -1.65 -7.27
N PRO C 422 -16.90 -1.94 -5.96
CA PRO C 422 -18.14 -2.08 -5.19
C PRO C 422 -18.85 -0.77 -4.93
N TYR C 423 -18.20 0.38 -5.12
CA TYR C 423 -18.88 1.65 -4.95
C TYR C 423 -19.99 1.77 -5.97
N THR C 424 -19.63 1.70 -7.26
CA THR C 424 -20.63 1.66 -8.32
C THR C 424 -20.90 0.26 -8.82
N LEU C 425 -20.29 -0.76 -8.22
CA LEU C 425 -20.50 -2.16 -8.58
C LEU C 425 -20.27 -2.37 -10.07
N ALA C 426 -19.15 -1.84 -10.55
CA ALA C 426 -18.87 -1.86 -11.98
C ALA C 426 -17.54 -2.57 -12.22
N ILE C 427 -17.18 -2.70 -13.49
CA ILE C 427 -15.95 -3.36 -13.91
C ILE C 427 -15.16 -2.39 -14.77
N ASP C 428 -13.90 -2.14 -14.39
CA ASP C 428 -13.01 -1.29 -15.15
C ASP C 428 -11.91 -2.15 -15.76
N VAL C 429 -11.79 -2.10 -17.09
CA VAL C 429 -10.75 -2.86 -17.76
C VAL C 429 -9.39 -2.32 -17.35
N LEU C 430 -8.37 -3.19 -17.44
CA LEU C 430 -7.01 -2.84 -17.05
C LEU C 430 -6.12 -3.17 -18.24
N ASP C 431 -6.00 -2.20 -19.15
CA ASP C 431 -5.15 -2.35 -20.33
C ASP C 431 -4.22 -1.16 -20.54
N SER C 432 -4.35 -0.09 -19.76
CA SER C 432 -3.48 1.06 -19.82
C SER C 432 -3.06 1.41 -18.40
N PRO C 433 -1.85 1.91 -18.21
CA PRO C 433 -1.41 2.27 -16.85
C PRO C 433 -2.27 3.34 -16.19
N GLN C 434 -2.95 4.18 -16.98
CA GLN C 434 -3.70 5.29 -16.40
C GLN C 434 -4.81 4.79 -15.49
N ALA C 435 -5.52 3.73 -15.91
CA ALA C 435 -6.53 3.15 -15.04
C ALA C 435 -5.90 2.56 -13.78
N VAL C 436 -4.70 1.99 -13.91
CA VAL C 436 -3.99 1.47 -12.75
C VAL C 436 -3.71 2.60 -11.76
N ARG C 437 -3.25 3.75 -12.27
CA ARG C 437 -3.00 4.90 -11.43
C ARG C 437 -4.30 5.39 -10.79
N ARG C 438 -5.39 5.37 -11.54
CA ARG C 438 -6.68 5.81 -11.02
C ARG C 438 -7.10 4.94 -9.84
N SER C 439 -6.95 3.62 -9.98
CA SER C 439 -7.25 2.70 -8.90
C SER C 439 -6.31 2.92 -7.72
N LEU C 440 -5.01 3.07 -8.00
CA LEU C 440 -4.03 3.26 -6.96
C LEU C 440 -4.26 4.53 -6.16
N GLU C 441 -4.85 5.55 -6.78
CA GLU C 441 -5.16 6.78 -6.06
C GLU C 441 -6.18 6.49 -4.95
N GLY C 442 -7.24 5.77 -5.29
CA GLY C 442 -8.20 5.37 -4.26
C GLY C 442 -7.58 4.47 -3.22
N VAL C 443 -6.68 3.58 -3.64
CA VAL C 443 -5.97 2.72 -2.69
C VAL C 443 -5.18 3.58 -1.69
N GLN C 444 -4.47 4.57 -2.21
CA GLN C 444 -3.69 5.46 -1.36
C GLN C 444 -4.58 6.28 -0.44
N ASP C 445 -5.74 6.71 -0.94
CA ASP C 445 -6.68 7.43 -0.08
C ASP C 445 -7.17 6.56 1.07
N GLU C 446 -7.47 5.30 0.77
CA GLU C 446 -7.88 4.38 1.82
C GLU C 446 -6.73 4.15 2.81
N LEU C 447 -5.51 4.08 2.30
CA LEU C 447 -4.34 3.95 3.17
C LEU C 447 -4.19 5.15 4.08
N ASP C 448 -4.40 6.36 3.54
CA ASP C 448 -4.34 7.56 4.35
C ASP C 448 -5.42 7.57 5.42
N THR C 449 -6.62 7.12 5.06
CA THR C 449 -7.69 7.00 6.04
C THR C 449 -7.31 6.02 7.15
N LEU C 450 -6.71 4.90 6.77
CA LEU C 450 -6.27 3.91 7.75
C LEU C 450 -5.19 4.50 8.66
N ALA C 451 -4.28 5.28 8.09
CA ALA C 451 -3.23 5.92 8.88
C ALA C 451 -3.83 6.91 9.87
N HIS C 452 -4.83 7.67 9.42
CA HIS C 452 -5.52 8.59 10.31
C HIS C 452 -6.21 7.84 11.44
N ALA C 453 -6.84 6.72 11.11
CA ALA C 453 -7.48 5.89 12.13
C ALA C 453 -6.45 5.40 13.15
N LEU C 454 -5.31 4.91 12.65
CA LEU C 454 -4.27 4.40 13.53
C LEU C 454 -3.72 5.49 14.43
N SER C 455 -3.56 6.70 13.89
CA SER C 455 -3.17 7.83 14.72
C SER C 455 -4.22 8.13 15.78
N ALA C 456 -5.49 8.05 15.42
CA ALA C 456 -6.57 8.33 16.36
C ALA C 456 -6.58 7.31 17.50
N ILE C 457 -6.50 6.02 17.16
CA ILE C 457 -6.52 5.00 18.19
C ILE C 457 -5.25 5.09 19.02
N GLY C 458 -5.35 4.76 20.30
CA GLY C 458 -4.22 4.81 21.20
C GLY C 458 -4.03 6.19 21.82
N SER D 1 -30.52 27.47 6.62
CA SER D 1 -31.17 27.30 7.92
C SER D 1 -30.68 26.05 8.62
N LEU D 2 -29.75 25.34 7.99
CA LEU D 2 -29.20 24.12 8.57
C LEU D 2 -28.28 24.42 9.76
N ILE D 3 -27.56 25.54 9.71
CA ILE D 3 -26.82 25.99 10.88
C ILE D 3 -27.80 26.30 12.01
N GLU D 4 -28.94 26.90 11.66
CA GLU D 4 -30.02 27.05 12.64
C GLU D 4 -30.50 25.70 13.12
N ASP D 5 -30.59 24.71 12.21
CA ASP D 5 -30.99 23.37 12.61
C ASP D 5 -29.99 22.76 13.59
N ALA D 6 -28.69 22.90 13.31
CA ALA D 6 -27.68 22.35 14.20
C ALA D 6 -27.70 23.05 15.55
N ARG D 7 -27.86 24.38 15.55
CA ARG D 7 -27.95 25.12 16.80
C ARG D 7 -29.17 24.69 17.61
N LYS D 8 -30.32 24.52 16.94
CA LYS D 8 -31.52 24.06 17.63
C LYS D 8 -31.32 22.67 18.20
N GLU D 9 -30.68 21.78 17.44
CA GLU D 9 -30.44 20.43 17.93
C GLU D 9 -29.54 20.45 19.16
N ARG D 10 -28.46 21.23 19.13
CA ARG D 10 -27.55 21.24 20.25
C ARG D 10 -28.16 21.92 21.48
N GLU D 11 -28.96 22.98 21.28
CA GLU D 11 -29.60 23.60 22.42
C GLU D 11 -30.68 22.70 23.02
N ALA D 12 -31.39 21.95 22.17
CA ALA D 12 -32.33 20.96 22.69
C ALA D 12 -31.61 19.88 23.47
N ALA D 13 -30.46 19.42 22.97
CA ALA D 13 -29.69 18.40 23.67
C ALA D 13 -29.21 18.92 25.03
N VAL D 14 -28.71 20.15 25.07
CA VAL D 14 -28.22 20.69 26.35
C VAL D 14 -29.37 20.97 27.30
N ALA D 15 -30.55 21.34 26.77
CA ALA D 15 -31.72 21.51 27.62
C ALA D 15 -32.15 20.18 28.22
N ALA D 16 -32.10 19.12 27.42
CA ALA D 16 -32.35 17.78 27.94
C ALA D 16 -31.33 17.43 29.02
N ALA D 17 -30.05 17.76 28.78
CA ALA D 17 -29.05 17.63 29.84
C ALA D 17 -29.37 18.54 31.01
N ALA D 18 -29.80 19.78 30.73
CA ALA D 18 -30.24 20.68 31.79
C ALA D 18 -31.50 20.18 32.49
N ALA D 19 -32.27 19.30 31.86
CA ALA D 19 -33.42 18.68 32.49
C ALA D 19 -33.15 17.25 32.90
N ALA D 20 -31.91 16.79 32.81
CA ALA D 20 -31.53 15.43 33.22
C ALA D 20 -31.16 15.34 34.69
N VAL D 21 -31.59 16.31 35.49
CA VAL D 21 -31.32 16.31 36.92
C VAL D 21 -32.56 15.78 37.64
N PRO D 22 -32.42 15.09 38.77
CA PRO D 22 -33.60 14.59 39.48
C PRO D 22 -34.46 15.75 39.97
N SER D 23 -35.78 15.51 39.99
CA SER D 23 -36.71 16.53 40.43
C SER D 23 -36.49 16.88 41.90
N GLU D 24 -36.00 15.91 42.69
CA GLU D 24 -35.79 16.13 44.11
C GLU D 24 -34.30 16.34 44.39
N PRO D 25 -33.86 17.55 44.71
CA PRO D 25 -32.46 17.76 45.06
C PRO D 25 -32.17 17.35 46.48
N GLY D 26 -30.91 17.48 46.86
CA GLY D 26 -30.47 17.17 48.21
C GLY D 26 -29.79 15.82 48.37
N ASP D 27 -29.71 15.02 47.31
CA ASP D 27 -29.02 13.73 47.39
C ASP D 27 -27.67 13.82 46.70
N PRO D 28 -26.57 13.77 47.44
CA PRO D 28 -25.24 13.79 46.81
C PRO D 28 -24.91 12.53 46.01
N LEU D 29 -25.84 11.58 45.91
CA LEU D 29 -25.64 10.33 45.19
C LEU D 29 -26.42 10.34 43.87
N GLU D 30 -26.95 11.50 43.51
CA GLU D 30 -27.75 11.63 42.30
C GLU D 30 -26.90 11.82 41.04
N ALA D 31 -25.62 12.15 41.19
CA ALA D 31 -24.74 12.38 40.04
C ALA D 31 -23.95 11.14 39.64
N VAL D 32 -24.14 10.02 40.32
CA VAL D 32 -23.41 8.78 40.02
C VAL D 32 -24.14 8.10 38.86
N ALA D 33 -23.69 8.37 37.65
CA ALA D 33 -24.26 7.73 36.48
C ALA D 33 -23.99 6.24 36.50
N PHE D 34 -25.04 5.44 36.31
CA PHE D 34 -24.92 4.00 36.32
C PHE D 34 -25.91 3.39 35.33
N GLU D 35 -25.58 2.20 34.85
CA GLU D 35 -26.47 1.41 34.01
C GLU D 35 -26.55 0.01 34.58
N GLU D 36 -27.69 -0.64 34.38
CA GLU D 36 -27.95 -1.95 34.95
C GLU D 36 -27.83 -3.02 33.87
N LYS D 37 -27.10 -4.08 34.18
CA LYS D 37 -26.84 -5.19 33.25
C LYS D 37 -27.08 -6.51 33.97
N GLU D 38 -27.99 -7.32 33.43
CA GLU D 38 -28.27 -8.67 33.92
C GLU D 38 -28.66 -8.69 35.40
N GLY D 39 -29.43 -7.71 35.84
CA GLY D 39 -29.86 -7.64 37.22
C GLY D 39 -28.93 -6.88 38.14
N LYS D 40 -27.69 -6.64 37.72
CA LYS D 40 -26.74 -5.82 38.46
C LYS D 40 -26.45 -4.57 37.64
N ALA D 41 -25.74 -3.63 38.23
CA ALA D 41 -25.48 -2.33 37.63
C ALA D 41 -23.97 -2.13 37.53
N MET D 42 -23.50 -1.78 36.33
CA MET D 42 -22.10 -1.49 36.08
C MET D 42 -21.92 0.02 35.94
N LEU D 43 -20.93 0.56 36.63
CA LEU D 43 -20.75 2.01 36.74
C LEU D 43 -19.31 2.29 37.15
N ASN D 44 -19.05 3.55 37.50
CA ASN D 44 -17.70 4.02 37.73
C ASN D 44 -17.75 5.26 38.63
N LEU D 45 -16.68 5.45 39.40
CA LEU D 45 -16.55 6.58 40.31
C LEU D 45 -15.11 7.10 40.27
N LEU D 46 -14.95 8.43 40.32
CA LEU D 46 -13.65 9.07 40.37
C LEU D 46 -13.54 9.89 41.64
N PHE D 47 -12.32 9.99 42.17
CA PHE D 47 -12.03 10.80 43.34
C PHE D 47 -10.80 11.65 43.04
N SER D 48 -10.82 12.90 43.50
CA SER D 48 -9.70 13.82 43.37
C SER D 48 -9.32 14.33 44.75
N PRO D 49 -8.70 13.52 45.61
CA PRO D 49 -8.28 14.01 46.91
C PRO D 49 -6.92 14.70 46.84
N ARG D 50 -6.78 15.83 47.51
CA ARG D 50 -5.56 16.62 47.44
C ARG D 50 -4.49 16.02 48.34
N ALA D 51 -3.30 16.63 48.35
CA ALA D 51 -2.16 16.23 49.17
C ALA D 51 -1.78 14.78 48.83
N THR D 52 -1.08 14.10 49.74
CA THR D 52 -0.69 12.70 49.55
C THR D 52 -1.04 11.79 50.73
N LYS D 53 -1.05 12.29 51.96
CA LYS D 53 -1.44 11.51 53.12
C LYS D 53 -2.90 11.08 53.06
N PRO D 54 -3.85 11.97 52.70
CA PRO D 54 -5.24 11.47 52.58
C PRO D 54 -5.43 10.56 51.38
N SER D 55 -5.04 9.30 51.56
CA SER D 55 -5.14 8.26 50.55
C SER D 55 -6.09 7.16 51.03
N ALA D 56 -7.26 7.59 51.50
CA ALA D 56 -8.26 6.67 52.07
C ALA D 56 -9.11 6.00 51.00
N LEU D 57 -8.58 5.93 49.76
CA LEU D 57 -9.25 5.19 48.70
C LEU D 57 -9.45 3.74 49.07
N SER D 58 -8.63 3.20 49.97
CA SER D 58 -8.86 1.85 50.49
C SER D 58 -10.28 1.71 51.01
N ARG D 59 -10.75 2.68 51.79
CA ARG D 59 -12.12 2.65 52.26
C ARG D 59 -13.11 2.55 51.10
N ALA D 60 -12.89 3.33 50.03
CA ALA D 60 -13.73 3.20 48.85
C ALA D 60 -13.65 1.79 48.28
N VAL D 61 -12.44 1.23 48.18
CA VAL D 61 -12.34 -0.15 47.72
C VAL D 61 -12.72 -1.12 48.82
N LYS D 62 -12.73 -0.67 50.07
CA LYS D 62 -13.40 -1.45 51.10
C LYS D 62 -14.91 -1.41 50.92
N VAL D 63 -15.41 -0.35 50.29
CA VAL D 63 -16.84 -0.28 49.96
C VAL D 63 -17.16 -1.26 48.84
N PHE D 64 -16.32 -1.30 47.81
CA PHE D 64 -16.65 -2.05 46.61
C PHE D 64 -16.81 -3.53 46.90
N GLU D 65 -15.94 -4.09 47.75
CA GLU D 65 -16.03 -5.50 48.08
C GLU D 65 -17.04 -5.78 49.18
N THR D 66 -17.67 -4.75 49.74
CA THR D 66 -18.57 -4.97 50.88
C THR D 66 -19.82 -5.72 50.47
N PHE D 67 -20.11 -5.79 49.17
CA PHE D 67 -21.27 -6.52 48.66
C PHE D 67 -20.90 -7.55 47.60
N GLU D 68 -19.65 -8.01 47.58
CA GLU D 68 -19.20 -9.01 46.61
C GLU D 68 -19.49 -8.58 45.17
N ALA D 69 -19.23 -7.31 44.88
CA ALA D 69 -19.50 -6.77 43.56
C ALA D 69 -18.56 -7.40 42.53
N LYS D 70 -18.91 -7.23 41.26
CA LYS D 70 -18.11 -7.73 40.14
C LYS D 70 -17.32 -6.55 39.59
N ILE D 71 -16.01 -6.56 39.81
CA ILE D 71 -15.14 -5.46 39.43
C ILE D 71 -14.64 -5.71 38.02
N HIS D 72 -14.94 -4.77 37.11
CA HIS D 72 -14.43 -4.89 35.75
C HIS D 72 -12.99 -4.44 35.67
N HIS D 73 -12.68 -3.24 36.16
CA HIS D 73 -11.32 -2.75 36.16
C HIS D 73 -11.10 -1.67 37.21
N LEU D 74 -10.28 -1.94 38.20
CA LEU D 74 -9.87 -0.93 39.15
C LEU D 74 -8.48 -0.43 38.82
N GLU D 75 -8.30 0.88 38.84
CA GLU D 75 -6.99 1.47 38.56
C GLU D 75 -6.78 2.66 39.47
N THR D 76 -5.52 2.97 39.74
CA THR D 76 -5.15 4.12 40.54
C THR D 76 -3.83 4.69 40.03
N ARG D 77 -3.81 5.99 39.77
CA ARG D 77 -2.63 6.65 39.26
C ARG D 77 -2.64 8.13 39.64
N PRO D 78 -1.94 8.51 40.70
CA PRO D 78 -1.89 9.93 41.07
C PRO D 78 -1.36 10.79 39.94
N ALA D 79 -1.95 11.97 39.79
CA ALA D 79 -1.60 12.85 38.69
C ALA D 79 -0.30 13.59 38.99
N GLN D 80 0.05 14.52 38.11
CA GLN D 80 1.26 15.35 38.20
C GLN D 80 2.51 14.51 37.99
N ARG D 81 2.35 13.18 37.84
CA ARG D 81 3.49 12.36 37.45
C ARG D 81 3.73 12.37 35.95
N PRO D 82 2.75 12.03 35.07
CA PRO D 82 3.03 12.11 33.63
C PRO D 82 3.03 13.55 33.12
N ARG D 83 2.05 14.35 33.55
CA ARG D 83 1.95 15.74 33.15
C ARG D 83 1.63 16.57 34.38
N ALA D 84 2.32 17.70 34.52
CA ALA D 84 2.21 18.53 35.71
C ALA D 84 1.57 19.87 35.36
N GLY D 85 0.62 20.28 36.19
CA GLY D 85 -0.02 21.57 36.06
C GLY D 85 -1.28 21.62 35.21
N GLY D 86 -1.61 20.54 34.51
CA GLY D 86 -2.81 20.52 33.69
C GLY D 86 -3.86 19.51 34.11
N PRO D 87 -3.42 18.31 34.56
CA PRO D 87 -4.39 17.37 35.12
C PRO D 87 -4.61 17.56 36.61
N HIS D 88 -5.47 16.73 37.20
CA HIS D 88 -5.69 16.75 38.63
C HIS D 88 -5.81 15.31 39.13
N LEU D 89 -5.86 15.16 40.45
CA LEU D 89 -5.88 13.84 41.07
C LEU D 89 -7.05 13.00 40.57
N GLU D 90 -6.78 11.75 40.23
CA GLU D 90 -7.82 10.85 39.72
C GLU D 90 -7.38 9.42 39.93
N TYR D 91 -8.36 8.52 39.91
CA TYR D 91 -8.11 7.09 39.92
C TYR D 91 -9.36 6.42 39.40
N PHE D 92 -9.20 5.48 38.47
CA PHE D 92 -10.31 4.96 37.69
C PHE D 92 -10.84 3.66 38.30
N VAL D 93 -12.16 3.59 38.46
CA VAL D 93 -12.85 2.37 38.84
C VAL D 93 -13.90 2.08 37.79
N ARG D 94 -14.17 0.79 37.57
CA ARG D 94 -15.34 0.36 36.81
C ARG D 94 -15.77 -0.98 37.39
N LEU D 95 -16.98 -1.02 37.94
CA LEU D 95 -17.40 -2.15 38.74
C LEU D 95 -18.88 -2.40 38.56
N GLU D 96 -19.29 -3.63 38.82
CA GLU D 96 -20.68 -4.07 38.73
C GLU D 96 -21.14 -4.57 40.08
N VAL D 97 -22.19 -3.96 40.62
CA VAL D 97 -22.72 -4.29 41.93
C VAL D 97 -24.20 -4.62 41.80
N ARG D 98 -24.70 -5.42 42.75
CA ARG D 98 -26.14 -5.69 42.81
C ARG D 98 -26.90 -4.37 42.88
N ARG D 99 -27.92 -4.25 42.03
CA ARG D 99 -28.61 -2.96 41.88
C ARG D 99 -29.21 -2.49 43.19
N GLY D 100 -29.60 -3.41 44.07
CA GLY D 100 -30.04 -3.03 45.40
C GLY D 100 -28.86 -2.73 46.30
N ASP D 101 -27.83 -3.57 46.22
CA ASP D 101 -26.61 -3.35 46.99
C ASP D 101 -25.79 -2.18 46.46
N LEU D 102 -26.03 -1.78 45.21
CA LEU D 102 -25.26 -0.69 44.61
C LEU D 102 -25.42 0.60 45.39
N ALA D 103 -26.67 1.02 45.61
CA ALA D 103 -26.91 2.23 46.38
C ALA D 103 -26.47 2.06 47.83
N ALA D 104 -26.64 0.86 48.38
CA ALA D 104 -26.27 0.61 49.77
C ALA D 104 -24.78 0.84 49.99
N LEU D 105 -23.93 0.33 49.09
CA LEU D 105 -22.51 0.56 49.25
C LEU D 105 -22.08 1.91 48.71
N LEU D 106 -22.84 2.51 47.79
CA LEU D 106 -22.55 3.87 47.37
C LEU D 106 -22.75 4.83 48.53
N SER D 107 -23.68 4.51 49.44
CA SER D 107 -23.80 5.29 50.66
C SER D 107 -22.51 5.27 51.47
N GLY D 108 -21.89 4.10 51.60
CA GLY D 108 -20.61 4.02 52.28
C GLY D 108 -19.49 4.70 51.51
N VAL D 109 -19.53 4.62 50.18
CA VAL D 109 -18.49 5.26 49.37
C VAL D 109 -18.62 6.77 49.43
N ARG D 110 -19.81 7.28 49.78
CA ARG D 110 -19.97 8.70 50.03
C ARG D 110 -19.13 9.16 51.21
N GLN D 111 -18.81 8.24 52.13
CA GLN D 111 -17.91 8.54 53.23
C GLN D 111 -16.47 8.73 52.78
N VAL D 112 -16.16 8.39 51.52
CA VAL D 112 -14.81 8.54 51.00
C VAL D 112 -14.67 9.75 50.09
N SER D 113 -15.63 10.00 49.20
CA SER D 113 -15.53 11.09 48.24
C SER D 113 -16.86 11.83 48.17
N GLU D 114 -16.78 13.15 48.03
CA GLU D 114 -17.98 13.97 47.97
C GLU D 114 -17.98 14.93 46.78
N ASP D 115 -16.82 15.47 46.43
CA ASP D 115 -16.74 16.59 45.49
C ASP D 115 -16.29 16.17 44.10
N VAL D 116 -16.47 14.91 43.71
CA VAL D 116 -16.01 14.45 42.40
C VAL D 116 -17.16 13.71 41.71
N ARG D 117 -16.87 13.17 40.52
CA ARG D 117 -17.87 12.58 39.65
C ARG D 117 -17.39 11.20 39.21
N SER D 118 -18.12 10.62 38.26
CA SER D 118 -17.67 9.39 37.62
C SER D 118 -16.56 9.71 36.61
N PRO D 119 -15.61 8.79 36.40
CA PRO D 119 -14.52 9.08 35.46
C PRO D 119 -14.92 8.97 33.99
N ALA D 120 -15.96 8.22 33.68
CA ALA D 120 -16.39 8.08 32.29
C ALA D 120 -17.25 9.26 31.87
N GLY D 121 -16.71 10.08 30.96
CA GLY D 121 -17.43 11.21 30.45
C GLY D 121 -18.44 10.81 29.40
N PRO D 122 -18.63 11.65 28.38
CA PRO D 122 -19.53 11.28 27.29
C PRO D 122 -19.04 10.04 26.56
N LYS D 123 -19.86 9.00 26.54
CA LYS D 123 -19.44 7.74 25.94
C LYS D 123 -19.39 7.86 24.43
N VAL D 124 -20.55 8.08 23.81
CA VAL D 124 -20.65 8.36 22.38
C VAL D 124 -22.10 8.71 22.05
N PRO D 125 -22.34 9.61 21.10
CA PRO D 125 -23.68 9.68 20.52
C PRO D 125 -23.88 8.53 19.56
N TRP D 126 -24.98 7.79 19.75
CA TRP D 126 -25.19 6.58 18.98
C TRP D 126 -25.30 6.90 17.50
N PHE D 127 -24.76 5.98 16.68
CA PHE D 127 -24.82 6.12 15.23
C PHE D 127 -25.07 4.76 14.64
N PRO D 128 -25.70 4.69 13.46
CA PRO D 128 -25.94 3.38 12.82
C PRO D 128 -24.64 2.79 12.31
N ARG D 129 -24.72 1.52 11.96
CA ARG D 129 -23.58 0.79 11.40
C ARG D 129 -23.83 0.33 9.97
N LYS D 130 -25.08 0.09 9.59
CA LYS D 130 -25.44 -0.31 8.24
C LYS D 130 -26.62 0.53 7.78
N VAL D 131 -26.95 0.39 6.49
CA VAL D 131 -28.03 1.16 5.90
C VAL D 131 -29.37 0.79 6.50
N SER D 132 -29.57 -0.48 6.84
CA SER D 132 -30.85 -0.97 7.32
C SER D 132 -31.31 -0.26 8.58
N GLU D 133 -30.45 -0.24 9.61
CA GLU D 133 -30.81 0.45 10.83
C GLU D 133 -30.91 1.96 10.61
N LEU D 134 -30.09 2.52 9.72
CA LEU D 134 -30.21 3.93 9.38
C LEU D 134 -31.62 4.30 8.98
N ASP D 135 -32.29 3.44 8.21
CA ASP D 135 -33.68 3.67 7.88
C ASP D 135 -34.59 3.34 9.06
N LYS D 136 -34.42 2.16 9.64
CA LYS D 136 -35.40 1.64 10.59
C LYS D 136 -35.49 2.49 11.86
N CYS D 137 -34.35 2.76 12.50
CA CYS D 137 -34.37 3.50 13.76
C CYS D 137 -34.73 4.97 13.53
N HIS D 138 -34.20 5.57 12.48
CA HIS D 138 -34.40 6.98 12.23
C HIS D 138 -35.76 7.29 11.60
N HIS D 139 -36.50 6.27 11.17
CA HIS D 139 -37.92 6.45 10.94
C HIS D 139 -38.74 6.22 12.20
N LEU D 140 -38.31 5.29 13.06
CA LEU D 140 -38.97 5.08 14.34
C LEU D 140 -38.73 6.25 15.30
N VAL D 141 -37.54 6.85 15.25
CA VAL D 141 -37.28 8.00 16.12
C VAL D 141 -37.95 9.25 15.58
N THR D 142 -38.32 9.25 14.30
CA THR D 142 -38.97 10.39 13.65
C THR D 142 -40.43 10.09 13.30
N LYS D 143 -41.13 9.39 14.18
CA LYS D 143 -42.52 9.01 13.93
C LYS D 143 -43.47 10.04 14.51
N PHE D 144 -44.62 10.19 13.86
CA PHE D 144 -45.71 11.05 14.32
C PHE D 144 -45.22 12.49 14.54
N ASP D 145 -44.77 13.10 13.46
CA ASP D 145 -44.28 14.47 13.52
C ASP D 145 -44.63 15.21 12.23
N PRO D 146 -45.79 15.83 12.16
CA PRO D 146 -46.19 16.58 10.97
C PRO D 146 -45.58 17.98 10.94
N ASP D 147 -45.43 18.49 9.72
CA ASP D 147 -44.94 19.83 9.52
C ASP D 147 -46.10 20.82 9.43
N LEU D 148 -45.98 21.93 10.15
CA LEU D 148 -47.04 22.94 10.20
C LEU D 148 -46.82 24.03 9.15
N ASP D 149 -45.69 24.74 9.24
CA ASP D 149 -45.27 25.79 8.31
C ASP D 149 -46.40 26.72 7.88
N LEU D 150 -47.35 26.98 8.78
CA LEU D 150 -48.47 27.85 8.45
C LEU D 150 -48.03 29.30 8.35
N ASP D 151 -47.22 29.75 9.31
CA ASP D 151 -46.69 31.11 9.27
C ASP D 151 -45.76 31.34 8.09
N HIS D 152 -45.23 30.27 7.50
CA HIS D 152 -44.36 30.40 6.34
C HIS D 152 -45.18 30.92 5.15
N PRO D 153 -44.52 31.53 4.17
CA PRO D 153 -45.25 32.09 3.03
C PRO D 153 -46.08 31.04 2.32
N GLY D 154 -47.30 31.41 1.93
CA GLY D 154 -48.22 30.44 1.38
C GLY D 154 -48.61 29.41 2.43
N PHE D 155 -48.79 28.17 1.96
CA PHE D 155 -49.05 27.02 2.81
C PHE D 155 -50.37 27.13 3.56
N SER D 156 -51.20 28.10 3.16
CA SER D 156 -52.56 28.20 3.68
C SER D 156 -53.57 27.41 2.86
N ASP D 157 -53.17 26.93 1.68
CA ASP D 157 -54.06 26.13 0.85
C ASP D 157 -54.18 24.73 1.41
N GLN D 158 -55.41 24.23 1.51
CA GLN D 158 -55.62 22.88 2.01
C GLN D 158 -55.01 21.84 1.09
N VAL D 159 -54.99 22.12 -0.22
CA VAL D 159 -54.42 21.18 -1.17
C VAL D 159 -52.94 20.98 -0.90
N TYR D 160 -52.24 22.05 -0.51
CA TYR D 160 -50.85 21.92 -0.13
C TYR D 160 -50.71 21.01 1.08
N ARG D 161 -51.61 21.16 2.05
CA ARG D 161 -51.59 20.29 3.23
C ARG D 161 -51.80 18.83 2.85
N GLN D 162 -52.74 18.58 1.93
CA GLN D 162 -52.98 17.21 1.48
C GLN D 162 -51.77 16.64 0.77
N ARG D 163 -51.12 17.45 -0.06
CA ARG D 163 -49.90 17.00 -0.73
C ARG D 163 -48.80 16.68 0.28
N ARG D 164 -48.67 17.52 1.31
CA ARG D 164 -47.70 17.24 2.36
C ARG D 164 -48.03 15.94 3.08
N LYS D 165 -49.32 15.70 3.33
CA LYS D 165 -49.73 14.44 3.95
C LYS D 165 -49.33 13.26 3.08
N LEU D 166 -49.58 13.36 1.77
CA LEU D 166 -49.22 12.28 0.86
C LEU D 166 -47.72 12.02 0.87
N ILE D 167 -46.93 13.09 0.79
CA ILE D 167 -45.48 12.93 0.76
C ILE D 167 -44.98 12.33 2.06
N ALA D 168 -45.53 12.79 3.19
CA ALA D 168 -45.13 12.26 4.49
C ALA D 168 -45.48 10.78 4.60
N GLU D 169 -46.66 10.39 4.11
CA GLU D 169 -47.03 8.98 4.15
C GLU D 169 -46.09 8.15 3.30
N ILE D 170 -45.76 8.64 2.10
CA ILE D 170 -44.89 7.89 1.21
C ILE D 170 -43.51 7.71 1.84
N ALA D 171 -42.94 8.81 2.31
CA ALA D 171 -41.57 8.76 2.84
C ALA D 171 -41.50 7.97 4.14
N PHE D 172 -42.39 8.28 5.09
CA PHE D 172 -42.31 7.68 6.41
C PHE D 172 -42.60 6.19 6.38
N GLN D 173 -43.42 5.74 5.43
CA GLN D 173 -43.74 4.33 5.29
C GLN D 173 -42.81 3.62 4.31
N TYR D 174 -41.77 4.31 3.83
CA TYR D 174 -40.82 3.72 2.90
C TYR D 174 -39.69 3.03 3.65
N ARG D 175 -39.38 1.81 3.24
CA ARG D 175 -38.33 1.02 3.86
C ARG D 175 -37.14 0.90 2.91
N HIS D 176 -35.99 0.57 3.48
CA HIS D 176 -34.78 0.44 2.69
C HIS D 176 -34.86 -0.74 1.74
N GLY D 177 -34.31 -0.57 0.55
CA GLY D 177 -34.29 -1.62 -0.45
C GLY D 177 -35.52 -1.59 -1.34
N ASP D 178 -36.59 -0.98 -0.85
CA ASP D 178 -37.81 -0.88 -1.62
C ASP D 178 -37.64 0.12 -2.76
N PRO D 179 -38.34 -0.04 -3.87
CA PRO D 179 -38.31 0.97 -4.93
C PRO D 179 -39.07 2.22 -4.51
N ILE D 180 -38.76 3.32 -5.19
CA ILE D 180 -39.41 4.60 -4.90
C ILE D 180 -40.86 4.55 -5.38
N PRO D 181 -41.83 4.76 -4.49
CA PRO D 181 -43.23 4.83 -4.95
C PRO D 181 -43.45 6.07 -5.80
N ARG D 182 -43.87 5.86 -7.05
CA ARG D 182 -44.08 6.98 -7.95
C ARG D 182 -45.22 7.87 -7.46
N VAL D 183 -45.02 9.17 -7.57
CA VAL D 183 -45.97 10.16 -7.10
C VAL D 183 -46.42 11.01 -8.28
N GLU D 184 -47.74 11.17 -8.42
CA GLU D 184 -48.30 11.94 -9.51
C GLU D 184 -48.03 13.43 -9.29
N TYR D 185 -48.27 14.22 -10.34
CA TYR D 185 -48.06 15.66 -10.28
C TYR D 185 -49.12 16.34 -11.13
N THR D 186 -49.97 17.14 -10.51
CA THR D 186 -51.01 17.85 -11.22
C THR D 186 -50.40 19.00 -12.04
N ALA D 187 -51.28 19.77 -12.68
CA ALA D 187 -50.84 20.80 -13.62
C ALA D 187 -50.06 21.92 -12.94
N GLU D 188 -50.43 22.27 -11.71
CA GLU D 188 -49.81 23.41 -11.06
C GLU D 188 -48.33 23.15 -10.77
N GLU D 189 -48.02 22.00 -10.14
CA GLU D 189 -46.65 21.72 -9.79
C GLU D 189 -45.78 21.52 -11.03
N ILE D 190 -46.32 20.86 -12.06
CA ILE D 190 -45.54 20.68 -13.28
C ILE D 190 -45.33 22.01 -13.99
N ALA D 191 -46.31 22.92 -13.92
CA ALA D 191 -46.13 24.24 -14.52
C ALA D 191 -45.04 25.02 -13.79
N THR D 192 -45.06 24.99 -12.46
CA THR D 192 -44.02 25.64 -11.69
C THR D 192 -42.66 25.02 -11.96
N TRP D 193 -42.61 23.70 -12.08
CA TRP D 193 -41.38 23.01 -12.43
C TRP D 193 -40.88 23.45 -13.80
N LYS D 194 -41.79 23.58 -14.76
CA LYS D 194 -41.40 24.06 -16.09
C LYS D 194 -40.83 25.46 -16.02
N GLU D 195 -41.48 26.33 -15.25
CA GLU D 195 -41.01 27.71 -15.14
C GLU D 195 -39.61 27.76 -14.54
N VAL D 196 -39.41 27.08 -13.41
CA VAL D 196 -38.12 27.12 -12.74
C VAL D 196 -37.05 26.42 -13.59
N TYR D 197 -37.43 25.34 -14.27
CA TYR D 197 -36.50 24.64 -15.15
C TYR D 197 -36.03 25.54 -16.27
N THR D 198 -36.95 26.24 -16.92
CA THR D 198 -36.58 27.15 -18.00
C THR D 198 -35.68 28.27 -17.47
N THR D 199 -36.09 28.90 -16.37
CA THR D 199 -35.33 30.03 -15.86
C THR D 199 -33.93 29.63 -15.43
N LEU D 200 -33.78 28.46 -14.80
CA LEU D 200 -32.48 28.02 -14.34
C LEU D 200 -31.63 27.46 -15.47
N LYS D 201 -32.23 26.77 -16.44
CA LYS D 201 -31.46 26.24 -17.55
C LYS D 201 -30.95 27.34 -18.46
N GLY D 202 -31.75 28.38 -18.67
CA GLY D 202 -31.31 29.49 -19.49
C GLY D 202 -30.11 30.23 -18.92
N LEU D 203 -29.86 30.09 -17.62
CA LEU D 203 -28.72 30.73 -16.99
C LEU D 203 -27.63 29.75 -16.58
N TYR D 204 -27.91 28.45 -16.60
CA TYR D 204 -26.91 27.47 -16.18
C TYR D 204 -25.72 27.44 -17.11
N ALA D 205 -25.89 27.90 -18.35
CA ALA D 205 -24.76 28.07 -19.23
C ALA D 205 -23.76 29.09 -18.69
N THR D 206 -24.20 29.95 -17.78
CA THR D 206 -23.36 30.97 -17.16
C THR D 206 -23.24 30.72 -15.67
N HIS D 207 -22.11 31.13 -15.10
CA HIS D 207 -21.91 31.20 -13.65
C HIS D 207 -21.88 29.81 -13.01
N ALA D 208 -22.13 28.77 -13.80
CA ALA D 208 -22.26 27.43 -13.24
C ALA D 208 -21.01 26.60 -13.55
N CYS D 209 -20.78 25.60 -12.71
CA CYS D 209 -19.65 24.70 -12.89
C CYS D 209 -19.88 23.79 -14.08
N GLY D 210 -18.81 23.53 -14.82
CA GLY D 210 -18.92 22.67 -15.99
C GLY D 210 -19.38 21.27 -15.65
N GLU D 211 -18.96 20.76 -14.49
CA GLU D 211 -19.43 19.46 -14.04
C GLU D 211 -20.95 19.46 -13.87
N HIS D 212 -21.48 20.54 -13.27
CA HIS D 212 -22.92 20.66 -13.14
C HIS D 212 -23.60 20.66 -14.51
N LEU D 213 -23.04 21.39 -15.46
CA LEU D 213 -23.64 21.48 -16.79
C LEU D 213 -23.67 20.11 -17.47
N GLU D 214 -22.54 19.41 -17.46
CA GLU D 214 -22.48 18.11 -18.12
C GLU D 214 -23.37 17.09 -17.42
N ALA D 215 -23.42 17.13 -16.09
CA ALA D 215 -24.29 16.23 -15.34
C ALA D 215 -25.74 16.48 -15.70
N PHE D 216 -26.13 17.76 -15.77
CA PHE D 216 -27.49 18.12 -16.13
C PHE D 216 -27.82 17.65 -17.55
N ALA D 217 -26.87 17.81 -18.47
CA ALA D 217 -27.09 17.37 -19.84
C ALA D 217 -27.31 15.86 -19.89
N LEU D 218 -26.45 15.11 -19.21
CA LEU D 218 -26.60 13.66 -19.18
C LEU D 218 -27.91 13.24 -18.54
N LEU D 219 -28.32 13.91 -17.45
CA LEU D 219 -29.56 13.57 -16.79
C LEU D 219 -30.77 13.85 -17.67
N GLU D 220 -30.82 15.04 -18.27
CA GLU D 220 -31.94 15.36 -19.16
C GLU D 220 -31.95 14.46 -20.37
N ARG D 221 -30.79 13.95 -20.78
CA ARG D 221 -30.77 12.97 -21.86
C ARG D 221 -31.36 11.63 -21.41
N PHE D 222 -30.94 11.15 -20.24
CA PHE D 222 -31.37 9.84 -19.77
C PHE D 222 -32.56 9.93 -18.81
N SER D 223 -32.39 10.62 -17.68
CA SER D 223 -33.44 10.65 -16.68
C SER D 223 -34.66 11.41 -17.17
N GLY D 224 -34.45 12.41 -18.02
CA GLY D 224 -35.56 13.15 -18.59
C GLY D 224 -35.84 14.46 -17.88
N TYR D 225 -34.79 15.23 -17.59
CA TYR D 225 -34.97 16.54 -16.99
C TYR D 225 -35.48 17.52 -18.04
N ARG D 226 -36.79 17.65 -18.15
CA ARG D 226 -37.39 18.54 -19.12
C ARG D 226 -38.52 19.32 -18.46
N GLU D 227 -38.79 20.51 -19.00
CA GLU D 227 -39.82 21.35 -18.44
C GLU D 227 -41.20 20.69 -18.50
N ASP D 228 -41.44 19.84 -19.50
CA ASP D 228 -42.75 19.22 -19.67
C ASP D 228 -43.02 18.19 -18.59
N ASN D 229 -42.03 17.37 -18.26
CA ASN D 229 -42.20 16.26 -17.32
C ASN D 229 -41.23 16.43 -16.16
N ILE D 230 -41.77 16.52 -14.95
CA ILE D 230 -40.95 16.58 -13.73
C ILE D 230 -40.43 15.17 -13.45
N PRO D 231 -39.12 14.99 -13.33
CA PRO D 231 -38.56 13.64 -13.11
C PRO D 231 -38.93 13.07 -11.75
N GLN D 232 -39.02 11.74 -11.72
CA GLN D 232 -39.29 11.02 -10.47
C GLN D 232 -37.97 10.74 -9.75
N LEU D 233 -38.03 9.91 -8.71
CA LEU D 233 -36.87 9.64 -7.88
C LEU D 233 -36.21 8.30 -8.16
N GLU D 234 -36.98 7.29 -8.54
CA GLU D 234 -36.41 5.96 -8.76
C GLU D 234 -35.41 5.98 -9.91
N ASP D 235 -35.76 6.66 -11.00
CA ASP D 235 -34.89 6.70 -12.17
C ASP D 235 -33.57 7.38 -11.85
N VAL D 236 -33.62 8.55 -11.22
CA VAL D 236 -32.40 9.28 -10.90
C VAL D 236 -31.59 8.52 -9.86
N SER D 237 -32.26 7.85 -8.92
CA SER D 237 -31.56 7.02 -7.96
C SER D 237 -30.80 5.89 -8.65
N ARG D 238 -31.45 5.22 -9.60
CA ARG D 238 -30.79 4.17 -10.36
C ARG D 238 -29.60 4.72 -11.13
N PHE D 239 -29.77 5.88 -11.75
CA PHE D 239 -28.68 6.48 -12.53
C PHE D 239 -27.49 6.80 -11.64
N LEU D 240 -27.74 7.43 -10.50
CA LEU D 240 -26.67 7.81 -9.60
C LEU D 240 -25.96 6.59 -9.03
N LYS D 241 -26.72 5.57 -8.65
CA LYS D 241 -26.14 4.35 -8.14
C LYS D 241 -25.28 3.69 -9.21
N GLU D 242 -25.77 3.68 -10.45
CA GLU D 242 -25.04 3.06 -11.54
C GLU D 242 -23.73 3.79 -11.82
N ARG D 243 -23.75 5.12 -11.83
CA ARG D 243 -22.57 5.89 -12.19
C ARG D 243 -21.79 6.37 -10.98
N THR D 244 -22.42 7.13 -10.10
CA THR D 244 -21.72 7.71 -8.96
C THR D 244 -21.81 6.85 -7.70
N GLY D 245 -22.55 5.75 -7.75
CA GLY D 245 -22.71 4.89 -6.59
C GLY D 245 -23.42 5.59 -5.45
N PHE D 246 -24.48 6.34 -5.78
CA PHE D 246 -25.24 7.10 -4.81
C PHE D 246 -26.72 6.81 -4.99
N GLN D 247 -27.47 6.94 -3.89
CA GLN D 247 -28.90 6.72 -3.91
C GLN D 247 -29.59 7.70 -2.97
N LEU D 248 -30.90 7.83 -3.13
CA LEU D 248 -31.69 8.78 -2.38
C LEU D 248 -32.62 8.05 -1.41
N ARG D 249 -33.22 8.83 -0.53
CA ARG D 249 -34.20 8.31 0.42
C ARG D 249 -35.24 9.37 0.74
N PRO D 250 -36.51 9.12 0.44
CA PRO D 250 -37.55 10.09 0.79
C PRO D 250 -37.65 10.28 2.29
N VAL D 251 -37.90 11.53 2.68
CA VAL D 251 -37.98 11.88 4.10
C VAL D 251 -38.77 13.17 4.22
N ALA D 252 -39.39 13.38 5.38
CA ALA D 252 -40.11 14.60 5.67
C ALA D 252 -39.97 14.95 7.15
N GLY D 253 -40.67 15.99 7.59
CA GLY D 253 -40.62 16.39 8.98
C GLY D 253 -39.34 17.14 9.32
N LEU D 254 -39.14 17.30 10.64
CA LEU D 254 -37.99 18.02 11.16
C LEU D 254 -36.81 17.07 11.25
N LEU D 255 -35.98 17.05 10.21
CA LEU D 255 -34.77 16.24 10.22
C LEU D 255 -33.74 16.86 11.14
N SER D 256 -33.10 16.03 11.96
CA SER D 256 -32.02 16.50 12.81
C SER D 256 -30.78 16.75 11.95
N ALA D 257 -29.72 17.26 12.60
CA ALA D 257 -28.44 17.35 11.91
C ALA D 257 -27.75 15.99 11.85
N ARG D 258 -27.88 15.20 12.92
CA ARG D 258 -27.14 13.95 13.06
C ARG D 258 -27.54 12.92 12.00
N ASP D 259 -28.84 12.69 11.85
CA ASP D 259 -29.32 11.69 10.91
C ASP D 259 -28.96 12.07 9.49
N PHE D 260 -29.05 13.35 9.15
CA PHE D 260 -28.67 13.80 7.82
C PHE D 260 -27.20 13.52 7.55
N LEU D 261 -26.34 13.80 8.53
CA LEU D 261 -24.92 13.55 8.34
C LEU D 261 -24.63 12.05 8.25
N ALA D 262 -25.35 11.25 9.02
CA ALA D 262 -25.18 9.79 8.92
C ALA D 262 -25.57 9.30 7.53
N SER D 263 -26.69 9.79 7.00
CA SER D 263 -27.09 9.47 5.64
C SER D 263 -25.99 9.85 4.66
N LEU D 264 -25.47 11.07 4.80
CA LEU D 264 -24.36 11.52 3.96
C LEU D 264 -23.19 10.55 4.05
N ALA D 265 -22.92 10.04 5.25
CA ALA D 265 -21.85 9.08 5.42
C ALA D 265 -22.12 7.80 4.64
N PHE D 266 -23.37 7.33 4.67
CA PHE D 266 -23.72 6.08 3.99
C PHE D 266 -23.91 6.25 2.50
N ARG D 267 -23.44 7.36 1.92
CA ARG D 267 -23.58 7.61 0.48
C ARG D 267 -25.03 7.60 0.04
N VAL D 268 -25.92 8.01 0.93
CA VAL D 268 -27.34 8.13 0.63
C VAL D 268 -27.77 9.55 0.99
N PHE D 269 -28.65 10.11 0.18
CA PHE D 269 -29.08 11.50 0.38
C PHE D 269 -30.56 11.54 0.68
N GLN D 270 -30.92 12.17 1.80
CA GLN D 270 -32.32 12.34 2.13
C GLN D 270 -32.95 13.40 1.22
N CYS D 271 -34.23 13.22 0.94
CA CYS D 271 -34.90 14.07 -0.05
C CYS D 271 -36.37 14.16 0.29
N THR D 272 -37.00 15.20 -0.25
CA THR D 272 -38.43 15.42 -0.12
C THR D 272 -39.07 15.41 -1.51
N GLN D 273 -40.25 14.82 -1.59
CA GLN D 273 -40.92 14.65 -2.88
C GLN D 273 -41.68 15.89 -3.31
N TYR D 274 -42.30 16.62 -2.38
CA TYR D 274 -43.05 17.80 -2.76
C TYR D 274 -42.12 18.95 -3.10
N ILE D 275 -42.69 19.98 -3.72
CA ILE D 275 -41.94 21.13 -4.17
C ILE D 275 -42.40 22.38 -3.43
N ARG D 276 -41.82 23.53 -3.79
CA ARG D 276 -42.16 24.78 -3.15
C ARG D 276 -43.58 25.20 -3.49
N HIS D 277 -44.00 26.31 -2.88
CA HIS D 277 -45.34 26.84 -3.10
C HIS D 277 -45.40 27.61 -4.42
N ALA D 278 -46.52 27.44 -5.13
CA ALA D 278 -46.67 28.13 -6.41
C ALA D 278 -46.72 29.64 -6.24
N SER D 279 -47.19 30.12 -5.09
CA SER D 279 -47.20 31.56 -4.83
C SER D 279 -45.78 32.11 -4.78
N SER D 280 -44.81 31.29 -4.40
CA SER D 280 -43.40 31.69 -4.31
C SER D 280 -42.56 30.73 -5.12
N PRO D 281 -42.58 30.85 -6.45
CA PRO D 281 -41.71 30.00 -7.28
C PRO D 281 -40.27 30.48 -7.34
N MET D 282 -40.03 31.78 -7.12
CA MET D 282 -38.67 32.30 -7.23
C MET D 282 -37.78 31.76 -6.12
N HIS D 283 -38.32 31.62 -4.92
CA HIS D 283 -37.57 31.11 -3.78
C HIS D 283 -38.48 30.26 -2.91
N SER D 284 -37.88 29.38 -2.12
CA SER D 284 -38.66 28.56 -1.21
C SER D 284 -38.25 28.83 0.24
N PRO D 285 -39.22 28.95 1.14
CA PRO D 285 -38.86 29.05 2.56
C PRO D 285 -38.12 27.83 3.08
N GLU D 286 -38.38 26.66 2.51
CA GLU D 286 -37.74 25.42 2.91
C GLU D 286 -37.30 24.69 1.65
N PRO D 287 -36.12 24.07 1.65
CA PRO D 287 -35.67 23.32 0.48
C PRO D 287 -36.64 22.21 0.11
N ASP D 288 -36.87 22.05 -1.19
CA ASP D 288 -37.89 21.15 -1.71
C ASP D 288 -37.29 20.21 -2.75
N CYS D 289 -38.16 19.51 -3.47
CA CYS D 289 -37.71 18.52 -4.44
C CYS D 289 -36.88 19.16 -5.55
N CYS D 290 -37.34 20.31 -6.06
CA CYS D 290 -36.59 20.97 -7.12
C CYS D 290 -35.24 21.45 -6.62
N HIS D 291 -35.16 21.85 -5.36
CA HIS D 291 -33.90 22.30 -4.78
C HIS D 291 -32.82 21.23 -4.91
N GLU D 292 -33.15 20.01 -4.49
CA GLU D 292 -32.18 18.92 -4.58
C GLU D 292 -31.98 18.47 -6.02
N LEU D 293 -33.08 18.41 -6.79
CA LEU D 293 -32.98 17.94 -8.17
C LEU D 293 -32.08 18.83 -9.02
N LEU D 294 -32.03 20.13 -8.70
CA LEU D 294 -31.22 21.06 -9.46
C LEU D 294 -29.98 21.54 -8.71
N GLY D 295 -30.03 21.56 -7.38
CA GLY D 295 -28.89 22.03 -6.61
C GLY D 295 -27.99 20.91 -6.11
N HIS D 296 -28.60 19.86 -5.57
CA HIS D 296 -27.81 18.77 -5.01
C HIS D 296 -27.51 17.71 -6.05
N VAL D 297 -28.55 17.16 -6.68
CA VAL D 297 -28.44 16.00 -7.57
C VAL D 297 -27.40 16.20 -8.67
N PRO D 298 -27.42 17.29 -9.43
CA PRO D 298 -26.50 17.37 -10.58
C PRO D 298 -25.04 17.33 -10.17
N MET D 299 -24.60 18.25 -9.32
CA MET D 299 -23.22 18.24 -8.87
C MET D 299 -22.87 16.99 -8.08
N LEU D 300 -23.86 16.32 -7.51
CA LEU D 300 -23.63 15.06 -6.82
C LEU D 300 -23.21 13.95 -7.76
N ALA D 301 -23.42 14.11 -9.07
CA ALA D 301 -23.01 13.11 -10.03
C ALA D 301 -21.50 13.02 -10.20
N ASP D 302 -20.75 13.96 -9.65
CA ASP D 302 -19.29 13.93 -9.75
C ASP D 302 -18.75 12.89 -8.78
N ARG D 303 -17.87 12.02 -9.29
CA ARG D 303 -17.26 11.00 -8.45
C ARG D 303 -16.43 11.64 -7.33
N THR D 304 -15.61 12.62 -7.68
CA THR D 304 -14.76 13.26 -6.68
C THR D 304 -15.59 14.03 -5.67
N PHE D 305 -16.59 14.77 -6.13
CA PHE D 305 -17.45 15.51 -5.22
C PHE D 305 -18.23 14.57 -4.30
N ALA D 306 -18.74 13.47 -4.86
CA ALA D 306 -19.44 12.50 -4.04
C ALA D 306 -18.51 11.89 -3.00
N GLN D 307 -17.27 11.61 -3.38
CA GLN D 307 -16.29 11.09 -2.43
C GLN D 307 -16.01 12.11 -1.33
N PHE D 308 -15.90 13.37 -1.70
CA PHE D 308 -15.65 14.43 -0.73
C PHE D 308 -16.80 14.54 0.28
N SER D 309 -18.03 14.50 -0.23
CA SER D 309 -19.21 14.54 0.63
C SER D 309 -19.23 13.32 1.55
N GLN D 310 -18.87 12.17 0.99
CA GLN D 310 -18.83 10.94 1.78
C GLN D 310 -17.78 11.03 2.89
N ASP D 311 -16.64 11.65 2.59
CA ASP D 311 -15.63 11.85 3.62
C ASP D 311 -16.16 12.78 4.71
N ILE D 312 -16.89 13.82 4.32
CA ILE D 312 -17.51 14.69 5.31
C ILE D 312 -18.43 13.88 6.23
N GLY D 313 -19.29 13.08 5.62
CA GLY D 313 -20.20 12.24 6.38
C GLY D 313 -19.48 11.28 7.31
N LEU D 314 -18.39 10.69 6.81
CA LEU D 314 -17.58 9.80 7.62
C LEU D 314 -17.03 10.52 8.83
N ALA D 315 -16.47 11.72 8.62
CA ALA D 315 -15.97 12.50 9.74
C ALA D 315 -17.09 12.85 10.72
N SER D 316 -18.32 12.95 10.21
CA SER D 316 -19.43 13.35 11.07
C SER D 316 -19.79 12.27 12.10
N LEU D 317 -19.39 11.02 11.86
CA LEU D 317 -19.80 9.91 12.71
C LEU D 317 -19.36 10.11 14.15
N GLY D 318 -20.29 9.91 15.08
CA GLY D 318 -20.00 9.90 16.51
C GLY D 318 -19.50 11.22 17.06
N ALA D 319 -19.47 12.24 16.22
CA ALA D 319 -18.98 13.54 16.65
C ALA D 319 -19.96 14.18 17.62
N SER D 320 -19.42 14.95 18.57
CA SER D 320 -20.26 15.63 19.53
C SER D 320 -21.04 16.76 18.85
N ASP D 321 -22.06 17.24 19.55
CA ASP D 321 -22.99 18.20 18.96
C ASP D 321 -22.28 19.43 18.42
N GLU D 322 -21.26 19.90 19.14
CA GLU D 322 -20.47 21.03 18.63
C GLU D 322 -19.83 20.69 17.30
N GLU D 323 -19.21 19.51 17.20
CA GLU D 323 -18.62 19.09 15.94
C GLU D 323 -19.70 18.90 14.88
N ILE D 324 -20.90 18.49 15.29
CA ILE D 324 -22.00 18.36 14.34
C ILE D 324 -22.32 19.73 13.74
N GLU D 325 -22.35 20.76 14.59
CA GLU D 325 -22.58 22.11 14.11
C GLU D 325 -21.48 22.55 13.17
N LYS D 326 -20.23 22.23 13.51
CA LYS D 326 -19.11 22.59 12.66
C LYS D 326 -19.23 21.94 11.28
N LEU D 327 -19.57 20.66 11.27
CA LEU D 327 -19.73 19.94 10.00
C LEU D 327 -20.89 20.50 9.20
N SER D 328 -21.98 20.86 9.88
CA SER D 328 -23.12 21.47 9.20
C SER D 328 -22.72 22.79 8.55
N THR D 329 -21.97 23.62 9.28
CA THR D 329 -21.51 24.88 8.71
C THR D 329 -20.60 24.65 7.51
N LEU D 330 -19.71 23.66 7.61
CA LEU D 330 -18.84 23.35 6.48
C LEU D 330 -19.66 22.90 5.28
N TYR D 331 -20.68 22.08 5.51
CA TYR D 331 -21.57 21.66 4.44
C TYR D 331 -22.26 22.85 3.79
N TRP D 332 -22.74 23.78 4.63
CA TRP D 332 -23.41 24.97 4.11
C TRP D 332 -22.48 25.80 3.24
N PHE D 333 -21.26 26.02 3.70
CA PHE D 333 -20.32 26.86 2.96
C PHE D 333 -19.56 26.12 1.89
N THR D 334 -19.78 24.81 1.75
CA THR D 334 -19.15 24.03 0.69
C THR D 334 -20.18 23.43 -0.25
N VAL D 335 -21.16 22.70 0.27
CA VAL D 335 -22.12 22.01 -0.60
C VAL D 335 -23.25 22.94 -1.00
N GLU D 336 -23.90 23.57 -0.02
CA GLU D 336 -25.01 24.46 -0.33
C GLU D 336 -24.53 25.70 -1.06
N PHE D 337 -23.38 26.23 -0.69
CA PHE D 337 -22.84 27.45 -1.31
C PHE D 337 -21.33 27.26 -1.48
N GLY D 338 -20.95 26.72 -2.64
CA GLY D 338 -19.55 26.48 -2.93
C GLY D 338 -19.12 27.06 -4.26
N LEU D 339 -17.91 27.61 -4.29
CA LEU D 339 -17.36 28.23 -5.49
C LEU D 339 -16.11 27.48 -5.93
N CYS D 340 -15.93 27.40 -7.24
CA CYS D 340 -14.79 26.70 -7.83
C CYS D 340 -14.05 27.64 -8.76
N LYS D 341 -12.75 27.43 -8.85
CA LYS D 341 -11.89 28.21 -9.75
C LYS D 341 -11.34 27.26 -10.81
N GLN D 342 -12.00 27.24 -11.97
CA GLN D 342 -11.59 26.38 -13.06
C GLN D 342 -11.62 27.17 -14.36
N ASN D 343 -10.76 26.77 -15.30
CA ASN D 343 -10.65 27.42 -16.60
C ASN D 343 -10.32 28.91 -16.48
N GLY D 344 -9.70 29.29 -15.36
CA GLY D 344 -9.35 30.68 -15.13
C GLY D 344 -10.40 31.47 -14.39
N GLU D 345 -11.67 31.30 -14.76
CA GLU D 345 -12.74 32.05 -14.12
C GLU D 345 -13.31 31.28 -12.94
N VAL D 346 -14.18 31.93 -12.19
CA VAL D 346 -14.84 31.33 -11.04
C VAL D 346 -16.26 30.95 -11.41
N LYS D 347 -16.65 29.73 -11.06
CA LYS D 347 -18.00 29.24 -11.27
C LYS D 347 -18.58 28.78 -9.95
N ALA D 348 -19.89 28.51 -9.96
CA ALA D 348 -20.62 28.14 -8.76
C ALA D 348 -21.10 26.70 -8.86
N TYR D 349 -20.91 25.94 -7.78
CA TYR D 349 -21.45 24.60 -7.67
C TYR D 349 -22.30 24.41 -6.42
N GLY D 350 -22.47 25.45 -5.60
CA GLY D 350 -23.25 25.31 -4.38
C GLY D 350 -24.70 24.95 -4.67
N ALA D 351 -25.24 24.06 -3.82
CA ALA D 351 -26.62 23.64 -3.98
C ALA D 351 -27.58 24.82 -3.84
N GLY D 352 -27.44 25.59 -2.77
CA GLY D 352 -28.24 26.80 -2.64
C GLY D 352 -27.98 27.79 -3.75
N LEU D 353 -26.72 27.89 -4.19
CA LEU D 353 -26.40 28.71 -5.34
C LEU D 353 -27.13 28.22 -6.58
N LEU D 354 -27.15 26.90 -6.77
CA LEU D 354 -27.78 26.29 -7.94
C LEU D 354 -29.27 26.05 -7.76
N SER D 355 -29.89 26.64 -6.73
CA SER D 355 -31.31 26.46 -6.49
C SER D 355 -32.10 27.76 -6.46
N SER D 356 -31.44 28.92 -6.40
CA SER D 356 -32.12 30.20 -6.36
C SER D 356 -31.61 31.07 -7.50
N TYR D 357 -32.54 31.53 -8.35
CA TYR D 357 -32.17 32.39 -9.48
C TYR D 357 -31.59 33.71 -8.99
N GLY D 358 -32.24 34.33 -8.01
CA GLY D 358 -31.71 35.56 -7.45
C GLY D 358 -30.37 35.35 -6.78
N GLU D 359 -30.22 34.25 -6.04
CA GLU D 359 -28.93 33.95 -5.44
C GLU D 359 -27.91 33.59 -6.51
N LEU D 360 -28.35 32.98 -7.60
CA LEU D 360 -27.45 32.71 -8.72
C LEU D 360 -26.90 34.02 -9.29
N LEU D 361 -27.75 35.02 -9.46
CA LEU D 361 -27.30 36.32 -9.91
C LEU D 361 -26.37 36.97 -8.89
N HIS D 362 -26.73 36.89 -7.61
CA HIS D 362 -25.99 37.59 -6.57
C HIS D 362 -24.62 36.99 -6.32
N CYS D 363 -24.49 35.66 -6.45
CA CYS D 363 -23.28 34.98 -6.06
C CYS D 363 -22.07 35.42 -6.87
N LEU D 364 -22.21 35.50 -8.19
CA LEU D 364 -21.11 35.90 -9.06
C LEU D 364 -21.02 37.41 -9.21
N SER D 365 -21.92 38.17 -8.60
CA SER D 365 -21.84 39.62 -8.60
C SER D 365 -20.71 40.06 -7.67
N GLU D 366 -20.30 41.32 -7.81
CA GLU D 366 -19.18 41.86 -7.06
C GLU D 366 -19.59 42.40 -5.69
N GLU D 367 -20.89 42.54 -5.42
CA GLU D 367 -21.31 43.01 -4.09
C GLU D 367 -20.92 42.06 -2.97
N PRO D 368 -21.19 40.75 -3.05
CA PRO D 368 -20.83 39.88 -1.93
C PRO D 368 -19.33 39.69 -1.81
N GLU D 369 -18.89 39.45 -0.57
CA GLU D 369 -17.49 39.16 -0.30
C GLU D 369 -17.17 37.73 -0.71
N ILE D 370 -16.03 37.54 -1.38
CA ILE D 370 -15.57 36.24 -1.81
C ILE D 370 -14.15 36.03 -1.31
N ARG D 371 -13.87 34.83 -0.83
CA ARG D 371 -12.55 34.51 -0.29
C ARG D 371 -12.24 33.05 -0.59
N ALA D 372 -10.96 32.70 -0.46
CA ALA D 372 -10.55 31.31 -0.64
C ALA D 372 -11.10 30.45 0.49
N PHE D 373 -11.43 29.20 0.17
CA PHE D 373 -12.00 28.32 1.17
C PHE D 373 -10.98 27.96 2.23
N ASP D 374 -11.42 27.97 3.48
CA ASP D 374 -10.64 27.50 4.61
C ASP D 374 -11.56 26.66 5.48
N PRO D 375 -11.15 25.46 5.88
CA PRO D 375 -12.02 24.60 6.69
C PRO D 375 -12.43 25.25 8.00
N GLU D 376 -11.44 25.68 8.78
CA GLU D 376 -11.73 26.30 10.07
C GLU D 376 -12.55 27.58 9.90
N ALA D 377 -12.15 28.41 8.92
CA ALA D 377 -12.86 29.67 8.71
C ALA D 377 -14.30 29.44 8.31
N ALA D 378 -14.54 28.47 7.42
CA ALA D 378 -15.91 28.13 7.07
C ALA D 378 -16.66 27.48 8.22
N ALA D 379 -15.94 26.87 9.16
CA ALA D 379 -16.57 26.23 10.31
C ALA D 379 -16.89 27.19 11.44
N VAL D 380 -16.44 28.44 11.36
CA VAL D 380 -16.66 29.41 12.42
C VAL D 380 -17.57 30.53 11.92
N GLN D 381 -17.42 30.89 10.64
CA GLN D 381 -18.12 32.04 10.10
C GLN D 381 -19.63 31.80 10.14
N PRO D 382 -20.42 32.77 10.60
CA PRO D 382 -21.88 32.54 10.73
C PRO D 382 -22.62 32.68 9.42
N TYR D 383 -23.96 32.63 9.49
CA TYR D 383 -24.81 32.65 8.30
C TYR D 383 -25.86 33.74 8.39
N GLN D 384 -26.77 33.76 7.42
CA GLN D 384 -27.97 34.58 7.50
C GLN D 384 -29.12 33.82 6.87
N ASP D 385 -30.34 34.21 7.23
CA ASP D 385 -31.54 33.53 6.79
C ASP D 385 -32.45 34.49 6.06
N GLN D 386 -33.15 33.97 5.04
CA GLN D 386 -34.09 34.70 4.21
C GLN D 386 -33.44 35.85 3.46
N THR D 387 -32.11 35.93 3.46
CA THR D 387 -31.37 37.00 2.80
C THR D 387 -30.21 36.39 2.04
N TYR D 388 -29.76 37.12 1.02
CA TYR D 388 -28.65 36.65 0.21
C TYR D 388 -27.38 36.59 1.03
N GLN D 389 -26.58 35.55 0.79
CA GLN D 389 -25.30 35.39 1.45
C GLN D 389 -24.30 36.40 0.89
N SER D 390 -23.56 37.03 1.79
CA SER D 390 -22.56 38.02 1.39
C SER D 390 -21.14 37.48 1.43
N VAL D 391 -20.90 36.41 2.18
CA VAL D 391 -19.57 35.82 2.32
C VAL D 391 -19.57 34.47 1.63
N TYR D 392 -18.57 34.25 0.77
CA TYR D 392 -18.48 32.99 0.04
C TYR D 392 -17.04 32.48 0.08
N PHE D 393 -16.91 31.16 0.00
CA PHE D 393 -15.62 30.49 -0.07
C PHE D 393 -15.48 29.77 -1.41
N VAL D 394 -14.27 29.81 -1.97
CA VAL D 394 -14.00 29.22 -3.26
C VAL D 394 -12.94 28.14 -3.12
N SER D 395 -13.14 27.02 -3.81
CA SER D 395 -12.17 25.93 -3.86
C SER D 395 -11.87 25.63 -5.31
N GLU D 396 -10.64 25.90 -5.74
CA GLU D 396 -10.29 25.74 -7.14
C GLU D 396 -10.41 24.28 -7.58
N SER D 397 -10.08 23.34 -6.70
CA SER D 397 -10.14 21.92 -7.02
C SER D 397 -10.80 21.18 -5.87
N PHE D 398 -11.74 20.29 -6.20
CA PHE D 398 -12.42 19.51 -5.17
C PHE D 398 -11.46 18.60 -4.43
N SER D 399 -10.35 18.23 -5.07
CA SER D 399 -9.34 17.44 -4.37
C SER D 399 -8.71 18.23 -3.24
N ASP D 400 -8.48 19.53 -3.44
CA ASP D 400 -7.95 20.37 -2.38
C ASP D 400 -8.90 20.41 -1.19
N ALA D 401 -10.20 20.60 -1.47
CA ALA D 401 -11.19 20.57 -0.40
C ALA D 401 -11.20 19.21 0.29
N LYS D 402 -11.05 18.14 -0.49
CA LYS D 402 -11.08 16.80 0.08
C LYS D 402 -9.92 16.59 1.05
N ASP D 403 -8.71 16.99 0.65
CA ASP D 403 -7.58 16.80 1.54
C ASP D 403 -7.63 17.73 2.75
N LYS D 404 -8.15 18.95 2.56
CA LYS D 404 -8.35 19.83 3.71
C LYS D 404 -9.33 19.22 4.69
N LEU D 405 -10.40 18.61 4.19
CA LEU D 405 -11.34 17.92 5.06
C LEU D 405 -10.69 16.72 5.74
N ARG D 406 -9.81 16.02 5.02
CA ARG D 406 -9.06 14.93 5.63
C ARG D 406 -8.25 15.44 6.81
N SER D 407 -7.55 16.56 6.62
CA SER D 407 -6.77 17.14 7.71
C SER D 407 -7.66 17.57 8.87
N TYR D 408 -8.80 18.18 8.56
CA TYR D 408 -9.72 18.65 9.60
C TYR D 408 -10.25 17.48 10.41
N ALA D 409 -10.62 16.39 9.74
CA ALA D 409 -11.05 15.19 10.45
C ALA D 409 -9.90 14.62 11.27
N SER D 410 -8.68 14.66 10.75
CA SER D 410 -7.53 14.15 11.49
C SER D 410 -7.35 14.91 12.79
N ARG D 411 -7.42 16.24 12.74
CA ARG D 411 -7.29 17.03 13.96
C ARG D 411 -8.55 16.97 14.82
N ILE D 412 -9.68 16.51 14.28
CA ILE D 412 -10.88 16.33 15.09
C ILE D 412 -10.69 15.08 15.95
N GLN D 413 -10.76 15.26 17.26
CA GLN D 413 -10.58 14.13 18.18
C GLN D 413 -11.83 13.26 18.19
N ARG D 414 -11.61 11.94 18.15
CA ARG D 414 -12.65 10.96 18.35
C ARG D 414 -12.05 9.78 19.09
N PRO D 415 -12.84 9.07 19.91
CA PRO D 415 -12.29 7.92 20.63
C PRO D 415 -12.16 6.69 19.75
N PHE D 416 -12.32 6.88 18.45
CA PHE D 416 -12.34 5.80 17.47
C PHE D 416 -12.20 6.42 16.09
N SER D 417 -12.37 5.61 15.05
CA SER D 417 -12.40 6.10 13.68
C SER D 417 -13.46 5.30 12.92
N VAL D 418 -13.65 5.64 11.66
CA VAL D 418 -14.73 5.06 10.87
C VAL D 418 -14.18 4.67 9.51
N LYS D 419 -14.59 3.50 9.04
CA LYS D 419 -14.29 3.05 7.69
C LYS D 419 -15.58 2.64 7.00
N PHE D 420 -15.64 2.85 5.70
CA PHE D 420 -16.80 2.50 4.89
C PHE D 420 -16.49 1.28 4.04
N ASP D 421 -17.48 0.39 3.95
CA ASP D 421 -17.36 -0.82 3.14
C ASP D 421 -18.39 -0.78 2.03
N PRO D 422 -18.00 -0.47 0.79
CA PRO D 422 -18.97 -0.48 -0.31
C PRO D 422 -19.40 -1.86 -0.74
N TYR D 423 -18.68 -2.91 -0.35
CA TYR D 423 -19.10 -4.27 -0.68
C TYR D 423 -20.44 -4.55 -0.02
N THR D 424 -20.48 -4.46 1.31
CA THR D 424 -21.73 -4.58 2.05
C THR D 424 -22.33 -3.23 2.42
N LEU D 425 -21.71 -2.13 2.00
CA LEU D 425 -22.20 -0.78 2.25
C LEU D 425 -22.44 -0.57 3.74
N ALA D 426 -21.46 -0.96 4.53
CA ALA D 426 -21.59 -0.93 5.98
C ALA D 426 -20.50 -0.05 6.58
N ILE D 427 -20.54 0.10 7.90
CA ILE D 427 -19.58 0.91 8.64
C ILE D 427 -18.95 0.04 9.71
N ASP D 428 -17.62 -0.03 9.72
CA ASP D 428 -16.88 -0.77 10.72
C ASP D 428 -16.13 0.22 11.60
N VAL D 429 -16.39 0.16 12.91
CA VAL D 429 -15.70 1.04 13.84
C VAL D 429 -14.22 0.70 13.85
N LEU D 430 -13.40 1.69 14.22
CA LEU D 430 -11.94 1.54 14.24
C LEU D 430 -11.49 1.96 15.63
N ASP D 431 -11.51 1.00 16.56
CA ASP D 431 -11.07 1.23 17.93
C ASP D 431 -10.09 0.18 18.42
N SER D 432 -9.84 -0.88 17.66
CA SER D 432 -8.88 -1.91 17.99
C SER D 432 -8.03 -2.17 16.76
N PRO D 433 -6.76 -2.50 16.93
CA PRO D 433 -5.89 -2.77 15.77
C PRO D 433 -6.38 -3.93 14.91
N GLN D 434 -7.14 -4.87 15.49
CA GLN D 434 -7.53 -6.06 14.73
C GLN D 434 -8.39 -5.69 13.54
N ALA D 435 -9.32 -4.75 13.71
CA ALA D 435 -10.11 -4.29 12.57
C ALA D 435 -9.22 -3.60 11.54
N VAL D 436 -8.21 -2.88 12.00
CA VAL D 436 -7.26 -2.25 11.08
C VAL D 436 -6.56 -3.31 10.24
N ARG D 437 -6.12 -4.39 10.89
CA ARG D 437 -5.49 -5.49 10.17
C ARG D 437 -6.46 -6.13 9.18
N ARG D 438 -7.72 -6.28 9.60
CA ARG D 438 -8.73 -6.87 8.73
C ARG D 438 -8.91 -6.04 7.47
N SER D 439 -8.98 -4.72 7.62
CA SER D 439 -9.08 -3.82 6.48
C SER D 439 -7.82 -3.89 5.62
N LEU D 440 -6.65 -3.87 6.27
CA LEU D 440 -5.39 -3.91 5.57
C LEU D 440 -5.21 -5.18 4.76
N GLU D 441 -5.81 -6.28 5.20
CA GLU D 441 -5.73 -7.53 4.44
C GLU D 441 -6.42 -7.36 3.09
N GLY D 442 -7.62 -6.79 3.08
CA GLY D 442 -8.28 -6.50 1.81
C GLY D 442 -7.52 -5.51 0.98
N VAL D 443 -6.90 -4.52 1.63
CA VAL D 443 -6.07 -3.55 0.91
C VAL D 443 -4.92 -4.27 0.20
N GLN D 444 -4.26 -5.17 0.92
CA GLN D 444 -3.16 -5.94 0.34
C GLN D 444 -3.63 -6.85 -0.77
N ASP D 445 -4.82 -7.44 -0.63
CA ASP D 445 -5.36 -8.26 -1.70
C ASP D 445 -5.61 -7.44 -2.96
N GLU D 446 -6.15 -6.24 -2.79
CA GLU D 446 -6.35 -5.36 -3.94
C GLU D 446 -5.01 -4.96 -4.55
N LEU D 447 -4.01 -4.74 -3.71
CA LEU D 447 -2.67 -4.43 -4.21
C LEU D 447 -2.10 -5.59 -5.01
N ASP D 448 -2.29 -6.82 -4.53
CA ASP D 448 -1.84 -7.99 -5.26
C ASP D 448 -2.56 -8.11 -6.60
N THR D 449 -3.86 -7.84 -6.61
CA THR D 449 -4.61 -7.85 -7.87
C THR D 449 -4.06 -6.81 -8.83
N LEU D 450 -3.75 -5.62 -8.32
CA LEU D 450 -3.18 -4.57 -9.15
C LEU D 450 -1.82 -4.99 -9.70
N ALA D 451 -1.01 -5.65 -8.87
CA ALA D 451 0.29 -6.12 -9.32
C ALA D 451 0.14 -7.16 -10.42
N HIS D 452 -0.83 -8.06 -10.26
CA HIS D 452 -1.11 -9.05 -11.30
C HIS D 452 -1.53 -8.37 -12.59
N ALA D 453 -2.38 -7.36 -12.48
CA ALA D 453 -2.80 -6.59 -13.65
C ALA D 453 -1.60 -5.95 -14.34
N LEU D 454 -0.73 -5.33 -13.54
CA LEU D 454 0.44 -4.66 -14.09
C LEU D 454 1.37 -5.66 -14.78
N SER D 455 1.53 -6.84 -14.19
CA SER D 455 2.30 -7.89 -14.85
C SER D 455 1.65 -8.30 -16.16
N ALA D 456 0.32 -8.40 -16.19
CA ALA D 456 -0.38 -8.81 -17.39
C ALA D 456 -0.21 -7.78 -18.51
N ILE D 457 -0.40 -6.50 -18.19
CA ILE D 457 -0.25 -5.46 -19.19
C ILE D 457 1.20 -5.37 -19.61
N GLY D 458 1.42 -5.03 -20.88
CA GLY D 458 2.76 -4.91 -21.41
C GLY D 458 3.30 -6.24 -21.92
FE FE E . 28.37 -22.61 7.45
C7 LDP F . 29.26 -20.91 13.84
C1 LDP F . 28.91 -20.81 12.35
C4 LDP F . 28.27 -20.64 9.67
C2 LDP F . 28.92 -21.95 11.57
C6 LDP F . 28.58 -19.58 11.79
C5 LDP F . 28.27 -19.50 10.45
C3 LDP F . 28.60 -21.86 10.23
O1 LDP F . 28.61 -23.01 9.43
O2 LDP F . 27.95 -20.56 8.31
C8 LDP F . 28.05 -21.40 14.62
N1 LDP F . 26.99 -20.43 14.51
FE FE G . 26.01 26.36 0.61
C7 LDP H . 28.93 24.91 -5.21
C1 LDP H . 28.19 24.74 -3.89
C4 LDP H . 26.82 24.43 -1.50
C2 LDP H . 27.81 25.85 -3.16
C6 LDP H . 27.87 23.47 -3.42
C5 LDP H . 27.20 23.32 -2.23
C3 LDP H . 27.14 25.69 -1.97
O1 LDP H . 26.76 26.83 -1.22
O2 LDP H . 26.13 24.28 -0.29
C8 LDP H . 27.94 25.25 -6.32
N1 LDP H . 27.04 24.15 -6.51
FE FE I . -25.04 -26.33 -7.14
C7 LDP J . -26.15 -24.85 -13.54
C1 LDP J . -25.82 -24.68 -12.06
C4 LDP J . -25.21 -24.39 -9.38
C2 LDP J . -25.68 -25.80 -11.26
C6 LDP J . -25.66 -23.42 -11.51
C5 LDP J . -25.36 -23.28 -10.17
C3 LDP J . -25.38 -25.65 -9.92
O1 LDP J . -25.23 -26.79 -9.11
O2 LDP J . -24.91 -24.25 -8.02
C8 LDP J . -24.89 -25.18 -14.32
N1 LDP J . -23.97 -24.07 -14.23
FE FE K . -29.33 22.59 -0.92
C7 LDP L . -32.03 20.84 4.92
C1 LDP L . -31.28 20.75 3.59
C4 LDP L . -29.88 20.60 1.21
C2 LDP L . -31.05 21.90 2.85
C6 LDP L . -30.79 19.53 3.15
C5 LDP L . -30.10 19.46 1.95
C3 LDP L . -30.36 21.81 1.66
O1 LDP L . -30.14 22.98 0.90
O2 LDP L . -29.18 20.53 0.00
C8 LDP L . -31.11 21.32 6.02
N1 LDP L . -30.06 20.35 6.22
#